data_2VX2
#
_entry.id   2VX2
#
_cell.length_a   235.756
_cell.length_b   135.296
_cell.length_c   83.871
_cell.angle_alpha   90.00
_cell.angle_beta   98.84
_cell.angle_gamma   90.00
#
_symmetry.space_group_name_H-M   'C 1 2 1'
#
loop_
_entity.id
_entity.type
_entity.pdbx_description
1 polymer 'ENOYL-COA HYDRATASE DOMAIN-CONTAINING PROTEIN 3'
2 water water
#
_entity_poly.entity_id   1
_entity_poly.type   'polypeptide(L)'
_entity_poly.pdbx_seq_one_letter_code
;MHHHHHHSSGVDLGTENLYFQSMGAGRRESEPRPTSARQLDGIRNIVLSNPKKRNTLSLAMLKSLQSDILHDADSNDLKV
IIISAEGPVFSSGHDLKELTEEQGRDYHAEVFQTCSKVMMHIRNHPVPVIAMVNGLATAAGCQLVASCDIAVASDKSSFA
TPGVNVGLFCSTPGVALARAVPRKVALEMLFTGEPISAQEALLHGLLSKVVPEAELQEETMRIARKIASLSRPVVSLGKA
TFYKQLPQDLGTAYYLTSQAMVDNLALRDGQEGITAFLQKRKPVWSH
;
_entity_poly.pdbx_strand_id   A,B,C,D,E,F,G,H,I
#
# COMPACT_ATOMS: atom_id res chain seq x y z
N PRO A 32 -74.44 43.51 16.17
CA PRO A 32 -74.37 42.19 15.46
C PRO A 32 -72.89 41.66 15.39
N ARG A 33 -72.66 40.44 15.93
CA ARG A 33 -71.29 39.91 16.14
C ARG A 33 -71.11 38.53 15.52
N PRO A 34 -69.96 38.31 14.88
CA PRO A 34 -69.77 37.01 14.23
C PRO A 34 -69.52 35.83 15.22
N THR A 35 -69.15 36.13 16.49
CA THR A 35 -69.22 35.14 17.57
C THR A 35 -70.30 35.43 18.63
N SER A 36 -70.81 34.38 19.26
CA SER A 36 -71.65 34.50 20.47
C SER A 36 -71.00 33.75 21.62
N ALA A 37 -71.03 34.34 22.80
CA ALA A 37 -70.45 33.74 23.99
C ALA A 37 -71.48 33.76 25.09
N ARG A 38 -71.54 32.69 25.87
CA ARG A 38 -72.38 32.66 27.05
C ARG A 38 -71.60 31.87 28.10
N GLN A 39 -71.70 32.26 29.34
CA GLN A 39 -71.05 31.62 30.45
C GLN A 39 -72.04 31.20 31.54
N LEU A 40 -71.88 29.95 31.98
CA LEU A 40 -72.81 29.31 32.96
C LEU A 40 -72.04 28.19 33.73
N ASP A 41 -72.00 28.32 35.05
CA ASP A 41 -71.35 27.35 35.93
C ASP A 41 -69.85 27.23 35.65
N GLY A 42 -69.27 28.40 35.40
CA GLY A 42 -67.84 28.54 35.15
C GLY A 42 -67.36 28.27 33.73
N ILE A 43 -68.27 27.74 32.89
CA ILE A 43 -68.02 27.32 31.49
C ILE A 43 -68.50 28.38 30.52
N ARG A 44 -67.55 28.93 29.77
CA ARG A 44 -67.81 29.90 28.71
C ARG A 44 -67.79 29.14 27.39
N ASN A 45 -68.90 29.17 26.66
CA ASN A 45 -68.93 28.71 25.26
C ASN A 45 -68.86 29.92 24.36
N ILE A 46 -67.85 29.94 23.49
CA ILE A 46 -67.71 30.93 22.48
C ILE A 46 -67.97 30.22 21.17
N VAL A 47 -69.04 30.63 20.48
CA VAL A 47 -69.48 29.93 19.30
C VAL A 47 -69.23 30.81 18.07
N LEU A 48 -68.49 30.26 17.10
CA LEU A 48 -68.27 30.85 15.74
C LEU A 48 -69.62 30.80 15.00
N SER A 49 -70.21 31.99 14.76
CA SER A 49 -71.58 32.15 14.36
C SER A 49 -71.67 32.95 13.08
N ASN A 50 -70.99 32.51 12.05
CA ASN A 50 -71.19 33.06 10.72
C ASN A 50 -71.17 31.92 9.68
N PRO A 51 -72.09 30.94 9.81
CA PRO A 51 -72.04 29.73 8.98
C PRO A 51 -72.30 29.94 7.49
N LYS A 52 -72.88 31.10 7.12
CA LYS A 52 -73.20 31.40 5.74
C LYS A 52 -71.93 31.76 5.01
N LYS A 53 -70.92 32.10 5.79
CA LYS A 53 -69.60 32.39 5.30
C LYS A 53 -68.62 31.38 5.84
N ARG A 54 -69.12 30.17 6.16
CA ARG A 54 -68.37 29.05 6.76
C ARG A 54 -67.42 29.44 7.91
N ASN A 55 -67.88 30.37 8.73
CA ASN A 55 -67.12 30.77 9.88
C ASN A 55 -65.72 31.23 9.56
N THR A 56 -65.57 31.90 8.41
N THR A 56 -65.61 31.96 8.45
CA THR A 56 -64.24 32.29 7.97
CA THR A 56 -64.32 32.42 7.97
C THR A 56 -63.66 33.27 8.99
C THR A 56 -63.67 33.31 9.02
N LEU A 57 -62.35 33.19 9.16
CA LEU A 57 -61.63 33.92 10.11
C LEU A 57 -61.18 35.22 9.50
N SER A 58 -62.15 36.10 9.34
CA SER A 58 -61.92 37.43 8.83
C SER A 58 -61.39 38.21 9.97
N LEU A 59 -60.81 39.37 9.65
CA LEU A 59 -60.34 40.27 10.66
C LEU A 59 -61.43 40.50 11.74
N ALA A 60 -62.68 40.69 11.33
CA ALA A 60 -63.80 40.98 12.26
C ALA A 60 -64.17 39.79 13.17
N MET A 61 -64.22 38.57 12.60
CA MET A 61 -64.33 37.32 13.35
C MET A 61 -63.16 37.09 14.35
N LEU A 62 -61.93 37.30 13.91
CA LEU A 62 -60.80 37.23 14.81
C LEU A 62 -60.87 38.24 15.99
N LYS A 63 -61.37 39.45 15.77
CA LYS A 63 -61.44 40.44 16.85
C LYS A 63 -62.55 40.19 17.82
N SER A 64 -63.67 39.69 17.29
CA SER A 64 -64.82 39.29 18.10
C SER A 64 -64.37 38.12 18.98
N LEU A 65 -63.66 37.17 18.36
CA LEU A 65 -63.22 35.93 19.05
C LEU A 65 -62.25 36.28 20.17
N GLN A 66 -61.22 37.06 19.81
CA GLN A 66 -60.27 37.65 20.74
C GLN A 66 -60.93 38.32 21.90
N SER A 67 -62.08 38.94 21.67
CA SER A 67 -62.73 39.77 22.66
C SER A 67 -63.46 38.89 23.65
N ASP A 68 -64.15 37.88 23.11
CA ASP A 68 -64.86 36.93 23.93
C ASP A 68 -63.88 36.14 24.82
N ILE A 69 -62.69 35.81 24.32
CA ILE A 69 -61.69 35.09 25.09
C ILE A 69 -61.13 35.92 26.27
N LEU A 70 -60.79 37.17 25.99
CA LEU A 70 -60.16 38.08 26.94
C LEU A 70 -61.08 38.66 27.98
N HIS A 71 -62.37 38.61 27.70
CA HIS A 71 -63.33 39.31 28.51
C HIS A 71 -63.38 38.70 29.91
N ASP A 72 -63.16 39.49 30.97
CA ASP A 72 -63.21 38.98 32.36
C ASP A 72 -62.33 37.77 32.58
N ALA A 73 -61.20 37.71 31.91
CA ALA A 73 -60.39 36.53 31.89
C ALA A 73 -59.82 36.22 33.30
N ASP A 74 -59.74 37.23 34.20
CA ASP A 74 -59.17 37.01 35.53
C ASP A 74 -60.24 36.84 36.61
N SER A 75 -61.48 36.73 36.17
CA SER A 75 -62.57 36.56 37.06
C SER A 75 -62.53 35.15 37.57
N ASN A 76 -62.77 34.99 38.87
CA ASN A 76 -62.82 33.67 39.47
C ASN A 76 -64.02 32.85 39.08
N ASP A 77 -65.04 33.47 38.51
CA ASP A 77 -66.17 32.72 38.07
C ASP A 77 -65.89 31.97 36.75
N LEU A 78 -64.86 32.36 36.00
CA LEU A 78 -64.47 31.67 34.79
C LEU A 78 -63.56 30.52 35.11
N LYS A 79 -63.95 29.31 34.71
CA LYS A 79 -63.14 28.11 34.95
C LYS A 79 -62.62 27.39 33.71
N VAL A 80 -63.27 27.56 32.56
CA VAL A 80 -62.90 26.85 31.35
C VAL A 80 -63.61 27.49 30.16
N ILE A 81 -62.98 27.40 28.98
CA ILE A 81 -63.57 27.86 27.70
C ILE A 81 -63.73 26.71 26.69
N ILE A 82 -64.89 26.65 26.04
CA ILE A 82 -65.13 25.79 24.89
C ILE A 82 -65.30 26.67 23.65
N ILE A 83 -64.46 26.49 22.61
CA ILE A 83 -64.73 27.15 21.32
C ILE A 83 -65.33 26.12 20.38
N SER A 84 -66.60 26.36 19.96
CA SER A 84 -67.33 25.59 18.96
C SER A 84 -67.80 26.46 17.80
N ALA A 85 -68.61 25.87 16.90
CA ALA A 85 -69.10 26.61 15.74
C ALA A 85 -70.49 26.18 15.29
N GLU A 86 -71.26 27.11 14.70
CA GLU A 86 -72.59 26.89 14.12
C GLU A 86 -72.38 26.21 12.76
N GLY A 87 -73.11 25.14 12.51
CA GLY A 87 -73.15 24.59 11.16
C GLY A 87 -72.03 23.62 10.85
N PRO A 88 -71.97 23.12 9.61
CA PRO A 88 -71.21 21.89 9.25
C PRO A 88 -69.74 22.05 8.88
N VAL A 89 -69.31 23.29 8.81
CA VAL A 89 -67.93 23.73 8.68
C VAL A 89 -67.62 24.42 9.99
N PHE A 90 -66.47 24.11 10.58
CA PHE A 90 -66.06 24.63 11.82
C PHE A 90 -65.45 26.04 11.55
N SER A 91 -64.44 26.10 10.69
CA SER A 91 -64.05 27.32 10.01
C SER A 91 -63.30 26.90 8.77
N SER A 92 -63.37 27.74 7.75
CA SER A 92 -62.69 27.55 6.48
C SER A 92 -61.33 28.24 6.48
N GLY A 93 -61.06 28.99 7.52
CA GLY A 93 -59.82 29.78 7.63
C GLY A 93 -60.09 31.20 7.25
N HIS A 94 -59.05 31.89 6.88
CA HIS A 94 -59.13 33.27 6.54
C HIS A 94 -59.90 33.51 5.27
N ASP A 95 -60.49 34.70 5.22
CA ASP A 95 -61.16 35.22 4.03
C ASP A 95 -60.17 35.68 2.99
N LEU A 96 -60.19 35.05 1.83
CA LEU A 96 -59.21 35.39 0.83
C LEU A 96 -59.36 36.77 0.26
N LYS A 97 -60.55 37.38 0.33
CA LYS A 97 -60.76 38.75 -0.15
C LYS A 97 -59.92 39.78 0.59
N GLU A 98 -59.54 39.44 1.82
CA GLU A 98 -58.72 40.23 2.69
N LEU A 99 -56.94 39.43 1.62
CA LEU A 99 -55.68 38.91 1.14
C LEU A 99 -55.24 39.20 -0.33
N THR A 100 -56.08 39.92 -1.05
CA THR A 100 -55.84 40.31 -2.43
C THR A 100 -54.92 41.54 -2.37
N GLU A 101 -54.13 41.71 -3.42
CA GLU A 101 -53.04 42.69 -3.46
C GLU A 101 -53.46 44.07 -3.02
N GLU A 102 -54.64 44.48 -3.48
CA GLU A 102 -55.25 45.75 -3.27
C GLU A 102 -55.46 46.18 -1.78
N GLN A 103 -55.53 45.20 -0.88
CA GLN A 103 -55.71 45.48 0.52
C GLN A 103 -54.46 46.05 1.12
N GLY A 104 -53.33 45.77 0.48
CA GLY A 104 -52.05 46.21 0.96
C GLY A 104 -51.49 45.25 1.99
N ARG A 105 -50.19 45.25 2.10
CA ARG A 105 -49.45 44.38 2.99
C ARG A 105 -49.68 44.66 4.47
N ASP A 106 -49.90 45.90 4.84
CA ASP A 106 -50.27 46.26 6.21
C ASP A 106 -51.53 45.52 6.68
N TYR A 107 -52.55 45.53 5.82
CA TYR A 107 -53.81 44.83 6.10
C TYR A 107 -53.57 43.32 6.18
N HIS A 108 -52.82 42.79 5.22
CA HIS A 108 -52.46 41.40 5.25
C HIS A 108 -51.69 41.08 6.57
N ALA A 109 -50.74 41.90 6.95
CA ALA A 109 -50.01 41.64 8.16
C ALA A 109 -50.94 41.69 9.38
N GLU A 110 -51.98 42.51 9.32
CA GLU A 110 -52.94 42.64 10.39
C GLU A 110 -53.76 41.38 10.56
N VAL A 111 -54.15 40.72 9.49
CA VAL A 111 -54.99 39.52 9.61
C VAL A 111 -54.18 38.44 10.32
N PHE A 112 -52.98 38.19 9.86
CA PHE A 112 -52.11 37.16 10.38
C PHE A 112 -51.54 37.48 11.75
N GLN A 113 -51.06 38.70 12.00
CA GLN A 113 -50.74 39.10 13.39
C GLN A 113 -51.92 38.94 14.43
N THR A 114 -53.15 39.20 14.02
CA THR A 114 -54.31 39.08 14.91
C THR A 114 -54.66 37.66 15.17
N CYS A 115 -54.56 36.87 14.13
CA CYS A 115 -54.74 35.47 14.31
C CYS A 115 -53.68 34.85 15.28
N SER A 116 -52.40 35.27 15.15
CA SER A 116 -51.33 34.77 15.98
C SER A 116 -51.52 35.16 17.45
N LYS A 117 -51.85 36.43 17.73
CA LYS A 117 -52.29 36.90 19.04
C LYS A 117 -53.45 36.07 19.63
N VAL A 118 -54.45 35.70 18.84
CA VAL A 118 -55.53 34.87 19.32
C VAL A 118 -55.01 33.53 19.82
N MET A 119 -54.16 32.89 19.02
CA MET A 119 -53.54 31.66 19.34
C MET A 119 -52.74 31.74 20.63
N MET A 120 -51.97 32.82 20.78
CA MET A 120 -51.17 33.05 21.93
C MET A 120 -52.00 33.37 23.16
N HIS A 121 -53.17 33.96 22.97
CA HIS A 121 -54.03 34.28 24.08
C HIS A 121 -54.62 32.98 24.60
N ILE A 122 -54.93 32.05 23.72
CA ILE A 122 -55.46 30.72 24.12
C ILE A 122 -54.36 29.99 24.96
N ARG A 123 -53.14 29.98 24.47
CA ARG A 123 -52.02 29.34 25.15
CA ARG A 123 -52.04 29.33 25.16
C ARG A 123 -51.65 29.95 26.49
N ASN A 124 -51.67 31.28 26.56
CA ASN A 124 -51.36 32.00 27.74
C ASN A 124 -52.58 32.29 28.66
N HIS A 125 -53.72 31.74 28.35
CA HIS A 125 -54.93 31.99 29.09
C HIS A 125 -54.85 31.40 30.50
N PRO A 126 -55.58 32.00 31.48
CA PRO A 126 -55.51 31.46 32.79
C PRO A 126 -56.33 30.14 32.96
N VAL A 127 -57.27 29.87 32.07
CA VAL A 127 -58.10 28.71 32.13
C VAL A 127 -57.81 27.83 30.89
N PRO A 128 -58.00 26.53 30.99
CA PRO A 128 -58.02 25.71 29.82
C PRO A 128 -59.03 26.11 28.76
N VAL A 129 -58.65 25.90 27.48
CA VAL A 129 -59.55 26.15 26.32
C VAL A 129 -59.73 24.82 25.57
N ILE A 130 -60.97 24.37 25.37
CA ILE A 130 -61.29 23.16 24.64
C ILE A 130 -61.93 23.59 23.26
N ALA A 131 -61.45 22.94 22.18
CA ALA A 131 -62.08 23.02 20.85
C ALA A 131 -63.07 21.94 20.80
N MET A 132 -64.27 22.28 20.44
CA MET A 132 -65.37 21.26 20.26
C MET A 132 -65.78 21.32 18.77
N VAL A 133 -65.31 20.40 17.96
CA VAL A 133 -65.37 20.52 16.51
C VAL A 133 -66.33 19.51 15.90
N ASN A 134 -67.21 19.91 14.96
CA ASN A 134 -68.26 19.03 14.41
C ASN A 134 -68.40 19.26 12.88
N GLY A 135 -67.42 18.79 12.10
CA GLY A 135 -67.40 19.05 10.65
C GLY A 135 -65.98 19.43 10.27
N LEU A 136 -65.85 20.24 9.22
CA LEU A 136 -64.56 20.50 8.59
C LEU A 136 -63.95 21.64 9.20
N ALA A 137 -62.63 21.52 9.39
CA ALA A 137 -61.84 22.57 9.93
C ALA A 137 -60.60 22.68 9.00
N THR A 138 -60.41 23.84 8.34
CA THR A 138 -59.42 23.93 7.30
C THR A 138 -58.49 25.19 7.47
N ALA A 139 -57.22 25.02 7.13
CA ALA A 139 -56.22 26.20 7.18
C ALA A 139 -56.32 26.75 8.54
N ALA A 140 -56.67 28.04 8.67
CA ALA A 140 -56.58 28.78 9.97
C ALA A 140 -57.59 28.26 10.93
N GLY A 141 -58.66 27.62 10.40
CA GLY A 141 -59.54 26.85 11.17
C GLY A 141 -58.95 25.65 11.86
N CYS A 142 -58.10 24.91 11.15
CA CYS A 142 -57.35 23.84 11.72
C CYS A 142 -56.34 24.36 12.70
N GLN A 143 -55.65 25.45 12.35
CA GLN A 143 -54.82 26.11 13.31
C GLN A 143 -55.52 26.27 14.66
N LEU A 144 -56.73 26.80 14.63
CA LEU A 144 -57.43 27.16 15.84
C LEU A 144 -57.67 25.98 16.65
N VAL A 145 -58.15 24.90 16.00
CA VAL A 145 -58.36 23.70 16.74
C VAL A 145 -57.07 23.23 17.49
N ALA A 146 -56.03 23.08 16.73
CA ALA A 146 -54.77 22.55 17.20
C ALA A 146 -54.13 23.51 18.19
N SER A 147 -54.57 24.77 18.19
CA SER A 147 -54.21 25.71 19.26
C SER A 147 -54.87 25.49 20.63
N CYS A 148 -56.03 24.84 20.70
CA CYS A 148 -56.69 24.61 21.98
C CYS A 148 -55.88 23.62 22.84
N ASP A 149 -56.03 23.68 24.16
CA ASP A 149 -55.38 22.74 25.09
C ASP A 149 -55.93 21.30 24.90
N ILE A 150 -57.24 21.19 24.64
CA ILE A 150 -57.97 19.87 24.46
C ILE A 150 -58.84 20.05 23.29
N ALA A 151 -58.99 19.02 22.45
CA ALA A 151 -59.96 19.11 21.32
C ALA A 151 -60.75 17.86 21.25
N VAL A 152 -62.05 18.01 21.07
CA VAL A 152 -62.98 16.90 20.97
C VAL A 152 -63.72 17.13 19.63
N ALA A 153 -63.99 16.08 18.84
CA ALA A 153 -64.45 16.21 17.48
C ALA A 153 -65.46 15.12 17.25
N SER A 154 -66.58 15.37 16.56
CA SER A 154 -67.44 14.24 16.05
C SER A 154 -66.63 13.38 15.08
N ASP A 155 -67.01 12.12 14.94
CA ASP A 155 -66.34 11.18 14.05
C ASP A 155 -66.43 11.54 12.55
N LYS A 156 -67.36 12.43 12.17
CA LYS A 156 -67.52 12.89 10.76
C LYS A 156 -66.67 14.12 10.47
N SER A 157 -66.18 14.76 11.50
CA SER A 157 -65.13 15.78 11.32
C SER A 157 -63.88 15.41 10.52
N SER A 158 -63.21 16.43 9.94
CA SER A 158 -62.10 16.27 9.14
C SER A 158 -61.30 17.57 9.18
N PHE A 159 -60.02 17.46 8.84
CA PHE A 159 -59.01 18.53 9.09
C PHE A 159 -58.09 18.58 7.92
N ALA A 160 -57.70 19.81 7.45
CA ALA A 160 -56.86 20.04 6.24
C ALA A 160 -56.13 21.41 6.25
N THR A 161 -54.97 21.47 5.57
CA THR A 161 -54.14 22.76 5.44
C THR A 161 -53.94 22.90 3.91
N PRO A 162 -55.03 23.25 3.20
CA PRO A 162 -55.01 23.36 1.77
C PRO A 162 -54.61 24.75 1.21
N GLY A 163 -53.99 25.62 1.96
CA GLY A 163 -53.44 26.88 1.35
C GLY A 163 -52.88 26.77 -0.07
N VAL A 164 -52.17 25.67 -0.34
CA VAL A 164 -51.35 25.53 -1.55
C VAL A 164 -52.17 25.55 -2.79
N ASN A 165 -53.36 24.97 -2.71
CA ASN A 165 -54.35 24.99 -3.78
C ASN A 165 -54.71 26.44 -4.25
N VAL A 166 -54.60 27.44 -3.35
CA VAL A 166 -54.84 28.86 -3.67
C VAL A 166 -53.57 29.64 -3.62
N GLY A 167 -52.48 28.99 -3.86
CA GLY A 167 -51.16 29.70 -3.91
C GLY A 167 -50.78 30.34 -2.63
N LEU A 168 -51.47 29.94 -1.52
CA LEU A 168 -51.14 30.45 -0.20
C LEU A 168 -50.79 29.32 0.77
N PHE A 169 -49.47 28.99 0.91
CA PHE A 169 -49.08 27.84 1.77
C PHE A 169 -49.60 28.03 3.21
N CYS A 170 -50.17 26.99 3.83
CA CYS A 170 -50.60 27.08 5.26
C CYS A 170 -49.47 27.22 6.26
N SER A 171 -48.60 28.26 6.09
CA SER A 171 -47.48 28.40 6.96
C SER A 171 -47.83 28.66 8.41
N THR A 172 -48.85 29.49 8.58
CA THR A 172 -49.41 29.82 9.88
C THR A 172 -49.98 28.56 10.51
N PRO A 173 -50.94 27.91 9.87
CA PRO A 173 -51.38 26.67 10.41
C PRO A 173 -50.28 25.56 10.64
N GLY A 174 -49.23 25.50 9.83
CA GLY A 174 -48.19 24.55 10.08
C GLY A 174 -47.47 24.71 11.41
N VAL A 175 -47.51 25.89 12.02
CA VAL A 175 -47.02 26.09 13.40
C VAL A 175 -47.74 25.18 14.43
N ALA A 176 -49.05 25.24 14.46
CA ALA A 176 -49.80 24.50 15.44
C ALA A 176 -49.74 23.06 14.99
N LEU A 177 -49.83 22.81 13.69
CA LEU A 177 -49.79 21.44 13.17
C LEU A 177 -48.45 20.76 13.44
N ALA A 178 -47.29 21.40 13.23
CA ALA A 178 -46.04 20.80 13.56
C ALA A 178 -45.99 20.38 15.07
N ARG A 179 -46.68 21.11 15.97
CA ARG A 179 -46.71 20.81 17.39
C ARG A 179 -47.83 19.85 17.78
N ALA A 180 -48.56 19.35 16.79
CA ALA A 180 -49.74 18.48 17.04
C ALA A 180 -49.44 17.10 16.54
N VAL A 181 -48.99 16.97 15.29
CA VAL A 181 -48.73 15.69 14.67
C VAL A 181 -47.27 15.47 14.25
N PRO A 182 -46.94 14.23 13.85
CA PRO A 182 -45.59 13.98 13.34
C PRO A 182 -45.25 14.70 12.07
N ARG A 183 -43.98 15.09 11.88
CA ARG A 183 -43.53 15.72 10.68
C ARG A 183 -44.02 15.07 9.40
N LYS A 184 -44.01 13.74 9.34
CA LYS A 184 -44.37 13.09 8.12
C LYS A 184 -45.89 13.29 7.82
N VAL A 185 -46.72 13.45 8.84
CA VAL A 185 -48.18 13.66 8.70
C VAL A 185 -48.33 15.14 8.37
N ALA A 186 -47.64 16.02 9.11
CA ALA A 186 -47.80 17.44 8.85
C ALA A 186 -47.44 17.77 7.43
N LEU A 187 -46.38 17.18 6.95
CA LEU A 187 -45.83 17.64 5.69
C LEU A 187 -46.59 17.04 4.52
N GLU A 188 -47.28 15.89 4.68
CA GLU A 188 -48.09 15.42 3.61
C GLU A 188 -49.23 16.38 3.50
N MET A 189 -49.84 16.70 4.64
CA MET A 189 -50.95 17.61 4.75
C MET A 189 -50.75 19.00 4.20
N LEU A 190 -49.63 19.58 4.53
CA LEU A 190 -49.19 20.87 3.95
C LEU A 190 -48.84 20.95 2.43
N PHE A 191 -48.06 19.99 1.95
CA PHE A 191 -47.65 19.95 0.55
C PHE A 191 -48.75 19.48 -0.39
N THR A 192 -49.71 18.69 0.12
CA THR A 192 -50.79 18.16 -0.79
C THR A 192 -52.20 18.72 -0.56
N GLY A 193 -52.50 19.18 0.65
CA GLY A 193 -53.78 19.83 0.94
C GLY A 193 -54.95 18.86 1.13
N GLU A 194 -54.69 17.58 1.26
CA GLU A 194 -55.76 16.67 1.55
C GLU A 194 -56.16 16.50 3.02
N PRO A 195 -57.46 16.55 3.28
CA PRO A 195 -57.89 16.39 4.61
C PRO A 195 -57.43 14.97 5.22
N ILE A 196 -57.27 14.97 6.54
CA ILE A 196 -57.28 13.83 7.35
C ILE A 196 -58.59 13.89 8.12
N SER A 197 -59.08 12.68 8.34
CA SER A 197 -60.25 12.54 9.13
C SER A 197 -59.91 12.60 10.62
N ALA A 198 -60.99 12.66 11.40
CA ALA A 198 -61.00 12.75 12.84
C ALA A 198 -60.41 11.50 13.45
N GLN A 199 -60.59 10.32 12.86
CA GLN A 199 -59.90 9.15 13.41
C GLN A 199 -58.40 9.25 13.37
N GLU A 200 -57.88 9.69 12.22
CA GLU A 200 -56.50 9.93 11.96
C GLU A 200 -55.91 11.08 12.77
N ALA A 201 -56.65 12.16 12.85
CA ALA A 201 -56.19 13.27 13.72
C ALA A 201 -56.19 12.72 15.16
N LEU A 202 -57.11 11.82 15.54
CA LEU A 202 -57.03 11.25 16.91
C LEU A 202 -55.71 10.43 17.10
N LEU A 203 -55.41 9.52 16.16
CA LEU A 203 -54.24 8.68 16.25
C LEU A 203 -52.94 9.44 16.31
N HIS A 204 -52.91 10.56 15.61
CA HIS A 204 -51.68 11.28 15.37
C HIS A 204 -51.44 12.44 16.30
N GLY A 205 -52.40 12.74 17.15
CA GLY A 205 -52.20 13.71 18.18
C GLY A 205 -52.88 15.05 17.94
N LEU A 206 -53.77 15.14 16.89
CA LEU A 206 -54.45 16.42 16.65
C LEU A 206 -55.57 16.70 17.64
N LEU A 207 -56.34 15.62 17.96
CA LEU A 207 -57.44 15.59 18.83
C LEU A 207 -57.11 14.83 20.13
N SER A 208 -57.91 15.10 21.17
CA SER A 208 -57.90 14.39 22.49
C SER A 208 -58.90 13.27 22.48
N LYS A 209 -60.08 13.56 21.95
CA LYS A 209 -61.19 12.56 21.86
C LYS A 209 -61.96 12.66 20.55
N VAL A 210 -62.52 11.54 20.09
CA VAL A 210 -63.45 11.50 18.94
C VAL A 210 -64.69 10.69 19.37
N VAL A 211 -65.88 11.24 19.19
CA VAL A 211 -67.13 10.52 19.61
C VAL A 211 -68.23 10.67 18.58
N PRO A 212 -69.33 9.81 18.59
CA PRO A 212 -70.36 10.22 17.63
C PRO A 212 -70.82 11.69 17.78
N GLU A 213 -71.38 12.24 16.71
CA GLU A 213 -71.96 13.56 16.79
C GLU A 213 -72.98 13.71 17.97
N ALA A 214 -73.67 12.62 18.30
CA ALA A 214 -74.69 12.55 19.36
C ALA A 214 -74.07 12.53 20.79
N GLU A 215 -72.75 12.30 20.91
CA GLU A 215 -72.09 12.27 22.23
C GLU A 215 -71.19 13.45 22.44
N LEU A 216 -71.17 14.30 21.43
CA LEU A 216 -70.16 15.34 21.37
C LEU A 216 -70.35 16.41 22.42
N GLN A 217 -71.53 16.98 22.49
CA GLN A 217 -71.89 17.98 23.51
C GLN A 217 -71.68 17.42 24.92
N GLU A 218 -72.18 16.23 25.21
CA GLU A 218 -71.94 15.62 26.52
C GLU A 218 -70.49 15.28 26.81
N GLU A 219 -69.76 14.79 25.79
CA GLU A 219 -68.37 14.45 26.00
C GLU A 219 -67.53 15.63 26.24
N THR A 220 -67.81 16.72 25.56
CA THR A 220 -67.04 17.96 25.78
C THR A 220 -67.41 18.59 27.13
N MET A 221 -68.68 18.43 27.52
CA MET A 221 -69.18 18.92 28.82
C MET A 221 -68.62 18.14 30.01
N ARG A 222 -68.36 16.85 29.83
CA ARG A 222 -67.74 16.03 30.84
C ARG A 222 -66.36 16.56 31.16
N ILE A 223 -65.57 16.87 30.13
CA ILE A 223 -64.24 17.48 30.33
C ILE A 223 -64.44 18.84 30.97
N ALA A 224 -65.36 19.63 30.48
CA ALA A 224 -65.43 21.04 30.93
C ALA A 224 -65.93 21.16 32.40
N ARG A 225 -66.95 20.37 32.76
CA ARG A 225 -67.47 20.29 34.11
C ARG A 225 -66.46 19.74 35.07
N LYS A 226 -65.69 18.73 34.64
CA LYS A 226 -64.61 18.23 35.48
C LYS A 226 -63.65 19.33 35.79
N ILE A 227 -63.26 20.06 34.80
CA ILE A 227 -62.32 21.16 35.01
C ILE A 227 -62.90 22.21 35.91
N ALA A 228 -64.13 22.62 35.63
CA ALA A 228 -64.87 23.63 36.37
C ALA A 228 -65.08 23.24 37.88
N SER A 229 -65.12 21.95 38.15
CA SER A 229 -65.17 21.42 39.49
C SER A 229 -63.87 21.42 40.26
N LEU A 230 -62.75 21.73 39.62
CA LEU A 230 -61.41 21.77 40.26
C LEU A 230 -61.02 23.17 40.74
N SER A 231 -59.87 23.31 41.41
CA SER A 231 -59.41 24.61 41.87
C SER A 231 -58.81 25.40 40.72
N ARG A 232 -59.41 26.56 40.41
CA ARG A 232 -58.88 27.49 39.44
C ARG A 232 -57.40 27.83 39.60
N PRO A 233 -56.99 28.25 40.81
CA PRO A 233 -55.61 28.65 40.97
C PRO A 233 -54.62 27.53 40.70
N VAL A 234 -54.99 26.31 41.06
CA VAL A 234 -54.16 25.13 40.86
C VAL A 234 -54.08 24.80 39.36
N VAL A 235 -55.21 24.73 38.69
CA VAL A 235 -55.24 24.45 37.25
C VAL A 235 -54.47 25.49 36.40
N SER A 236 -54.57 26.75 36.81
CA SER A 236 -54.04 27.88 36.09
C SER A 236 -52.55 27.83 36.27
N LEU A 237 -52.08 27.56 37.49
CA LEU A 237 -50.66 27.31 37.76
C LEU A 237 -50.11 26.14 36.96
N GLY A 238 -50.86 25.12 36.82
CA GLY A 238 -50.39 23.98 36.10
C GLY A 238 -50.25 24.20 34.63
N LYS A 239 -51.30 24.76 34.02
CA LYS A 239 -51.29 25.22 32.63
C LYS A 239 -50.10 26.15 32.35
N ALA A 240 -49.87 27.15 33.15
CA ALA A 240 -48.77 28.04 32.83
C ALA A 240 -47.44 27.34 32.96
N THR A 241 -47.30 26.50 33.99
CA THR A 241 -46.13 25.76 34.26
C THR A 241 -45.85 24.77 33.19
N PHE A 242 -46.86 24.09 32.71
CA PHE A 242 -46.71 23.13 31.66
C PHE A 242 -46.08 23.65 30.37
N TYR A 243 -46.65 24.71 29.80
CA TYR A 243 -46.11 25.41 28.63
C TYR A 243 -44.74 26.06 28.90
N LYS A 244 -44.44 26.44 30.13
CA LYS A 244 -43.10 26.96 30.44
C LYS A 244 -41.99 25.86 30.43
N GLN A 245 -42.29 24.72 31.01
CA GLN A 245 -41.31 23.63 31.05
C GLN A 245 -41.17 22.97 29.69
N LEU A 246 -42.28 22.92 28.95
CA LEU A 246 -42.37 22.15 27.70
C LEU A 246 -41.13 22.32 26.72
N PRO A 247 -40.66 23.55 26.46
CA PRO A 247 -39.46 23.63 25.64
C PRO A 247 -38.09 23.36 26.30
N GLN A 248 -38.05 23.20 27.62
CA GLN A 248 -36.78 23.27 28.31
C GLN A 248 -36.02 21.93 28.26
N ASP A 249 -34.73 22.00 28.53
CA ASP A 249 -33.98 20.78 28.76
C ASP A 249 -34.56 20.18 30.02
N LEU A 250 -34.29 18.90 30.23
CA LEU A 250 -34.97 18.10 31.23
C LEU A 250 -34.65 18.56 32.64
N GLY A 251 -33.41 19.00 32.86
CA GLY A 251 -32.97 19.48 34.13
C GLY A 251 -33.66 20.77 34.53
N THR A 252 -33.74 21.68 33.57
CA THR A 252 -34.45 22.91 33.71
C THR A 252 -35.92 22.68 33.88
N ALA A 253 -36.52 21.77 33.10
CA ALA A 253 -37.90 21.45 33.27
C ALA A 253 -38.25 20.95 34.71
N TYR A 254 -37.45 20.05 35.27
CA TYR A 254 -37.60 19.60 36.64
C TYR A 254 -37.27 20.65 37.69
N TYR A 255 -36.33 21.53 37.43
CA TYR A 255 -36.14 22.61 38.32
C TYR A 255 -37.44 23.46 38.42
N LEU A 256 -38.02 23.82 37.29
CA LEU A 256 -39.06 24.77 37.23
C LEU A 256 -40.34 24.18 37.84
N THR A 257 -40.64 22.92 37.50
CA THR A 257 -41.85 22.26 37.90
C THR A 257 -41.79 21.89 39.36
N SER A 258 -40.61 21.55 39.86
CA SER A 258 -40.61 21.16 41.22
C SER A 258 -40.73 22.41 42.07
N GLN A 259 -40.31 23.55 41.56
CA GLN A 259 -40.53 24.79 42.29
C GLN A 259 -42.01 25.16 42.18
N ALA A 260 -42.66 24.80 41.10
CA ALA A 260 -44.10 25.11 40.97
C ALA A 260 -44.94 24.16 41.89
N MET A 261 -44.45 22.95 42.10
CA MET A 261 -45.03 22.00 43.06
C MET A 261 -45.07 22.59 44.46
N VAL A 262 -43.92 23.10 44.90
CA VAL A 262 -43.77 23.74 46.18
C VAL A 262 -44.62 25.01 46.38
N ASP A 263 -44.78 25.79 45.35
CA ASP A 263 -45.68 26.94 45.32
C ASP A 263 -47.14 26.53 45.41
N ASN A 264 -47.50 25.47 44.69
CA ASN A 264 -48.80 24.89 44.73
C ASN A 264 -49.17 24.46 46.16
N LEU A 265 -48.23 23.84 46.89
CA LEU A 265 -48.48 23.40 48.22
C LEU A 265 -48.66 24.57 49.18
N ALA A 266 -48.10 25.74 48.89
CA ALA A 266 -48.31 26.89 49.75
C ALA A 266 -49.68 27.59 49.44
N LEU A 267 -50.42 27.15 48.42
CA LEU A 267 -51.73 27.69 48.15
C LEU A 267 -52.68 27.01 49.13
N ARG A 268 -53.72 27.73 49.52
CA ARG A 268 -54.81 27.24 50.36
C ARG A 268 -55.51 25.99 49.75
N ASP A 269 -55.74 26.00 48.45
CA ASP A 269 -56.45 24.91 47.80
C ASP A 269 -55.52 23.68 47.64
N GLY A 270 -54.20 23.96 47.61
CA GLY A 270 -53.20 22.90 47.71
C GLY A 270 -53.42 22.10 48.95
N GLN A 271 -53.48 22.81 50.08
CA GLN A 271 -53.67 22.19 51.36
C GLN A 271 -55.07 21.59 51.59
N GLU A 272 -56.10 22.29 51.15
CA GLU A 272 -57.47 21.80 51.22
C GLU A 272 -57.66 20.45 50.50
N GLY A 273 -57.14 20.34 49.27
CA GLY A 273 -57.21 19.12 48.47
C GLY A 273 -56.49 17.92 49.08
N ILE A 274 -55.34 18.18 49.67
CA ILE A 274 -54.53 17.19 50.36
C ILE A 274 -55.15 16.75 51.66
N THR A 275 -55.59 17.70 52.48
CA THR A 275 -56.32 17.39 53.69
C THR A 275 -57.58 16.61 53.41
N ALA A 276 -58.38 17.09 52.45
CA ALA A 276 -59.65 16.45 52.07
C ALA A 276 -59.46 14.98 51.65
N PHE A 277 -58.36 14.69 50.98
CA PHE A 277 -58.03 13.35 50.59
C PHE A 277 -57.75 12.48 51.83
N LEU A 278 -56.97 13.04 52.76
CA LEU A 278 -56.49 12.34 53.93
C LEU A 278 -57.60 12.18 54.96
N GLN A 279 -58.59 13.08 54.93
CA GLN A 279 -59.80 12.95 55.77
C GLN A 279 -60.95 12.20 55.07
N LYS A 280 -60.69 11.67 53.87
CA LYS A 280 -61.69 10.92 53.10
C LYS A 280 -62.97 11.72 52.84
N ARG A 281 -62.82 13.01 52.53
CA ARG A 281 -63.96 13.88 52.14
C ARG A 281 -63.68 14.64 50.83
N LYS A 282 -64.65 15.44 50.40
CA LYS A 282 -64.60 16.17 49.17
C LYS A 282 -64.04 17.55 49.47
N PRO A 283 -63.05 17.99 48.64
CA PRO A 283 -62.49 19.29 48.82
C PRO A 283 -63.51 20.35 48.43
N VAL A 284 -63.56 21.42 49.20
CA VAL A 284 -64.37 22.57 48.91
C VAL A 284 -63.30 23.55 48.57
N TRP A 285 -63.24 23.95 47.30
CA TRP A 285 -62.24 24.88 46.84
C TRP A 285 -62.68 26.28 47.19
N SER A 286 -61.71 27.15 47.41
CA SER A 286 -62.02 28.54 47.59
C SER A 286 -61.87 29.28 46.27
N HIS A 287 -60.78 28.92 45.55
CA HIS A 287 -60.25 29.64 44.36
C HIS A 287 -59.79 31.09 44.69
N PRO B 32 -37.08 -4.22 57.04
CA PRO B 32 -36.26 -4.13 55.81
C PRO B 32 -36.65 -2.98 54.85
N ARG B 33 -35.90 -2.86 53.74
CA ARG B 33 -36.01 -1.73 52.79
C ARG B 33 -37.26 -1.77 51.86
N PRO B 34 -37.70 -0.58 51.38
CA PRO B 34 -38.89 -0.53 50.51
C PRO B 34 -38.63 -0.91 49.02
N THR B 35 -37.35 -0.98 48.62
CA THR B 35 -36.92 -1.59 47.34
C THR B 35 -35.92 -2.78 47.49
N SER B 36 -36.31 -3.93 46.93
CA SER B 36 -35.38 -5.09 46.79
C SER B 36 -34.67 -5.20 45.42
N ALA B 37 -33.33 -5.20 45.44
CA ALA B 37 -32.51 -5.36 44.26
C ALA B 37 -31.69 -6.66 44.16
N ARG B 38 -32.00 -7.45 43.12
CA ARG B 38 -31.16 -8.54 42.60
C ARG B 38 -30.53 -8.29 41.18
N GLN B 39 -29.35 -8.86 40.96
CA GLN B 39 -28.69 -8.79 39.67
C GLN B 39 -28.13 -10.17 39.30
N LEU B 40 -28.73 -10.80 38.30
CA LEU B 40 -28.23 -12.04 37.71
C LEU B 40 -27.97 -11.84 36.23
N ASP B 41 -26.71 -12.02 35.86
CA ASP B 41 -26.31 -12.20 34.48
C ASP B 41 -26.52 -10.97 33.63
N GLY B 42 -26.22 -9.82 34.23
CA GLY B 42 -26.26 -8.58 33.55
C GLY B 42 -27.40 -7.73 34.01
N ILE B 43 -28.49 -8.38 34.43
CA ILE B 43 -29.81 -7.79 34.58
C ILE B 43 -30.11 -7.50 36.05
N ARG B 44 -30.21 -6.20 36.38
CA ARG B 44 -30.61 -5.79 37.72
C ARG B 44 -32.11 -5.50 37.75
N ASN B 45 -32.79 -6.23 38.60
CA ASN B 45 -34.19 -6.05 38.78
C ASN B 45 -34.32 -5.27 40.09
N ILE B 46 -34.99 -4.11 40.05
CA ILE B 46 -35.33 -3.32 41.27
C ILE B 46 -36.83 -3.32 41.44
N VAL B 47 -37.28 -3.91 42.54
CA VAL B 47 -38.72 -4.00 42.82
C VAL B 47 -39.16 -2.97 43.89
N LEU B 48 -40.25 -2.28 43.59
CA LEU B 48 -40.91 -1.46 44.55
C LEU B 48 -41.71 -2.45 45.33
N SER B 49 -41.38 -2.52 46.62
CA SER B 49 -41.75 -3.65 47.49
C SER B 49 -42.46 -3.15 48.71
N ASN B 50 -43.39 -2.21 48.50
CA ASN B 50 -44.21 -1.73 49.61
C ASN B 50 -45.70 -1.73 49.25
N PRO B 51 -46.22 -2.87 48.80
CA PRO B 51 -47.58 -2.91 48.29
C PRO B 51 -48.62 -2.41 49.26
N LYS B 52 -48.44 -2.64 50.56
CA LYS B 52 -49.41 -2.23 51.60
C LYS B 52 -49.64 -0.72 51.58
N LYS B 53 -48.65 0.04 51.10
CA LYS B 53 -48.75 1.48 50.89
C LYS B 53 -48.69 1.90 49.38
N ARG B 54 -49.07 0.95 48.51
CA ARG B 54 -49.25 1.18 47.11
C ARG B 54 -47.98 1.64 46.42
N ASN B 55 -46.82 1.24 46.96
CA ASN B 55 -45.51 1.66 46.46
C ASN B 55 -45.37 3.16 46.33
N THR B 56 -45.89 3.83 47.34
CA THR B 56 -45.85 5.26 47.38
C THR B 56 -44.40 5.66 47.27
N LEU B 57 -44.15 6.77 46.54
CA LEU B 57 -42.82 7.33 46.38
C LEU B 57 -42.59 8.34 47.48
N SER B 58 -42.54 7.82 48.69
CA SER B 58 -42.14 8.61 49.84
C SER B 58 -40.65 8.88 49.74
N LEU B 59 -40.14 9.78 50.57
CA LEU B 59 -38.74 10.18 50.46
C LEU B 59 -37.87 8.95 50.68
N ALA B 60 -38.26 8.10 51.62
CA ALA B 60 -37.57 6.85 51.89
C ALA B 60 -37.63 5.83 50.76
N MET B 61 -38.76 5.72 50.08
CA MET B 61 -38.84 4.92 48.85
C MET B 61 -37.91 5.51 47.76
N LEU B 62 -37.94 6.83 47.60
CA LEU B 62 -37.04 7.46 46.63
C LEU B 62 -35.57 7.25 46.95
N LYS B 63 -35.16 7.35 48.19
CA LYS B 63 -33.72 7.19 48.53
C LYS B 63 -33.20 5.74 48.40
N SER B 64 -34.12 4.79 48.63
CA SER B 64 -33.90 3.35 48.49
C SER B 64 -33.74 3.01 47.01
N LEU B 65 -34.50 3.70 46.18
CA LEU B 65 -34.49 3.44 44.77
C LEU B 65 -33.25 4.08 44.16
N GLN B 66 -32.97 5.32 44.56
CA GLN B 66 -31.78 5.98 44.13
C GLN B 66 -30.55 5.09 44.39
N SER B 67 -30.42 4.69 45.64
CA SER B 67 -29.38 3.77 46.13
C SER B 67 -29.16 2.52 45.23
N ASP B 68 -30.25 1.81 44.93
CA ASP B 68 -30.24 0.63 44.08
C ASP B 68 -29.87 0.95 42.63
N ILE B 69 -30.40 2.02 42.06
CA ILE B 69 -29.95 2.49 40.75
C ILE B 69 -28.41 2.77 40.69
N LEU B 70 -27.92 3.50 41.69
CA LEU B 70 -26.58 4.07 41.67
C LEU B 70 -25.51 3.05 42.04
N HIS B 71 -25.92 2.00 42.76
CA HIS B 71 -24.96 1.11 43.38
C HIS B 71 -24.12 0.46 42.33
N ASP B 72 -22.80 0.68 42.36
CA ASP B 72 -21.89 -0.01 41.42
C ASP B 72 -22.21 0.31 39.99
N ALA B 73 -22.78 1.49 39.75
CA ALA B 73 -23.32 1.82 38.42
C ALA B 73 -22.29 1.62 37.26
N ASP B 74 -21.00 1.61 37.59
CA ASP B 74 -19.97 1.52 36.58
C ASP B 74 -19.38 0.10 36.43
N SER B 75 -19.94 -0.84 37.17
CA SER B 75 -19.54 -2.24 37.09
C SER B 75 -19.90 -2.80 35.74
N ASN B 76 -18.99 -3.60 35.18
CA ASN B 76 -19.18 -4.25 33.90
C ASN B 76 -20.14 -5.43 33.94
N ASP B 77 -20.43 -5.94 35.13
CA ASP B 77 -21.34 -7.08 35.26
CA ASP B 77 -21.34 -7.08 35.28
C ASP B 77 -22.79 -6.62 35.09
N LEU B 78 -23.04 -5.32 35.30
CA LEU B 78 -24.36 -4.70 35.05
C LEU B 78 -24.49 -4.26 33.61
N LYS B 79 -25.50 -4.82 32.93
CA LYS B 79 -25.78 -4.50 31.51
C LYS B 79 -27.10 -3.76 31.27
N VAL B 80 -28.06 -3.99 32.18
CA VAL B 80 -29.38 -3.38 32.11
C VAL B 80 -30.08 -3.43 33.49
N ILE B 81 -30.96 -2.46 33.71
CA ILE B 81 -31.82 -2.39 34.90
C ILE B 81 -33.33 -2.51 34.55
N ILE B 82 -34.06 -3.42 35.22
CA ILE B 82 -35.53 -3.46 35.14
C ILE B 82 -36.13 -2.91 36.43
N ILE B 83 -37.00 -1.90 36.32
CA ILE B 83 -37.76 -1.43 37.48
C ILE B 83 -39.18 -1.99 37.42
N SER B 84 -39.50 -2.72 38.48
CA SER B 84 -40.75 -3.45 38.61
C SER B 84 -41.37 -3.11 39.99
N ALA B 85 -42.54 -3.69 40.24
CA ALA B 85 -43.33 -3.33 41.37
C ALA B 85 -44.09 -4.53 41.85
N GLU B 86 -44.17 -4.63 43.16
CA GLU B 86 -44.96 -5.61 43.82
C GLU B 86 -46.36 -5.10 44.08
N GLY B 87 -47.33 -5.98 43.88
CA GLY B 87 -48.74 -5.64 44.04
C GLY B 87 -49.37 -5.07 42.76
N PRO B 88 -50.67 -4.73 42.82
CA PRO B 88 -51.49 -4.25 41.67
C PRO B 88 -51.33 -2.78 41.32
N VAL B 89 -50.74 -2.01 42.24
CA VAL B 89 -50.40 -0.62 41.97
C VAL B 89 -48.91 -0.53 41.73
N PHE B 90 -48.52 -0.22 40.48
CA PHE B 90 -47.11 0.01 40.23
C PHE B 90 -46.51 1.01 41.29
N SER B 91 -47.14 2.18 41.33
CA SER B 91 -46.93 3.23 42.31
C SER B 91 -48.02 4.29 42.18
N SER B 92 -48.50 4.72 43.35
CA SER B 92 -49.51 5.74 43.50
C SER B 92 -48.91 7.13 43.48
N GLY B 93 -47.59 7.25 43.44
CA GLY B 93 -46.95 8.55 43.52
C GLY B 93 -46.53 8.92 44.91
N HIS B 94 -46.20 10.18 45.11
CA HIS B 94 -45.79 10.69 46.39
C HIS B 94 -46.77 10.47 47.50
N ASP B 95 -46.19 10.48 48.70
CA ASP B 95 -46.92 10.33 49.93
C ASP B 95 -47.43 11.69 50.30
N LEU B 96 -48.74 11.88 50.26
CA LEU B 96 -49.28 13.22 50.50
C LEU B 96 -49.05 13.74 51.88
N LYS B 97 -48.84 12.82 52.85
CA LYS B 97 -48.60 13.15 54.28
C LYS B 97 -47.30 13.92 54.42
N GLU B 98 -46.40 13.66 53.48
CA GLU B 98 -45.11 14.37 53.42
C GLU B 98 -45.19 15.80 52.83
N LEU B 99 -46.33 16.12 52.24
CA LEU B 99 -46.53 17.35 51.52
C LEU B 99 -47.53 18.32 52.22
N THR B 100 -47.94 17.99 53.45
CA THR B 100 -48.76 18.84 54.27
C THR B 100 -47.91 20.04 54.78
N GLU B 101 -48.62 21.05 55.20
CA GLU B 101 -48.05 22.29 55.59
C GLU B 101 -47.16 22.12 56.80
N GLU B 102 -47.47 21.14 57.65
CA GLU B 102 -46.69 20.90 58.88
C GLU B 102 -45.22 20.48 58.64
N GLN B 103 -44.93 19.87 57.48
CA GLN B 103 -43.58 19.39 57.19
C GLN B 103 -42.72 20.56 56.84
N GLY B 104 -43.35 21.62 56.34
CA GLY B 104 -42.59 22.81 55.91
C GLY B 104 -42.10 22.75 54.48
N ARG B 105 -41.87 23.93 53.92
CA ARG B 105 -41.54 24.03 52.51
C ARG B 105 -40.21 23.35 52.10
N ASP B 106 -39.28 23.25 53.05
CA ASP B 106 -38.01 22.65 52.72
C ASP B 106 -38.10 21.15 52.59
N TYR B 107 -38.94 20.52 53.41
CA TYR B 107 -39.22 19.12 53.24
C TYR B 107 -39.86 18.83 51.89
N HIS B 108 -40.84 19.64 51.54
CA HIS B 108 -41.50 19.61 50.22
C HIS B 108 -40.47 19.74 49.11
N ALA B 109 -39.64 20.77 49.15
CA ALA B 109 -38.53 20.91 48.21
C ALA B 109 -37.69 19.61 48.13
N GLU B 110 -37.35 18.98 49.25
CA GLU B 110 -36.53 17.77 49.26
C GLU B 110 -37.18 16.56 48.61
N VAL B 111 -38.50 16.45 48.68
CA VAL B 111 -39.21 15.31 48.09
C VAL B 111 -39.10 15.39 46.56
N PHE B 112 -39.31 16.61 46.06
CA PHE B 112 -39.33 16.88 44.65
C PHE B 112 -37.94 16.94 44.07
N GLN B 113 -37.00 17.52 44.79
CA GLN B 113 -35.66 17.58 44.29
C GLN B 113 -35.07 16.18 44.22
N THR B 114 -35.47 15.32 45.14
CA THR B 114 -34.97 13.98 45.25
C THR B 114 -35.62 13.13 44.17
N CYS B 115 -36.88 13.33 43.94
CA CYS B 115 -37.59 12.61 42.89
C CYS B 115 -37.03 12.88 41.47
N SER B 116 -36.80 14.16 41.18
CA SER B 116 -36.17 14.62 39.95
C SER B 116 -34.72 14.07 39.78
N LYS B 117 -33.91 14.12 40.84
CA LYS B 117 -32.54 13.53 40.82
C LYS B 117 -32.52 12.10 40.30
N VAL B 118 -33.50 11.34 40.75
CA VAL B 118 -33.67 9.96 40.42
C VAL B 118 -33.95 9.76 38.94
N MET B 119 -34.94 10.47 38.45
CA MET B 119 -35.32 10.51 37.08
C MET B 119 -34.12 10.94 36.24
N MET B 120 -33.42 11.98 36.65
CA MET B 120 -32.18 12.41 36.02
C MET B 120 -31.10 11.32 36.05
N HIS B 121 -31.04 10.57 37.15
CA HIS B 121 -30.03 9.50 37.27
C HIS B 121 -30.33 8.36 36.33
N ILE B 122 -31.59 8.04 36.18
CA ILE B 122 -32.00 7.12 35.10
C ILE B 122 -31.64 7.63 33.67
N ARG B 123 -32.03 8.85 33.35
CA ARG B 123 -31.72 9.46 32.08
C ARG B 123 -30.24 9.32 31.74
N ASN B 124 -29.41 9.69 32.71
CA ASN B 124 -27.94 9.76 32.57
C ASN B 124 -27.24 8.46 32.92
N HIS B 125 -28.01 7.38 33.16
CA HIS B 125 -27.37 6.13 33.67
C HIS B 125 -26.47 5.50 32.61
N PRO B 126 -25.39 4.80 33.01
CA PRO B 126 -24.53 4.11 32.05
C PRO B 126 -25.21 3.00 31.25
N VAL B 127 -26.26 2.41 31.81
CA VAL B 127 -26.91 1.29 31.13
C VAL B 127 -28.34 1.70 30.91
N PRO B 128 -29.07 0.96 30.06
CA PRO B 128 -30.50 1.18 29.89
C PRO B 128 -31.36 0.75 31.06
N VAL B 129 -32.47 1.44 31.24
CA VAL B 129 -33.44 1.18 32.29
C VAL B 129 -34.82 0.88 31.65
N ILE B 130 -35.42 -0.26 32.04
CA ILE B 130 -36.72 -0.76 31.56
C ILE B 130 -37.80 -0.72 32.67
N ALA B 131 -38.99 -0.20 32.38
CA ALA B 131 -40.11 -0.31 33.30
C ALA B 131 -40.91 -1.52 32.90
N MET B 132 -41.21 -2.34 33.89
CA MET B 132 -42.14 -3.45 33.78
C MET B 132 -43.33 -3.13 34.67
N VAL B 133 -44.50 -2.96 34.06
CA VAL B 133 -45.71 -2.41 34.69
C VAL B 133 -46.86 -3.43 34.62
N ASN B 134 -47.43 -3.75 35.77
CA ASN B 134 -48.56 -4.66 35.84
C ASN B 134 -49.54 -4.01 36.77
N GLY B 135 -50.10 -2.89 36.33
CA GLY B 135 -51.22 -2.26 37.03
C GLY B 135 -51.14 -0.77 36.92
N LEU B 136 -51.52 -0.09 38.01
CA LEU B 136 -51.74 1.34 38.00
C LEU B 136 -50.46 2.08 38.29
N ALA B 137 -50.14 3.04 37.41
CA ALA B 137 -49.08 4.03 37.61
C ALA B 137 -49.72 5.44 37.61
N THR B 138 -49.82 6.07 38.77
CA THR B 138 -50.46 7.41 38.89
C THR B 138 -49.50 8.45 39.41
N ALA B 139 -49.60 9.67 38.92
CA ALA B 139 -48.77 10.79 39.44
C ALA B 139 -47.29 10.48 39.27
N ALA B 140 -46.47 10.70 40.29
CA ALA B 140 -45.02 10.39 40.20
C ALA B 140 -44.69 8.94 39.78
N GLY B 141 -45.62 8.01 39.97
CA GLY B 141 -45.41 6.64 39.54
C GLY B 141 -45.46 6.52 38.03
N CYS B 142 -46.32 7.32 37.41
CA CYS B 142 -46.42 7.39 35.98
C CYS B 142 -45.18 8.08 35.38
N GLN B 143 -44.71 9.14 36.06
CA GLN B 143 -43.47 9.82 35.80
C GLN B 143 -42.23 8.91 35.72
N LEU B 144 -42.19 7.98 36.65
CA LEU B 144 -41.12 6.97 36.70
C LEU B 144 -41.23 6.01 35.50
N VAL B 145 -42.39 5.53 35.17
CA VAL B 145 -42.54 4.80 33.92
C VAL B 145 -42.04 5.60 32.70
N ALA B 146 -42.48 6.85 32.58
CA ALA B 146 -42.18 7.65 31.39
C ALA B 146 -40.71 8.03 31.37
N SER B 147 -40.03 7.97 32.50
CA SER B 147 -38.61 8.35 32.56
C SER B 147 -37.67 7.26 32.18
N CYS B 148 -38.19 6.04 32.16
CA CYS B 148 -37.38 4.91 31.74
C CYS B 148 -37.17 4.97 30.23
N ASP B 149 -36.02 4.43 29.77
CA ASP B 149 -35.68 4.35 28.38
C ASP B 149 -36.71 3.48 27.63
N ILE B 150 -37.12 2.38 28.26
CA ILE B 150 -38.03 1.45 27.62
C ILE B 150 -39.07 1.05 28.66
N ALA B 151 -40.32 0.89 28.25
CA ALA B 151 -41.36 0.58 29.19
C ALA B 151 -42.30 -0.49 28.64
N VAL B 152 -42.45 -1.60 29.34
CA VAL B 152 -43.28 -2.74 28.91
C VAL B 152 -44.36 -2.93 29.98
N ALA B 153 -45.64 -2.91 29.62
CA ALA B 153 -46.72 -3.00 30.58
C ALA B 153 -47.62 -4.15 30.21
N SER B 154 -48.40 -4.63 31.19
CA SER B 154 -49.46 -5.64 30.93
C SER B 154 -50.74 -4.98 30.37
N ASP B 155 -51.61 -5.74 29.70
CA ASP B 155 -52.74 -5.09 29.04
C ASP B 155 -53.79 -4.53 29.99
N LYS B 156 -53.71 -4.96 31.27
CA LYS B 156 -54.55 -4.53 32.37
C LYS B 156 -54.06 -3.21 33.00
N SER B 157 -52.87 -2.75 32.64
CA SER B 157 -52.29 -1.57 33.23
C SER B 157 -52.98 -0.25 32.85
N SER B 158 -52.77 0.78 33.69
CA SER B 158 -53.24 2.11 33.36
C SER B 158 -52.39 3.18 34.02
N PHE B 159 -52.55 4.40 33.54
CA PHE B 159 -51.64 5.50 33.82
C PHE B 159 -52.47 6.72 33.97
N ALA B 160 -52.25 7.47 35.03
CA ALA B 160 -53.01 8.70 35.32
C ALA B 160 -52.09 9.75 35.91
N THR B 161 -52.48 11.03 35.80
CA THR B 161 -51.85 12.15 36.46
C THR B 161 -52.94 12.97 37.18
N PRO B 162 -53.47 12.39 38.27
CA PRO B 162 -54.58 12.99 39.00
C PRO B 162 -54.27 13.94 40.15
N GLY B 163 -53.14 14.61 40.15
CA GLY B 163 -52.78 15.56 41.21
C GLY B 163 -53.83 16.61 41.44
N VAL B 164 -54.48 17.13 40.36
CA VAL B 164 -55.54 18.16 40.45
C VAL B 164 -56.67 17.83 41.45
N ASN B 165 -57.08 16.55 41.48
CA ASN B 165 -58.10 16.03 42.35
C ASN B 165 -57.77 16.20 43.85
N VAL B 166 -56.51 16.14 44.22
CA VAL B 166 -56.05 16.43 45.58
C VAL B 166 -55.35 17.81 45.64
N GLY B 167 -55.73 18.72 44.75
CA GLY B 167 -55.27 20.10 44.80
C GLY B 167 -53.82 20.28 44.42
N LEU B 168 -53.23 19.24 43.87
CA LEU B 168 -51.82 19.34 43.54
C LEU B 168 -51.52 19.01 42.10
N PHE B 169 -51.57 20.02 41.24
CA PHE B 169 -51.29 19.78 39.83
C PHE B 169 -50.05 18.87 39.64
N CYS B 170 -50.19 17.84 38.81
CA CYS B 170 -49.07 16.96 38.42
C CYS B 170 -48.03 17.64 37.51
N SER B 171 -47.37 18.67 38.01
CA SER B 171 -46.43 19.42 37.22
C SER B 171 -45.12 18.67 36.94
N THR B 172 -44.59 17.96 37.95
CA THR B 172 -43.36 17.24 37.72
C THR B 172 -43.59 15.98 36.82
N PRO B 173 -44.70 15.23 37.02
CA PRO B 173 -44.98 14.17 36.07
C PRO B 173 -45.21 14.61 34.65
N GLY B 174 -45.92 15.72 34.45
CA GLY B 174 -46.01 16.38 33.17
C GLY B 174 -44.74 16.63 32.44
N VAL B 175 -43.61 16.77 33.14
CA VAL B 175 -42.32 16.87 32.47
C VAL B 175 -42.07 15.58 31.63
N ALA B 176 -42.13 14.45 32.30
CA ALA B 176 -41.93 13.20 31.59
C ALA B 176 -43.05 12.95 30.58
N LEU B 177 -44.30 13.18 30.98
CA LEU B 177 -45.46 12.90 30.11
C LEU B 177 -45.44 13.81 28.88
N ALA B 178 -45.03 15.06 29.05
CA ALA B 178 -44.96 15.97 27.89
C ALA B 178 -43.92 15.45 26.85
N ARG B 179 -42.91 14.72 27.32
CA ARG B 179 -41.87 14.14 26.42
C ARG B 179 -42.18 12.72 25.93
N ALA B 180 -43.34 12.15 26.35
CA ALA B 180 -43.80 10.83 25.99
C ALA B 180 -45.00 10.91 25.02
N VAL B 181 -45.95 11.79 25.28
CA VAL B 181 -47.21 11.79 24.52
C VAL B 181 -47.52 13.10 23.86
N PRO B 182 -48.50 13.07 22.95
CA PRO B 182 -48.80 14.37 22.35
C PRO B 182 -49.41 15.27 23.38
N ARG B 183 -49.30 16.57 23.15
CA ARG B 183 -49.85 17.58 24.05
C ARG B 183 -51.34 17.41 24.32
N LYS B 184 -52.10 17.09 23.28
CA LYS B 184 -53.52 16.95 23.37
C LYS B 184 -53.95 15.83 24.30
N VAL B 185 -53.14 14.76 24.35
CA VAL B 185 -53.27 13.66 25.29
C VAL B 185 -52.74 14.06 26.65
N ALA B 186 -51.57 14.66 26.72
CA ALA B 186 -50.98 14.97 28.00
C ALA B 186 -51.89 15.86 28.76
N LEU B 187 -52.45 16.85 28.09
CA LEU B 187 -53.26 17.93 28.74
C LEU B 187 -54.64 17.51 29.22
N GLU B 188 -55.27 16.54 28.55
CA GLU B 188 -56.53 15.99 29.08
C GLU B 188 -56.21 15.18 30.35
N MET B 189 -55.06 14.51 30.35
CA MET B 189 -54.63 13.75 31.51
C MET B 189 -54.41 14.61 32.70
N LEU B 190 -53.68 15.68 32.50
CA LEU B 190 -53.30 16.56 33.58
C LEU B 190 -54.45 17.46 34.12
N PHE B 191 -55.36 17.85 33.23
CA PHE B 191 -56.51 18.72 33.56
C PHE B 191 -57.68 17.98 34.15
N THR B 192 -57.84 16.71 33.79
CA THR B 192 -58.94 15.92 34.21
C THR B 192 -58.57 14.72 35.15
N GLY B 193 -57.31 14.29 35.21
CA GLY B 193 -56.94 13.21 36.09
C GLY B 193 -57.43 11.83 35.69
N GLU B 194 -58.15 11.69 34.57
CA GLU B 194 -58.64 10.41 34.17
C GLU B 194 -57.52 9.57 33.57
N PRO B 195 -57.55 8.25 33.84
CA PRO B 195 -56.51 7.35 33.40
C PRO B 195 -56.61 7.05 31.94
N ILE B 196 -55.50 6.66 31.32
CA ILE B 196 -55.54 6.03 30.00
C ILE B 196 -55.18 4.57 30.18
N SER B 197 -55.63 3.73 29.24
CA SER B 197 -55.31 2.33 29.23
C SER B 197 -53.95 2.07 28.64
N ALA B 198 -53.49 0.83 28.80
CA ALA B 198 -52.15 0.45 28.35
C ALA B 198 -52.15 0.45 26.84
N GLN B 199 -53.26 0.03 26.22
CA GLN B 199 -53.50 0.17 24.79
C GLN B 199 -53.29 1.64 24.33
N GLU B 200 -54.02 2.57 24.94
CA GLU B 200 -53.88 3.99 24.60
C GLU B 200 -52.47 4.54 24.89
N ALA B 201 -51.86 4.13 26.00
CA ALA B 201 -50.48 4.44 26.33
C ALA B 201 -49.50 3.98 25.25
N LEU B 202 -49.72 2.77 24.70
CA LEU B 202 -48.87 2.26 23.62
C LEU B 202 -49.10 3.12 22.35
N LEU B 203 -50.36 3.28 21.95
CA LEU B 203 -50.70 4.07 20.75
C LEU B 203 -50.03 5.45 20.79
N HIS B 204 -50.01 6.11 21.95
CA HIS B 204 -49.43 7.49 22.03
C HIS B 204 -48.01 7.68 22.44
N GLY B 205 -47.28 6.59 22.69
CA GLY B 205 -45.84 6.62 22.98
C GLY B 205 -45.31 6.61 24.41
N LEU B 206 -46.18 6.47 25.40
CA LEU B 206 -45.73 6.36 26.79
C LEU B 206 -45.02 4.99 27.10
N LEU B 207 -45.46 3.94 26.44
CA LEU B 207 -44.92 2.57 26.57
C LEU B 207 -44.31 2.08 25.25
N SER B 208 -43.29 1.21 25.35
CA SER B 208 -42.70 0.53 24.22
C SER B 208 -43.57 -0.69 23.80
N LYS B 209 -44.06 -1.45 24.77
CA LYS B 209 -44.74 -2.75 24.49
C LYS B 209 -45.88 -3.01 25.44
N VAL B 210 -46.91 -3.69 24.99
CA VAL B 210 -48.00 -4.17 25.86
C VAL B 210 -48.33 -5.58 25.45
N VAL B 211 -48.48 -6.42 26.44
CA VAL B 211 -48.76 -7.82 26.26
C VAL B 211 -49.71 -8.26 27.35
N PRO B 212 -50.38 -9.41 27.14
CA PRO B 212 -51.08 -10.00 28.28
C PRO B 212 -50.14 -10.23 29.48
N GLU B 213 -50.68 -10.15 30.70
CA GLU B 213 -49.91 -10.34 31.96
C GLU B 213 -49.12 -11.67 32.02
N ALA B 214 -49.71 -12.78 31.56
CA ALA B 214 -48.98 -14.05 31.46
C ALA B 214 -47.62 -13.92 30.71
N GLU B 215 -47.53 -12.95 29.78
CA GLU B 215 -46.33 -12.77 28.93
C GLU B 215 -45.43 -11.60 29.36
N LEU B 216 -45.83 -10.83 30.37
CA LEU B 216 -45.08 -9.62 30.78
C LEU B 216 -43.60 -9.85 31.07
N GLN B 217 -43.31 -10.91 31.80
CA GLN B 217 -41.96 -11.18 32.29
C GLN B 217 -41.04 -11.66 31.14
N GLU B 218 -41.53 -12.57 30.28
CA GLU B 218 -40.75 -13.00 29.10
C GLU B 218 -40.55 -11.88 28.08
N GLU B 219 -41.57 -11.04 27.89
CA GLU B 219 -41.43 -9.96 26.94
C GLU B 219 -40.38 -8.98 27.47
N THR B 220 -40.42 -8.73 28.77
CA THR B 220 -39.46 -7.84 29.43
C THR B 220 -38.04 -8.42 29.43
N MET B 221 -37.94 -9.71 29.67
CA MET B 221 -36.62 -10.38 29.69
C MET B 221 -36.03 -10.56 28.31
N ARG B 222 -36.89 -10.77 27.31
CA ARG B 222 -36.48 -10.73 25.92
C ARG B 222 -35.69 -9.44 25.61
N ILE B 223 -36.16 -8.29 26.09
CA ILE B 223 -35.48 -7.02 25.83
C ILE B 223 -34.23 -6.93 26.72
N ALA B 224 -34.40 -7.24 28.01
CA ALA B 224 -33.32 -7.17 28.98
C ALA B 224 -32.15 -8.09 28.57
N ARG B 225 -32.45 -9.36 28.26
CA ARG B 225 -31.43 -10.24 27.74
C ARG B 225 -30.76 -9.79 26.43
N LYS B 226 -31.54 -9.17 25.54
CA LYS B 226 -30.98 -8.74 24.29
C LYS B 226 -29.95 -7.70 24.63
N ILE B 227 -30.32 -6.73 25.45
CA ILE B 227 -29.41 -5.65 25.82
C ILE B 227 -28.17 -6.21 26.52
N ALA B 228 -28.38 -7.25 27.31
CA ALA B 228 -27.32 -7.83 28.11
C ALA B 228 -26.28 -8.61 27.25
N SER B 229 -26.72 -9.04 26.05
CA SER B 229 -25.89 -9.83 25.13
C SER B 229 -25.07 -8.93 24.18
N LEU B 230 -25.29 -7.62 24.26
CA LEU B 230 -24.56 -6.66 23.46
C LEU B 230 -23.34 -6.09 24.22
N SER B 231 -22.61 -5.16 23.60
CA SER B 231 -21.43 -4.56 24.21
C SER B 231 -21.83 -3.38 25.08
N ARG B 232 -21.48 -3.43 26.37
CA ARG B 232 -21.86 -2.37 27.30
C ARG B 232 -21.33 -1.02 26.86
N PRO B 233 -20.03 -0.96 26.55
CA PRO B 233 -19.55 0.38 26.23
C PRO B 233 -20.19 0.97 24.99
N VAL B 234 -20.65 0.14 24.04
CA VAL B 234 -21.27 0.59 22.82
C VAL B 234 -22.69 1.05 23.12
N VAL B 235 -23.40 0.23 23.91
CA VAL B 235 -24.75 0.62 24.41
C VAL B 235 -24.68 1.93 25.25
N SER B 236 -23.66 2.04 26.10
CA SER B 236 -23.51 3.18 26.97
C SER B 236 -23.23 4.43 26.16
N LEU B 237 -22.30 4.34 25.21
CA LEU B 237 -22.01 5.48 24.32
C LEU B 237 -23.27 5.84 23.56
N GLY B 238 -23.99 4.84 23.14
CA GLY B 238 -25.23 5.00 22.41
C GLY B 238 -26.30 5.79 23.11
N LYS B 239 -26.53 5.43 24.35
CA LYS B 239 -27.50 6.08 25.22
C LYS B 239 -27.06 7.50 25.58
N ALA B 240 -25.80 7.71 25.98
CA ALA B 240 -25.40 9.08 26.30
C ALA B 240 -25.53 10.03 25.11
N THR B 241 -25.03 9.61 23.95
CA THR B 241 -25.09 10.38 22.69
C THR B 241 -26.50 10.71 22.23
N PHE B 242 -27.40 9.76 22.42
CA PHE B 242 -28.78 9.89 22.01
C PHE B 242 -29.40 11.07 22.75
N TYR B 243 -29.30 11.04 24.07
CA TYR B 243 -29.79 12.15 24.88
C TYR B 243 -29.07 13.49 24.65
N LYS B 244 -27.81 13.49 24.22
CA LYS B 244 -27.10 14.74 23.87
C LYS B 244 -27.59 15.38 22.54
N GLN B 245 -27.89 14.56 21.55
CA GLN B 245 -28.30 15.03 20.22
C GLN B 245 -29.73 15.47 20.20
N LEU B 246 -30.56 14.78 20.97
CA LEU B 246 -32.01 15.00 21.02
C LEU B 246 -32.42 16.52 21.08
N PRO B 247 -31.84 17.31 21.96
CA PRO B 247 -32.29 18.70 21.92
C PRO B 247 -31.64 19.64 20.87
N GLN B 248 -30.70 19.17 20.07
CA GLN B 248 -29.97 20.03 19.15
C GLN B 248 -30.69 20.34 17.81
N ASP B 249 -30.27 21.42 17.16
CA ASP B 249 -30.52 21.67 15.75
C ASP B 249 -29.89 20.51 15.04
N LEU B 250 -30.42 20.21 13.86
CA LEU B 250 -30.10 18.98 13.15
C LEU B 250 -28.62 18.95 12.76
N GLY B 251 -28.05 20.09 12.38
CA GLY B 251 -26.65 20.13 12.03
C GLY B 251 -25.75 19.80 13.20
N THR B 252 -26.05 20.35 14.36
CA THR B 252 -25.24 20.07 15.56
C THR B 252 -25.35 18.63 15.96
N ALA B 253 -26.58 18.10 15.86
CA ALA B 253 -26.92 16.71 16.18
C ALA B 253 -26.13 15.75 15.31
N TYR B 254 -26.01 16.05 14.03
CA TYR B 254 -25.14 15.26 13.14
C TYR B 254 -23.64 15.43 13.41
N TYR B 255 -23.23 16.59 13.90
CA TYR B 255 -21.81 16.79 14.29
C TYR B 255 -21.50 15.95 15.51
N LEU B 256 -22.43 15.96 16.45
CA LEU B 256 -22.25 15.20 17.68
C LEU B 256 -22.16 13.71 17.40
N THR B 257 -23.04 13.22 16.53
CA THR B 257 -23.29 11.81 16.43
C THR B 257 -22.31 11.22 15.49
N SER B 258 -21.90 11.99 14.49
CA SER B 258 -20.90 11.55 13.53
C SER B 258 -19.57 11.31 14.25
N GLN B 259 -19.26 12.17 15.21
CA GLN B 259 -18.05 12.03 16.00
C GLN B 259 -18.16 10.82 16.92
N ALA B 260 -19.34 10.65 17.49
CA ALA B 260 -19.63 9.48 18.31
C ALA B 260 -19.40 8.14 17.58
N MET B 261 -19.85 8.05 16.32
CA MET B 261 -19.72 6.85 15.49
C MET B 261 -18.26 6.52 15.26
N VAL B 262 -17.50 7.57 14.96
CA VAL B 262 -16.08 7.51 14.75
C VAL B 262 -15.34 7.02 15.99
N ASP B 263 -15.86 7.35 17.18
CA ASP B 263 -15.25 6.93 18.46
C ASP B 263 -15.69 5.55 18.81
N ASN B 264 -16.86 5.21 18.40
CA ASN B 264 -17.39 3.89 18.58
C ASN B 264 -16.56 2.91 17.73
N LEU B 265 -16.09 3.36 16.54
CA LEU B 265 -15.27 2.48 15.67
C LEU B 265 -13.88 2.23 16.27
N ALA B 266 -13.43 3.16 17.11
CA ALA B 266 -12.17 3.06 17.81
C ALA B 266 -12.24 2.04 18.98
N LEU B 267 -13.43 1.77 19.50
CA LEU B 267 -13.57 0.73 20.53
C LEU B 267 -13.29 -0.70 19.97
N ARG B 268 -12.63 -1.53 20.80
CA ARG B 268 -12.33 -2.92 20.46
C ARG B 268 -13.60 -3.66 20.05
N ASP B 269 -14.69 -3.39 20.75
CA ASP B 269 -15.98 -4.02 20.44
C ASP B 269 -16.64 -3.48 19.17
N GLY B 270 -16.30 -2.25 18.78
CA GLY B 270 -16.71 -1.74 17.48
C GLY B 270 -16.15 -2.58 16.35
N GLN B 271 -14.84 -2.71 16.38
CA GLN B 271 -14.10 -3.52 15.41
C GLN B 271 -14.40 -5.02 15.50
N GLU B 272 -14.61 -5.53 16.70
CA GLU B 272 -15.04 -6.92 16.88
C GLU B 272 -16.35 -7.25 16.18
N GLY B 273 -17.34 -6.39 16.40
CA GLY B 273 -18.68 -6.62 15.93
C GLY B 273 -18.69 -6.57 14.43
N ILE B 274 -17.96 -5.59 13.89
CA ILE B 274 -17.79 -5.44 12.43
C ILE B 274 -17.13 -6.69 11.82
N THR B 275 -15.99 -7.09 12.38
CA THR B 275 -15.27 -8.29 11.95
C THR B 275 -16.06 -9.58 12.09
N ALA B 276 -16.72 -9.78 13.23
CA ALA B 276 -17.60 -10.94 13.42
C ALA B 276 -18.67 -11.04 12.34
N PHE B 277 -19.28 -9.90 12.00
CA PHE B 277 -20.32 -9.83 11.00
C PHE B 277 -19.84 -10.20 9.61
N LEU B 278 -18.68 -9.68 9.20
CA LEU B 278 -18.16 -9.90 7.84
C LEU B 278 -17.53 -11.31 7.75
N GLN B 279 -17.26 -11.94 8.90
CA GLN B 279 -16.89 -13.38 8.96
C GLN B 279 -18.06 -14.34 9.27
N LYS B 280 -19.29 -13.84 9.28
CA LYS B 280 -20.50 -14.67 9.54
C LYS B 280 -20.42 -15.56 10.82
N ARG B 281 -20.04 -14.93 11.94
CA ARG B 281 -20.10 -15.59 13.26
C ARG B 281 -20.67 -14.68 14.37
N LYS B 282 -20.88 -15.27 15.55
CA LYS B 282 -21.26 -14.53 16.77
C LYS B 282 -20.07 -13.70 17.27
N PRO B 283 -20.30 -12.45 17.65
CA PRO B 283 -19.17 -11.64 18.11
C PRO B 283 -18.87 -11.95 19.57
N VAL B 284 -17.64 -11.77 20.00
CA VAL B 284 -17.29 -11.98 21.42
C VAL B 284 -16.96 -10.61 22.00
N TRP B 285 -17.77 -10.12 22.94
CA TRP B 285 -17.52 -8.77 23.45
C TRP B 285 -16.56 -8.82 24.64
N SER B 286 -15.69 -7.81 24.73
CA SER B 286 -14.71 -7.74 25.80
C SER B 286 -15.37 -7.38 27.14
N PRO C 32 -20.69 2.50 -15.48
CA PRO C 32 -21.42 2.08 -14.29
C PRO C 32 -21.66 3.26 -13.32
N ARG C 33 -22.70 3.15 -12.49
CA ARG C 33 -23.06 4.20 -11.53
C ARG C 33 -24.13 3.69 -10.53
N PRO C 34 -23.90 3.91 -9.21
CA PRO C 34 -24.73 3.28 -8.18
C PRO C 34 -26.11 3.91 -7.96
N THR C 35 -26.33 5.12 -8.45
CA THR C 35 -27.68 5.65 -8.55
C THR C 35 -28.00 5.95 -10.00
N SER C 36 -29.27 5.79 -10.35
CA SER C 36 -29.80 6.28 -11.62
C SER C 36 -30.90 7.30 -11.38
N ALA C 37 -30.91 8.32 -12.21
CA ALA C 37 -31.82 9.40 -12.04
C ALA C 37 -32.51 9.74 -13.36
N ARG C 38 -33.76 10.13 -13.21
CA ARG C 38 -34.62 10.45 -14.30
C ARG C 38 -35.70 11.47 -13.87
N GLN C 39 -35.91 12.45 -14.73
CA GLN C 39 -36.78 13.55 -14.43
C GLN C 39 -37.76 13.68 -15.57
N LEU C 40 -39.04 13.79 -15.23
CA LEU C 40 -40.08 13.80 -16.21
C LEU C 40 -41.35 14.47 -15.64
N ASP C 41 -41.78 15.55 -16.30
CA ASP C 41 -42.92 16.39 -15.87
C ASP C 41 -42.74 16.91 -14.44
N GLY C 42 -41.54 17.39 -14.21
CA GLY C 42 -41.15 17.96 -12.95
C GLY C 42 -40.79 17.00 -11.84
N ILE C 43 -40.84 15.70 -12.09
CA ILE C 43 -40.65 14.70 -11.07
C ILE C 43 -39.34 14.03 -11.40
N ARG C 44 -38.41 14.14 -10.48
CA ARG C 44 -37.13 13.51 -10.53
C ARG C 44 -37.18 12.29 -9.67
N ASN C 45 -36.87 11.17 -10.27
CA ASN C 45 -36.74 9.91 -9.54
C ASN C 45 -35.25 9.54 -9.43
N ILE C 46 -34.72 9.43 -8.20
CA ILE C 46 -33.37 8.95 -7.95
C ILE C 46 -33.51 7.52 -7.39
N VAL C 47 -33.06 6.53 -8.18
CA VAL C 47 -33.17 5.13 -7.78
C VAL C 47 -31.80 4.62 -7.24
N LEU C 48 -31.81 4.04 -6.03
CA LEU C 48 -30.60 3.38 -5.57
C LEU C 48 -30.52 2.09 -6.39
N SER C 49 -29.41 1.95 -7.11
CA SER C 49 -29.24 0.90 -8.12
C SER C 49 -28.01 -0.01 -7.89
N ASN C 50 -27.83 -0.50 -6.67
CA ASN C 50 -26.82 -1.52 -6.38
C ASN C 50 -27.45 -2.65 -5.55
N PRO C 51 -28.49 -3.32 -6.07
CA PRO C 51 -29.16 -4.34 -5.28
C PRO C 51 -28.28 -5.53 -4.87
N LYS C 52 -27.25 -5.85 -5.65
CA LYS C 52 -26.35 -6.91 -5.27
C LYS C 52 -25.62 -6.57 -3.99
N LYS C 53 -25.35 -5.29 -3.77
CA LYS C 53 -24.71 -4.84 -2.53
C LYS C 53 -25.73 -4.32 -1.48
N ARG C 54 -27.00 -4.71 -1.67
CA ARG C 54 -28.13 -4.29 -0.82
C ARG C 54 -28.28 -2.76 -0.66
N ASN C 55 -27.88 -2.05 -1.73
CA ASN C 55 -27.96 -0.59 -1.90
C ASN C 55 -27.26 0.14 -0.76
N THR C 56 -26.10 -0.41 -0.43
CA THR C 56 -25.29 -0.02 0.68
C THR C 56 -24.90 1.45 0.48
N LEU C 57 -25.03 2.28 1.51
CA LEU C 57 -24.56 3.66 1.48
C LEU C 57 -23.04 3.76 1.69
N SER C 58 -22.33 3.22 0.71
CA SER C 58 -20.90 3.39 0.60
C SER C 58 -20.63 4.85 0.30
N LEU C 59 -19.40 5.26 0.50
CA LEU C 59 -19.03 6.62 0.21
C LEU C 59 -19.37 6.92 -1.25
N ALA C 60 -19.11 5.95 -2.14
CA ALA C 60 -19.36 6.10 -3.53
C ALA C 60 -20.86 6.31 -3.85
N MET C 61 -21.72 5.43 -3.37
CA MET C 61 -23.17 5.57 -3.47
C MET C 61 -23.72 6.91 -2.91
N LEU C 62 -23.18 7.36 -1.79
CA LEU C 62 -23.59 8.60 -1.12
C LEU C 62 -23.31 9.83 -2.00
N LYS C 63 -22.16 9.78 -2.66
CA LYS C 63 -21.71 10.84 -3.57
C LYS C 63 -22.48 10.90 -4.88
N SER C 64 -22.86 9.75 -5.38
CA SER C 64 -23.75 9.62 -6.53
C SER C 64 -25.14 10.19 -6.23
N LEU C 65 -25.67 9.79 -5.07
CA LEU C 65 -26.89 10.33 -4.49
C LEU C 65 -26.85 11.86 -4.26
N GLN C 66 -25.86 12.35 -3.51
CA GLN C 66 -25.65 13.77 -3.33
C GLN C 66 -25.71 14.52 -4.64
N SER C 67 -25.06 13.96 -5.63
CA SER C 67 -24.94 14.58 -6.93
C SER C 67 -26.25 14.68 -7.69
N ASP C 68 -27.03 13.61 -7.68
CA ASP C 68 -28.33 13.56 -8.33
C ASP C 68 -29.35 14.46 -7.66
N ILE C 69 -29.23 14.63 -6.35
CA ILE C 69 -30.12 15.50 -5.57
C ILE C 69 -29.79 16.98 -5.87
N LEU C 70 -28.53 17.33 -5.83
CA LEU C 70 -28.12 18.72 -6.09
C LEU C 70 -28.20 19.17 -7.56
N HIS C 71 -28.09 18.26 -8.50
CA HIS C 71 -28.12 18.60 -9.90
C HIS C 71 -29.27 19.51 -10.29
N ASP C 72 -28.90 20.70 -10.74
CA ASP C 72 -29.89 21.59 -11.28
C ASP C 72 -31.06 21.84 -10.33
N ALA C 73 -30.75 22.01 -9.05
CA ALA C 73 -31.74 22.01 -7.97
C ALA C 73 -32.57 23.25 -8.00
N ASP C 74 -32.06 24.34 -8.55
CA ASP C 74 -32.85 25.54 -8.68
C ASP C 74 -33.53 25.70 -10.03
N SER C 75 -33.52 24.69 -10.90
CA SER C 75 -34.27 24.76 -12.18
C SER C 75 -35.80 24.79 -11.89
N ASN C 76 -36.57 25.65 -12.55
CA ASN C 76 -38.04 25.67 -12.35
C ASN C 76 -38.73 24.44 -12.86
N ASP C 77 -38.04 23.66 -13.67
CA ASP C 77 -38.60 22.45 -14.23
C ASP C 77 -38.65 21.34 -13.21
N LEU C 78 -37.82 21.39 -12.15
CA LEU C 78 -37.83 20.41 -11.09
C LEU C 78 -38.84 20.85 -10.02
N LYS C 79 -39.81 19.97 -9.74
CA LYS C 79 -40.89 20.24 -8.79
C LYS C 79 -40.88 19.37 -7.54
N VAL C 80 -40.28 18.17 -7.67
CA VAL C 80 -40.33 17.17 -6.62
C VAL C 80 -39.40 15.97 -6.92
N ILE C 81 -38.73 15.49 -5.87
CA ILE C 81 -37.79 14.37 -5.91
C ILE C 81 -38.35 13.16 -5.20
N ILE C 82 -38.36 11.99 -5.88
CA ILE C 82 -38.67 10.69 -5.27
C ILE C 82 -37.32 9.92 -5.17
N ILE C 83 -37.02 9.39 -3.99
CA ILE C 83 -35.85 8.54 -3.81
C ILE C 83 -36.42 7.17 -3.60
N SER C 84 -36.17 6.28 -4.56
CA SER C 84 -36.51 4.86 -4.47
C SER C 84 -35.26 3.94 -4.57
N ALA C 85 -35.50 2.63 -4.50
CA ALA C 85 -34.46 1.60 -4.55
C ALA C 85 -34.82 0.47 -5.48
N GLU C 86 -33.77 -0.04 -6.10
CA GLU C 86 -33.75 -1.32 -6.84
C GLU C 86 -33.66 -2.50 -5.83
N GLY C 87 -34.64 -3.39 -5.90
CA GLY C 87 -34.59 -4.63 -5.22
C GLY C 87 -35.36 -4.73 -3.91
N PRO C 88 -35.12 -5.83 -3.18
CA PRO C 88 -35.81 -6.14 -1.92
C PRO C 88 -35.27 -5.46 -0.67
N VAL C 89 -34.09 -4.86 -0.75
CA VAL C 89 -33.56 -3.98 0.33
C VAL C 89 -33.51 -2.48 -0.12
N PHE C 90 -34.24 -1.59 0.59
CA PHE C 90 -34.16 -0.18 0.25
C PHE C 90 -32.71 0.22 0.33
N SER C 91 -32.16 -0.01 1.52
CA SER C 91 -30.74 0.10 1.80
C SER C 91 -30.46 -0.52 3.16
N SER C 92 -29.29 -1.18 3.22
CA SER C 92 -28.77 -1.85 4.41
C SER C 92 -27.94 -0.91 5.29
N GLY C 93 -27.73 0.32 4.82
CA GLY C 93 -26.85 1.23 5.51
C GLY C 93 -25.47 1.27 4.95
N HIS C 94 -24.53 1.76 5.74
CA HIS C 94 -23.15 1.94 5.29
C HIS C 94 -22.47 0.61 4.97
N ASP C 95 -21.48 0.67 4.07
CA ASP C 95 -20.55 -0.42 3.79
C ASP C 95 -19.61 -0.60 5.00
N LEU C 96 -19.77 -1.70 5.74
CA LEU C 96 -19.02 -1.88 6.97
C LEU C 96 -17.50 -2.04 6.73
N LYS C 97 -17.12 -2.49 5.53
CA LYS C 97 -15.72 -2.56 5.14
C LYS C 97 -15.00 -1.23 5.16
N GLU C 98 -15.75 -0.16 4.91
CA GLU C 98 -15.24 1.20 4.93
C GLU C 98 -15.02 1.72 6.35
N LEU C 99 -15.61 1.04 7.34
CA LEU C 99 -15.52 1.43 8.73
C LEU C 99 -14.66 0.48 9.59
N THR C 100 -13.82 -0.31 8.92
CA THR C 100 -12.83 -1.14 9.59
C THR C 100 -11.66 -0.24 9.96
N GLU C 101 -10.87 -0.73 10.91
CA GLU C 101 -9.77 0.04 11.50
C GLU C 101 -8.75 0.54 10.48
N GLU C 102 -8.48 -0.26 9.44
CA GLU C 102 -7.38 0.04 8.51
C GLU C 102 -7.62 1.20 7.56
N GLN C 103 -8.90 1.56 7.38
CA GLN C 103 -9.27 2.67 6.51
C GLN C 103 -8.88 4.01 7.11
N GLY C 104 -8.77 4.07 8.44
CA GLY C 104 -8.29 5.26 9.13
C GLY C 104 -9.51 6.00 9.63
N ARG C 105 -9.34 6.74 10.74
CA ARG C 105 -10.47 7.45 11.34
C ARG C 105 -10.98 8.65 10.47
N ASP C 106 -10.09 9.25 9.68
CA ASP C 106 -10.40 10.32 8.72
C ASP C 106 -11.40 9.91 7.65
N TYR C 107 -11.26 8.66 7.23
CA TYR C 107 -12.12 8.05 6.23
C TYR C 107 -13.45 7.68 6.83
N HIS C 108 -13.40 7.20 8.07
CA HIS C 108 -14.63 6.98 8.84
C HIS C 108 -15.42 8.31 8.93
N ALA C 109 -14.74 9.34 9.46
CA ALA C 109 -15.28 10.71 9.48
C ALA C 109 -15.90 11.10 8.12
N GLU C 110 -15.19 10.93 7.02
CA GLU C 110 -15.77 11.23 5.73
C GLU C 110 -17.06 10.47 5.43
N VAL C 111 -17.17 9.20 5.82
CA VAL C 111 -18.39 8.44 5.49
C VAL C 111 -19.56 9.10 6.19
N PHE C 112 -19.44 9.30 7.49
CA PHE C 112 -20.55 9.77 8.28
C PHE C 112 -20.89 11.25 7.98
N GLN C 113 -19.89 12.04 7.57
CA GLN C 113 -20.07 13.47 7.27
C GLN C 113 -20.74 13.64 5.93
N THR C 114 -20.38 12.82 4.97
CA THR C 114 -20.94 12.94 3.64
C THR C 114 -22.39 12.59 3.75
N CYS C 115 -22.66 11.57 4.56
CA CYS C 115 -24.00 11.09 4.77
C CYS C 115 -24.88 12.15 5.44
N SER C 116 -24.38 12.75 6.51
CA SER C 116 -25.12 13.77 7.18
C SER C 116 -25.38 14.94 6.24
N LYS C 117 -24.36 15.39 5.50
CA LYS C 117 -24.47 16.40 4.42
C LYS C 117 -25.62 16.13 3.44
N VAL C 118 -25.85 14.87 3.09
CA VAL C 118 -26.92 14.48 2.18
C VAL C 118 -28.30 14.63 2.83
N MET C 119 -28.42 14.18 4.09
CA MET C 119 -29.65 14.35 4.88
C MET C 119 -29.95 15.84 4.96
N MET C 120 -28.95 16.62 5.23
CA MET C 120 -29.09 18.09 5.29
C MET C 120 -29.46 18.77 3.95
N HIS C 121 -28.83 18.33 2.85
CA HIS C 121 -29.32 18.69 1.51
C HIS C 121 -30.76 18.43 1.24
N ILE C 122 -31.25 17.27 1.64
CA ILE C 122 -32.63 16.93 1.47
C ILE C 122 -33.55 17.89 2.25
N ARG C 123 -33.21 18.11 3.52
CA ARG C 123 -33.94 19.01 4.40
C ARG C 123 -33.95 20.42 3.84
N ASN C 124 -32.74 20.95 3.48
CA ASN C 124 -32.61 22.27 2.88
C ASN C 124 -32.89 22.39 1.37
N HIS C 125 -33.23 21.28 0.70
CA HIS C 125 -33.57 21.34 -0.72
C HIS C 125 -34.76 22.26 -1.04
N PRO C 126 -34.72 22.95 -2.20
CA PRO C 126 -35.85 23.75 -2.66
C PRO C 126 -37.15 23.07 -2.87
N VAL C 127 -37.15 21.74 -3.11
CA VAL C 127 -38.37 21.01 -3.42
C VAL C 127 -38.59 19.89 -2.38
N PRO C 128 -39.82 19.41 -2.25
CA PRO C 128 -40.15 18.26 -1.44
C PRO C 128 -39.49 17.01 -1.92
N VAL C 129 -39.08 16.19 -0.97
CA VAL C 129 -38.40 14.93 -1.25
C VAL C 129 -39.19 13.85 -0.58
N ILE C 130 -39.51 12.82 -1.36
CA ILE C 130 -40.37 11.70 -1.00
C ILE C 130 -39.55 10.41 -1.06
N ALA C 131 -39.67 9.54 -0.04
CA ALA C 131 -39.07 8.17 -0.02
C ALA C 131 -40.13 7.25 -0.46
N MET C 132 -39.79 6.39 -1.38
CA MET C 132 -40.67 5.37 -1.80
C MET C 132 -39.99 4.05 -1.45
N VAL C 133 -40.54 3.27 -0.52
CA VAL C 133 -39.87 2.10 0.07
C VAL C 133 -40.68 0.89 -0.26
N ASN C 134 -40.00 -0.17 -0.75
CA ASN C 134 -40.62 -1.44 -1.02
C ASN C 134 -39.72 -2.56 -0.57
N GLY C 135 -39.54 -2.62 0.74
CA GLY C 135 -38.76 -3.64 1.43
C GLY C 135 -38.04 -3.05 2.63
N LEU C 136 -36.89 -3.66 2.94
CA LEU C 136 -36.12 -3.37 4.14
C LEU C 136 -35.22 -2.18 4.03
N ALA C 137 -35.37 -1.27 4.99
CA ALA C 137 -34.44 -0.14 5.19
C ALA C 137 -33.86 -0.30 6.58
N THR C 138 -32.53 -0.33 6.70
CA THR C 138 -31.88 -0.54 8.00
C THR C 138 -30.74 0.44 8.18
N ALA C 139 -30.55 0.88 9.42
CA ALA C 139 -29.46 1.73 9.82
C ALA C 139 -29.51 3.04 9.04
N ALA C 140 -28.43 3.41 8.36
CA ALA C 140 -28.42 4.65 7.59
C ALA C 140 -29.48 4.64 6.45
N GLY C 141 -29.97 3.46 6.05
CA GLY C 141 -31.08 3.31 5.11
C GLY C 141 -32.36 3.82 5.71
N CYS C 142 -32.54 3.51 6.99
CA CYS C 142 -33.69 3.95 7.74
C CYS C 142 -33.53 5.48 8.00
N GLN C 143 -32.28 5.91 8.32
CA GLN C 143 -31.98 7.30 8.38
C GLN C 143 -32.50 8.02 7.10
N LEU C 144 -32.31 7.48 5.90
CA LEU C 144 -32.62 8.26 4.70
C LEU C 144 -34.12 8.39 4.51
N VAL C 145 -34.86 7.34 4.81
CA VAL C 145 -36.31 7.39 4.77
C VAL C 145 -36.80 8.52 5.68
N ALA C 146 -36.33 8.49 6.92
CA ALA C 146 -36.73 9.42 8.00
C ALA C 146 -36.38 10.85 7.70
N SER C 147 -35.28 11.05 6.95
CA SER C 147 -34.90 12.39 6.55
C SER C 147 -35.75 13.03 5.43
N CYS C 148 -36.57 12.25 4.72
CA CYS C 148 -37.33 12.76 3.61
C CYS C 148 -38.53 13.48 4.17
N ASP C 149 -39.16 14.35 3.38
CA ASP C 149 -40.33 15.16 3.82
C ASP C 149 -41.56 14.26 4.00
N ILE C 150 -41.74 13.40 2.99
CA ILE C 150 -42.82 12.41 2.93
C ILE C 150 -42.15 11.08 2.67
N ALA C 151 -42.78 10.03 3.12
CA ALA C 151 -42.32 8.65 2.93
C ALA C 151 -43.54 7.79 2.69
N VAL C 152 -43.58 7.04 1.56
CA VAL C 152 -44.65 6.09 1.27
C VAL C 152 -43.96 4.75 1.26
N ALA C 153 -44.57 3.74 1.88
CA ALA C 153 -44.00 2.39 1.84
C ALA C 153 -45.11 1.43 1.49
N SER C 154 -44.68 0.32 0.93
CA SER C 154 -45.48 -0.85 0.82
C SER C 154 -45.54 -1.61 2.17
N ASP C 155 -46.65 -2.31 2.32
CA ASP C 155 -47.00 -2.93 3.57
C ASP C 155 -46.01 -4.00 4.08
N LYS C 156 -45.21 -4.52 3.17
CA LYS C 156 -44.21 -5.52 3.46
C LYS C 156 -42.87 -4.95 3.87
N SER C 157 -42.70 -3.61 3.74
CA SER C 157 -41.46 -2.98 4.15
C SER C 157 -41.27 -3.07 5.66
N SER C 158 -40.04 -2.78 6.08
CA SER C 158 -39.68 -2.78 7.50
C SER C 158 -38.41 -1.98 7.66
N PHE C 159 -38.18 -1.54 8.90
CA PHE C 159 -37.22 -0.51 9.28
C PHE C 159 -36.59 -0.95 10.56
N ALA C 160 -35.27 -0.75 10.66
CA ALA C 160 -34.56 -1.11 11.84
C ALA C 160 -33.34 -0.24 11.96
N THR C 161 -32.79 -0.18 13.17
CA THR C 161 -31.49 0.45 13.45
C THR C 161 -30.70 -0.58 14.29
N PRO C 162 -30.04 -1.54 13.61
CA PRO C 162 -29.33 -2.63 14.28
C PRO C 162 -27.82 -2.53 14.36
N GLY C 163 -27.26 -1.34 14.34
CA GLY C 163 -25.80 -1.18 14.40
C GLY C 163 -25.18 -1.84 15.62
N VAL C 164 -25.98 -1.92 16.66
CA VAL C 164 -25.58 -2.43 17.97
C VAL C 164 -25.20 -3.92 17.84
N ASN C 165 -25.84 -4.64 16.91
CA ASN C 165 -25.55 -6.06 16.67
C ASN C 165 -24.18 -6.30 16.02
N VAL C 166 -23.68 -5.29 15.32
CA VAL C 166 -22.33 -5.31 14.80
C VAL C 166 -21.41 -4.36 15.55
N GLY C 167 -21.70 -4.02 16.80
CA GLY C 167 -20.82 -3.16 17.64
C GLY C 167 -20.79 -1.67 17.33
N LEU C 168 -21.71 -1.20 16.49
CA LEU C 168 -21.71 0.19 16.09
C LEU C 168 -23.13 0.70 16.25
N PHE C 169 -23.34 1.43 17.34
CA PHE C 169 -24.64 1.91 17.67
C PHE C 169 -25.11 2.79 16.54
N CYS C 170 -26.39 2.69 16.16
CA CYS C 170 -26.93 3.56 15.13
C CYS C 170 -27.19 4.96 15.67
N SER C 171 -26.13 5.67 15.98
CA SER C 171 -26.23 6.95 16.55
C SER C 171 -26.68 8.00 15.55
N THR C 172 -26.05 7.98 14.38
CA THR C 172 -26.41 8.86 13.27
C THR C 172 -27.86 8.63 12.90
N PRO C 173 -28.18 7.41 12.46
CA PRO C 173 -29.58 7.11 12.22
C PRO C 173 -30.52 7.57 13.33
N GLY C 174 -30.06 7.49 14.56
CA GLY C 174 -30.85 7.89 15.71
C GLY C 174 -31.28 9.33 15.74
N VAL C 175 -30.56 10.17 15.02
CA VAL C 175 -30.91 11.55 14.94
C VAL C 175 -32.22 11.77 14.21
N ALA C 176 -32.37 11.13 13.06
CA ALA C 176 -33.54 11.25 12.26
C ALA C 176 -34.68 10.46 12.90
N LEU C 177 -34.31 9.31 13.47
CA LEU C 177 -35.36 8.45 14.14
C LEU C 177 -35.92 9.14 15.36
N ALA C 178 -35.12 9.85 16.12
CA ALA C 178 -35.61 10.59 17.29
C ALA C 178 -36.64 11.72 16.96
N ARG C 179 -36.54 12.29 15.76
CA ARG C 179 -37.42 13.29 15.26
C ARG C 179 -38.64 12.76 14.45
N ALA C 180 -38.73 11.43 14.32
CA ALA C 180 -39.73 10.76 13.57
C ALA C 180 -40.72 10.09 14.54
N VAL C 181 -40.20 9.41 15.57
CA VAL C 181 -41.02 8.51 16.40
C VAL C 181 -40.84 8.84 17.90
N PRO C 182 -41.69 8.28 18.77
CA PRO C 182 -41.49 8.53 20.18
C PRO C 182 -40.23 7.86 20.69
N ARG C 183 -39.73 8.37 21.80
CA ARG C 183 -38.47 7.96 22.37
C ARG C 183 -38.51 6.50 22.79
N LYS C 184 -39.65 6.10 23.32
CA LYS C 184 -39.90 4.75 23.74
C LYS C 184 -39.82 3.76 22.62
N VAL C 185 -40.26 4.17 21.42
CA VAL C 185 -40.16 3.37 20.17
C VAL C 185 -38.72 3.38 19.65
N ALA C 186 -38.14 4.59 19.54
CA ALA C 186 -36.79 4.79 19.07
C ALA C 186 -35.75 4.05 19.89
N LEU C 187 -35.87 4.10 21.20
CA LEU C 187 -34.85 3.51 22.08
C LEU C 187 -34.90 1.99 22.10
N GLU C 188 -36.10 1.42 21.93
CA GLU C 188 -36.26 -0.01 21.75
C GLU C 188 -35.77 -0.44 20.42
N MET C 189 -35.87 0.42 19.40
CA MET C 189 -35.23 0.11 18.09
C MET C 189 -33.71 0.07 18.11
N LEU C 190 -33.17 1.06 18.78
CA LEU C 190 -31.76 1.34 18.86
C LEU C 190 -31.03 0.39 19.81
N PHE C 191 -31.66 0.07 20.92
CA PHE C 191 -31.04 -0.83 21.95
C PHE C 191 -31.22 -2.30 21.64
N THR C 192 -32.29 -2.68 20.95
CA THR C 192 -32.55 -4.09 20.61
C THR C 192 -32.28 -4.47 19.13
N GLY C 193 -32.11 -3.51 18.25
CA GLY C 193 -31.88 -3.79 16.82
C GLY C 193 -33.04 -4.47 16.08
N GLU C 194 -34.16 -4.72 16.74
CA GLU C 194 -35.32 -5.36 16.12
C GLU C 194 -36.11 -4.43 15.17
N PRO C 195 -36.61 -4.98 14.05
CA PRO C 195 -37.23 -4.10 13.07
C PRO C 195 -38.70 -3.83 13.43
N ILE C 196 -39.27 -2.75 12.89
CA ILE C 196 -40.71 -2.55 13.02
C ILE C 196 -41.38 -2.74 11.65
N SER C 197 -42.65 -3.19 11.63
CA SER C 197 -43.40 -3.32 10.36
C SER C 197 -43.70 -1.96 9.76
N ALA C 198 -44.27 -1.93 8.56
CA ALA C 198 -44.62 -0.66 7.88
C ALA C 198 -45.80 -0.02 8.57
N GLN C 199 -46.70 -0.87 9.02
CA GLN C 199 -47.88 -0.47 9.73
C GLN C 199 -47.57 0.15 11.10
N GLU C 200 -46.57 -0.42 11.79
CA GLU C 200 -46.03 0.22 13.02
C GLU C 200 -45.31 1.51 12.78
N ALA C 201 -44.55 1.57 11.68
CA ALA C 201 -43.93 2.85 11.25
C ALA C 201 -44.95 3.91 10.97
N LEU C 202 -46.06 3.49 10.34
CA LEU C 202 -47.09 4.44 9.95
C LEU C 202 -47.73 4.98 11.23
N LEU C 203 -48.08 4.07 12.11
CA LEU C 203 -48.68 4.45 13.38
C LEU C 203 -47.82 5.43 14.20
N HIS C 204 -46.53 5.25 14.25
CA HIS C 204 -45.68 6.09 15.12
C HIS C 204 -45.00 7.27 14.49
N GLY C 205 -45.22 7.50 13.19
CA GLY C 205 -44.73 8.67 12.52
C GLY C 205 -43.55 8.61 11.59
N LEU C 206 -43.01 7.43 11.36
CA LEU C 206 -41.82 7.26 10.45
C LEU C 206 -42.21 7.39 9.01
N LEU C 207 -43.46 7.10 8.70
CA LEU C 207 -44.01 7.11 7.36
C LEU C 207 -45.31 7.92 7.30
N SER C 208 -45.65 8.43 6.11
CA SER C 208 -46.82 9.19 5.83
C SER C 208 -47.93 8.28 5.38
N LYS C 209 -47.56 7.29 4.52
CA LYS C 209 -48.49 6.37 3.97
C LYS C 209 -47.90 4.97 3.84
N VAL C 210 -48.80 3.98 3.92
CA VAL C 210 -48.52 2.58 3.63
C VAL C 210 -49.60 2.08 2.64
N VAL C 211 -49.21 1.31 1.62
CA VAL C 211 -50.20 0.74 0.66
C VAL C 211 -49.69 -0.63 0.23
N PRO C 212 -50.56 -1.45 -0.37
CA PRO C 212 -50.05 -2.68 -0.97
C PRO C 212 -48.98 -2.42 -2.02
N GLU C 213 -47.98 -3.29 -2.10
CA GLU C 213 -46.97 -3.19 -3.11
C GLU C 213 -47.47 -2.81 -4.53
N ALA C 214 -48.57 -3.42 -4.95
CA ALA C 214 -49.10 -3.25 -6.30
C ALA C 214 -49.45 -1.82 -6.55
N GLU C 215 -49.81 -1.08 -5.49
CA GLU C 215 -50.20 0.32 -5.53
C GLU C 215 -49.14 1.34 -5.13
N LEU C 216 -47.99 0.90 -4.66
CA LEU C 216 -46.93 1.82 -4.23
C LEU C 216 -46.62 2.93 -5.23
N GLN C 217 -46.49 2.56 -6.48
CA GLN C 217 -46.11 3.53 -7.51
C GLN C 217 -47.30 4.47 -7.79
N GLU C 218 -48.53 3.96 -7.88
CA GLU C 218 -49.65 4.85 -8.08
C GLU C 218 -49.82 5.87 -6.91
N GLU C 219 -49.69 5.39 -5.68
CA GLU C 219 -49.82 6.20 -4.51
C GLU C 219 -48.69 7.28 -4.36
N THR C 220 -47.44 6.88 -4.60
CA THR C 220 -46.38 7.82 -4.60
C THR C 220 -46.56 8.87 -5.70
N MET C 221 -46.98 8.46 -6.89
CA MET C 221 -47.11 9.42 -7.98
C MET C 221 -48.32 10.38 -7.80
N ARG C 222 -49.42 9.88 -7.21
CA ARG C 222 -50.46 10.72 -6.66
C ARG C 222 -49.91 11.92 -5.87
N ILE C 223 -49.07 11.67 -4.86
CA ILE C 223 -48.44 12.76 -4.07
C ILE C 223 -47.45 13.62 -4.93
N ALA C 224 -46.54 13.00 -5.65
CA ALA C 224 -45.60 13.69 -6.56
C ALA C 224 -46.24 14.58 -7.62
N ARG C 225 -47.26 14.06 -8.29
CA ARG C 225 -47.99 14.85 -9.27
C ARG C 225 -48.74 16.05 -8.69
N LYS C 226 -49.34 15.86 -7.52
CA LYS C 226 -50.04 16.92 -6.82
C LYS C 226 -49.01 17.97 -6.55
N ILE C 227 -47.89 17.59 -5.98
CA ILE C 227 -46.85 18.58 -5.74
C ILE C 227 -46.38 19.27 -7.01
N ALA C 228 -46.22 18.53 -8.08
CA ALA C 228 -45.70 19.09 -9.32
C ALA C 228 -46.75 20.03 -9.99
N SER C 229 -48.04 19.87 -9.61
CA SER C 229 -49.12 20.66 -10.14
C SER C 229 -49.35 21.98 -9.41
N LEU C 230 -48.56 22.24 -8.36
CA LEU C 230 -48.66 23.45 -7.56
C LEU C 230 -47.53 24.40 -7.90
N SER C 231 -47.58 25.62 -7.35
CA SER C 231 -46.53 26.61 -7.57
C SER C 231 -45.26 26.25 -6.84
N ARG C 232 -44.17 26.16 -7.61
CA ARG C 232 -42.87 25.93 -7.06
C ARG C 232 -42.48 26.95 -6.04
N PRO C 233 -42.58 28.24 -6.36
CA PRO C 233 -42.13 29.15 -5.33
C PRO C 233 -42.99 29.15 -4.08
N VAL C 234 -44.29 28.85 -4.16
CA VAL C 234 -45.13 28.79 -2.98
C VAL C 234 -44.68 27.57 -2.19
N VAL C 235 -44.49 26.43 -2.82
CA VAL C 235 -44.15 25.20 -2.13
C VAL C 235 -42.72 25.29 -1.54
N SER C 236 -41.82 25.96 -2.24
CA SER C 236 -40.44 26.12 -1.77
C SER C 236 -40.36 27.01 -0.53
N LEU C 237 -41.06 28.12 -0.52
CA LEU C 237 -41.13 28.97 0.65
C LEU C 237 -41.88 28.19 1.77
N GLY C 238 -42.96 27.53 1.44
CA GLY C 238 -43.62 26.68 2.42
C GLY C 238 -42.67 25.74 3.14
N LYS C 239 -41.73 25.17 2.43
CA LYS C 239 -40.89 24.07 3.01
C LYS C 239 -39.84 24.69 3.91
N ALA C 240 -39.12 25.66 3.38
CA ALA C 240 -38.14 26.35 4.14
C ALA C 240 -38.68 26.97 5.43
N THR C 241 -39.79 27.69 5.33
CA THR C 241 -40.42 28.27 6.47
C THR C 241 -40.81 27.32 7.55
N PHE C 242 -41.27 26.13 7.11
CA PHE C 242 -41.69 25.13 8.01
C PHE C 242 -40.47 24.70 8.87
N TYR C 243 -39.34 24.35 8.24
CA TYR C 243 -38.18 23.95 9.03
C TYR C 243 -37.53 25.06 9.85
N LYS C 244 -37.69 26.30 9.43
CA LYS C 244 -37.16 27.44 10.19
C LYS C 244 -38.02 27.65 11.49
N GLN C 245 -39.34 27.45 11.44
CA GLN C 245 -40.22 27.75 12.59
C GLN C 245 -40.22 26.59 13.56
N LEU C 246 -40.00 25.41 13.05
CA LEU C 246 -40.08 24.18 13.85
C LEU C 246 -39.38 24.15 15.19
N PRO C 247 -38.12 24.65 15.27
CA PRO C 247 -37.52 24.60 16.61
C PRO C 247 -37.81 25.81 17.51
N GLN C 248 -38.54 26.79 17.01
CA GLN C 248 -38.79 27.99 17.77
C GLN C 248 -39.84 27.88 18.89
N ASP C 249 -39.84 28.83 19.80
CA ASP C 249 -40.96 28.98 20.67
C ASP C 249 -42.11 29.50 19.83
N LEU C 250 -43.31 29.42 20.44
CA LEU C 250 -44.53 29.58 19.73
C LEU C 250 -44.69 31.01 19.21
N GLY C 251 -44.37 31.98 20.03
CA GLY C 251 -44.43 33.35 19.62
C GLY C 251 -43.55 33.66 18.42
N THR C 252 -42.30 33.25 18.47
CA THR C 252 -41.38 33.44 17.37
C THR C 252 -41.75 32.60 16.15
N ALA C 253 -42.13 31.38 16.32
CA ALA C 253 -42.65 30.61 15.20
C ALA C 253 -43.76 31.40 14.51
N TYR C 254 -44.69 32.00 15.23
CA TYR C 254 -45.80 32.83 14.61
C TYR C 254 -45.37 34.18 13.99
N TYR C 255 -44.39 34.86 14.56
CA TYR C 255 -43.79 36.04 13.88
C TYR C 255 -43.22 35.62 12.51
N LEU C 256 -42.47 34.53 12.53
CA LEU C 256 -41.80 34.07 11.37
C LEU C 256 -42.81 33.70 10.29
N THR C 257 -43.80 32.84 10.62
CA THR C 257 -44.72 32.35 9.65
C THR C 257 -45.69 33.38 9.13
N SER C 258 -46.16 34.26 9.99
CA SER C 258 -47.03 35.39 9.59
C SER C 258 -46.38 36.24 8.52
N GLN C 259 -45.13 36.50 8.68
CA GLN C 259 -44.34 37.35 7.81
C GLN C 259 -44.10 36.64 6.49
N ALA C 260 -44.18 35.30 6.52
CA ALA C 260 -43.98 34.50 5.34
C ALA C 260 -45.25 34.39 4.51
N MET C 261 -46.40 34.31 5.20
CA MET C 261 -47.70 34.42 4.55
C MET C 261 -47.81 35.76 3.80
N VAL C 262 -47.41 36.85 4.43
CA VAL C 262 -47.43 38.17 3.78
C VAL C 262 -46.55 38.25 2.57
N ASP C 263 -45.34 37.70 2.66
CA ASP C 263 -44.51 37.47 1.49
C ASP C 263 -45.14 36.51 0.44
N ASN C 264 -45.72 35.40 0.85
CA ASN C 264 -46.38 34.52 -0.11
C ASN C 264 -47.40 35.38 -0.93
N LEU C 265 -48.19 36.21 -0.26
CA LEU C 265 -49.22 37.05 -0.87
C LEU C 265 -48.70 38.02 -1.90
N ALA C 266 -47.46 38.48 -1.77
CA ALA C 266 -46.80 39.38 -2.69
C ALA C 266 -46.20 38.66 -3.94
N LEU C 267 -46.20 37.33 -3.98
CA LEU C 267 -45.85 36.55 -5.16
C LEU C 267 -46.99 36.52 -6.14
N ARG C 268 -46.59 36.49 -7.42
CA ARG C 268 -47.50 36.49 -8.51
C ARG C 268 -48.44 35.29 -8.41
N ASP C 269 -47.85 34.12 -8.11
CA ASP C 269 -48.59 32.89 -7.89
C ASP C 269 -49.47 32.88 -6.64
N GLY C 270 -49.08 33.61 -5.64
CA GLY C 270 -50.01 33.93 -4.58
C GLY C 270 -51.33 34.60 -5.01
N GLN C 271 -51.20 35.67 -5.77
CA GLN C 271 -52.37 36.41 -6.21
C GLN C 271 -53.14 35.67 -7.32
N GLU C 272 -52.42 34.94 -8.16
CA GLU C 272 -53.07 34.07 -9.13
C GLU C 272 -53.91 33.02 -8.45
N GLY C 273 -53.37 32.43 -7.39
CA GLY C 273 -54.10 31.37 -6.70
C GLY C 273 -55.41 31.77 -6.05
N ILE C 274 -55.38 32.93 -5.40
CA ILE C 274 -56.54 33.53 -4.76
C ILE C 274 -57.55 33.98 -5.81
N THR C 275 -57.10 34.79 -6.77
CA THR C 275 -57.93 35.22 -7.86
C THR C 275 -58.66 34.04 -8.50
N ALA C 276 -57.93 33.01 -8.88
CA ALA C 276 -58.52 31.82 -9.45
C ALA C 276 -59.65 31.29 -8.58
N PHE C 277 -59.43 31.23 -7.27
CA PHE C 277 -60.43 30.67 -6.37
C PHE C 277 -61.70 31.53 -6.31
N LEU C 278 -61.48 32.81 -6.11
CA LEU C 278 -62.50 33.81 -6.08
C LEU C 278 -63.28 33.86 -7.41
N GLN C 279 -62.59 33.67 -8.53
CA GLN C 279 -63.22 33.55 -9.87
C GLN C 279 -63.66 32.15 -10.25
N LYS C 280 -63.71 31.22 -9.30
CA LYS C 280 -64.15 29.85 -9.54
C LYS C 280 -63.49 29.18 -10.75
N ARG C 281 -62.15 29.19 -10.85
CA ARG C 281 -61.42 28.58 -11.99
C ARG C 281 -60.02 28.01 -11.60
N LYS C 282 -59.32 27.38 -12.54
CA LYS C 282 -58.07 26.74 -12.25
C LYS C 282 -56.93 27.77 -12.29
N PRO C 283 -56.02 27.71 -11.33
CA PRO C 283 -54.89 28.60 -11.37
C PRO C 283 -53.86 28.14 -12.39
N VAL C 284 -53.18 29.10 -13.01
CA VAL C 284 -52.13 28.82 -13.94
C VAL C 284 -50.91 29.45 -13.34
N TRP C 285 -50.03 28.59 -12.88
CA TRP C 285 -48.86 29.00 -12.17
C TRP C 285 -47.85 29.38 -13.20
N SER C 286 -47.07 30.41 -12.92
CA SER C 286 -45.97 30.74 -13.77
C SER C 286 -44.68 30.18 -13.15
N HIS C 287 -44.63 30.09 -11.78
CA HIS C 287 -43.38 29.86 -10.99
C HIS C 287 -42.25 30.92 -11.29
N PRO D 32 37.35 -46.83 -42.89
CA PRO D 32 37.37 -46.69 -41.41
C PRO D 32 35.99 -46.98 -40.81
N ARG D 33 35.89 -47.75 -39.71
CA ARG D 33 34.55 -48.01 -39.10
C ARG D 33 34.03 -46.69 -38.55
N PRO D 34 32.71 -46.44 -38.70
CA PRO D 34 32.29 -45.05 -38.39
C PRO D 34 32.37 -44.72 -36.88
N THR D 35 32.16 -45.70 -36.01
CA THR D 35 32.47 -45.58 -34.56
C THR D 35 33.65 -46.49 -34.19
N SER D 36 34.34 -46.13 -33.11
CA SER D 36 35.29 -47.06 -32.50
C SER D 36 35.12 -47.06 -30.99
N ALA D 37 35.06 -48.24 -30.42
CA ALA D 37 34.83 -48.36 -29.01
C ALA D 37 35.90 -49.20 -28.32
N ARG D 38 36.11 -48.83 -27.07
CA ARG D 38 37.03 -49.49 -26.18
CA ARG D 38 37.00 -49.54 -26.19
C ARG D 38 36.49 -49.44 -24.76
N GLN D 39 36.92 -50.35 -23.92
CA GLN D 39 36.48 -50.43 -22.54
C GLN D 39 37.64 -50.79 -21.59
N LEU D 40 37.69 -50.06 -20.48
CA LEU D 40 38.75 -50.18 -19.50
C LEU D 40 38.25 -49.68 -18.17
N ASP D 41 38.34 -50.54 -17.15
CA ASP D 41 37.94 -50.23 -15.76
C ASP D 41 36.48 -49.81 -15.59
N GLY D 42 35.62 -50.42 -16.41
CA GLY D 42 34.20 -50.18 -16.35
C GLY D 42 33.65 -49.10 -17.30
N ILE D 43 34.56 -48.36 -17.95
CA ILE D 43 34.26 -47.20 -18.72
C ILE D 43 34.44 -47.55 -20.16
N ARG D 44 33.34 -47.66 -20.91
CA ARG D 44 33.40 -47.79 -22.35
C ARG D 44 33.42 -46.42 -23.01
N ASN D 45 34.46 -46.05 -23.75
CA ASN D 45 34.41 -44.89 -24.60
C ASN D 45 34.09 -45.30 -26.03
N ILE D 46 32.98 -44.76 -26.55
CA ILE D 46 32.55 -44.92 -27.97
C ILE D 46 32.79 -43.59 -28.66
N VAL D 47 33.50 -43.64 -29.75
CA VAL D 47 33.95 -42.42 -30.42
C VAL D 47 33.44 -42.40 -31.87
N LEU D 48 32.86 -41.27 -32.24
CA LEU D 48 32.48 -41.04 -33.64
C LEU D 48 33.74 -40.70 -34.38
N SER D 49 34.05 -41.54 -35.37
CA SER D 49 35.35 -41.57 -36.01
C SER D 49 35.30 -41.32 -37.52
N ASN D 50 34.46 -40.39 -37.94
CA ASN D 50 34.41 -39.99 -39.34
C ASN D 50 34.39 -38.48 -39.51
N PRO D 51 35.41 -37.79 -38.94
CA PRO D 51 35.60 -36.34 -39.05
C PRO D 51 35.55 -35.75 -40.45
N LYS D 52 36.00 -36.48 -41.48
CA LYS D 52 35.97 -35.96 -42.88
C LYS D 52 34.53 -35.79 -43.38
N LYS D 53 33.62 -36.61 -42.87
CA LYS D 53 32.18 -36.49 -43.12
C LYS D 53 31.42 -35.84 -41.91
N ARG D 54 32.17 -35.08 -41.10
CA ARG D 54 31.61 -34.25 -40.03
C ARG D 54 30.87 -35.07 -38.95
N ASN D 55 31.29 -36.33 -38.79
CA ASN D 55 30.63 -37.30 -37.89
C ASN D 55 29.15 -37.45 -38.17
N THR D 56 28.77 -37.25 -39.43
CA THR D 56 27.38 -37.30 -39.84
C THR D 56 26.69 -38.63 -39.43
N LEU D 57 25.44 -38.53 -38.98
CA LEU D 57 24.67 -39.67 -38.47
C LEU D 57 23.95 -40.33 -39.62
N SER D 58 24.77 -40.83 -40.54
CA SER D 58 24.28 -41.61 -41.64
C SER D 58 23.75 -42.90 -41.08
N LEU D 59 23.09 -43.70 -41.91
CA LEU D 59 22.50 -44.93 -41.43
C LEU D 59 23.60 -45.85 -40.97
N ALA D 60 24.64 -45.94 -41.81
CA ALA D 60 25.85 -46.73 -41.49
C ALA D 60 26.38 -46.39 -40.08
N MET D 61 26.64 -45.11 -39.84
CA MET D 61 27.08 -44.56 -38.53
C MET D 61 26.14 -44.84 -37.36
N LEU D 62 24.84 -44.75 -37.63
CA LEU D 62 23.86 -45.07 -36.63
C LEU D 62 23.88 -46.55 -36.20
N LYS D 63 23.92 -47.46 -37.15
CA LYS D 63 23.94 -48.90 -36.84
C LYS D 63 25.21 -49.29 -36.08
N SER D 64 26.33 -48.63 -36.43
CA SER D 64 27.64 -48.77 -35.76
C SER D 64 27.59 -48.30 -34.28
N LEU D 65 27.15 -47.07 -34.05
CA LEU D 65 26.94 -46.55 -32.74
C LEU D 65 26.03 -47.51 -31.95
N GLN D 66 24.91 -47.91 -32.57
CA GLN D 66 23.97 -48.81 -31.92
C GLN D 66 24.63 -50.10 -31.43
N SER D 67 25.37 -50.73 -32.31
CA SER D 67 26.09 -51.96 -32.01
C SER D 67 27.05 -51.82 -30.80
N ASP D 68 27.78 -50.70 -30.76
CA ASP D 68 28.74 -50.38 -29.71
C ASP D 68 28.10 -50.03 -28.37
N ILE D 69 26.91 -49.43 -28.42
CA ILE D 69 26.11 -49.17 -27.25
C ILE D 69 25.60 -50.48 -26.70
N LEU D 70 25.08 -51.36 -27.56
CA LEU D 70 24.39 -52.58 -27.11
C LEU D 70 25.30 -53.77 -26.75
N HIS D 71 26.56 -53.68 -27.17
CA HIS D 71 27.50 -54.80 -27.03
C HIS D 71 27.74 -55.10 -25.56
N ASP D 72 27.53 -56.35 -25.20
CA ASP D 72 27.85 -56.84 -23.85
C ASP D 72 27.24 -55.97 -22.75
N ALA D 73 26.03 -55.49 -23.01
CA ALA D 73 25.43 -54.41 -22.25
C ALA D 73 25.04 -54.84 -20.80
N ASP D 74 24.84 -56.14 -20.58
CA ASP D 74 24.54 -56.66 -19.24
C ASP D 74 25.75 -57.25 -18.50
N SER D 75 26.92 -57.19 -19.13
CA SER D 75 28.17 -57.46 -18.45
C SER D 75 28.30 -56.60 -17.20
N ASN D 76 28.41 -57.25 -16.06
CA ASN D 76 28.76 -56.60 -14.83
C ASN D 76 30.01 -55.74 -14.93
N ASP D 77 30.82 -55.96 -15.96
CA ASP D 77 32.06 -55.22 -16.13
C ASP D 77 31.87 -53.86 -16.85
N LEU D 78 30.74 -53.69 -17.56
CA LEU D 78 30.33 -52.37 -18.10
C LEU D 78 29.60 -51.61 -16.95
N LYS D 79 30.12 -50.43 -16.64
CA LYS D 79 29.62 -49.56 -15.59
C LYS D 79 29.12 -48.25 -16.18
N VAL D 80 29.66 -47.80 -17.30
CA VAL D 80 29.38 -46.45 -17.83
C VAL D 80 29.88 -46.30 -19.26
N ILE D 81 29.13 -45.55 -20.09
CA ILE D 81 29.49 -45.25 -21.49
C ILE D 81 29.78 -43.75 -21.67
N ILE D 82 30.88 -43.40 -22.37
CA ILE D 82 31.10 -42.01 -22.76
C ILE D 82 31.05 -41.98 -24.27
N ILE D 83 30.24 -41.10 -24.85
CA ILE D 83 30.21 -40.91 -26.30
C ILE D 83 30.91 -39.60 -26.54
N SER D 84 31.97 -39.68 -27.33
CA SER D 84 32.78 -38.54 -27.75
C SER D 84 32.91 -38.60 -29.29
N ALA D 85 33.57 -37.62 -29.88
CA ALA D 85 33.72 -37.55 -31.34
C ALA D 85 35.08 -37.06 -31.69
N GLU D 86 35.58 -37.56 -32.80
CA GLU D 86 36.87 -37.19 -33.36
C GLU D 86 36.73 -35.93 -34.23
N GLY D 87 37.48 -34.86 -33.94
CA GLY D 87 37.44 -33.62 -34.74
C GLY D 87 36.69 -32.43 -34.11
N PRO D 88 36.53 -31.32 -34.85
CA PRO D 88 35.93 -30.11 -34.31
C PRO D 88 34.40 -30.06 -34.44
N VAL D 89 33.82 -31.11 -35.01
CA VAL D 89 32.38 -31.23 -35.14
C VAL D 89 31.93 -32.52 -34.43
N PHE D 90 31.11 -32.37 -33.40
CA PHE D 90 30.72 -33.54 -32.67
C PHE D 90 29.90 -34.43 -33.59
N SER D 91 28.85 -33.84 -34.14
CA SER D 91 28.13 -34.38 -35.30
C SER D 91 27.23 -33.31 -35.97
N SER D 92 27.07 -33.44 -37.27
CA SER D 92 26.28 -32.51 -38.09
C SER D 92 24.85 -33.00 -38.29
N GLY D 93 24.58 -34.24 -37.86
CA GLY D 93 23.23 -34.76 -37.90
C GLY D 93 23.22 -35.68 -39.07
N HIS D 94 22.04 -35.94 -39.61
CA HIS D 94 21.92 -36.88 -40.71
C HIS D 94 22.62 -36.39 -41.95
N ASP D 95 22.99 -37.37 -42.77
CA ASP D 95 23.61 -37.17 -44.06
C ASP D 95 22.52 -36.88 -45.06
N LEU D 96 22.50 -35.63 -45.52
CA LEU D 96 21.40 -35.10 -46.32
C LEU D 96 21.28 -35.80 -47.67
N LYS D 97 22.39 -36.36 -48.15
CA LYS D 97 22.41 -37.16 -49.36
C LYS D 97 21.63 -38.48 -49.27
N GLU D 98 21.26 -38.89 -48.06
CA GLU D 98 20.42 -40.07 -47.84
C GLU D 98 18.95 -39.70 -47.83
N LEU D 99 18.68 -38.41 -47.85
CA LEU D 99 17.33 -37.91 -47.61
C LEU D 99 16.78 -37.23 -48.84
N THR D 100 17.33 -37.62 -50.01
CA THR D 100 16.81 -37.20 -51.29
C THR D 100 15.70 -38.14 -51.77
N GLU D 101 14.88 -37.61 -52.71
CA GLU D 101 13.61 -38.23 -53.14
C GLU D 101 13.82 -39.61 -53.73
N GLU D 102 14.80 -39.70 -54.61
CA GLU D 102 15.36 -40.93 -55.16
C GLU D 102 15.71 -42.09 -54.20
N GLN D 103 16.02 -41.76 -52.95
CA GLN D 103 16.37 -42.77 -51.95
C GLN D 103 15.12 -43.51 -51.53
N GLY D 104 14.00 -42.80 -51.59
CA GLY D 104 12.70 -43.35 -51.27
C GLY D 104 12.34 -43.05 -49.83
N ARG D 105 11.06 -42.82 -49.60
CA ARG D 105 10.61 -42.54 -48.24
C ARG D 105 10.82 -43.73 -47.29
N ASP D 106 10.76 -44.96 -47.81
CA ASP D 106 11.01 -46.17 -47.01
C ASP D 106 12.36 -46.09 -46.34
N TYR D 107 13.36 -45.63 -47.11
CA TYR D 107 14.74 -45.45 -46.62
C TYR D 107 14.90 -44.22 -45.70
N HIS D 108 14.13 -43.17 -46.02
CA HIS D 108 14.02 -42.01 -45.14
C HIS D 108 13.53 -42.48 -43.80
N ALA D 109 12.45 -43.25 -43.81
CA ALA D 109 11.92 -43.87 -42.60
C ALA D 109 12.99 -44.61 -41.79
N GLU D 110 13.77 -45.43 -42.46
CA GLU D 110 14.73 -46.25 -41.79
C GLU D 110 15.71 -45.41 -41.04
N VAL D 111 16.13 -44.31 -41.65
CA VAL D 111 17.13 -43.40 -41.05
C VAL D 111 16.63 -42.84 -39.70
N PHE D 112 15.41 -42.29 -39.73
CA PHE D 112 14.80 -41.67 -38.56
C PHE D 112 14.38 -42.68 -37.50
N GLN D 113 13.92 -43.85 -37.91
CA GLN D 113 13.61 -44.89 -36.96
C GLN D 113 14.88 -45.49 -36.32
N THR D 114 15.92 -45.74 -37.11
CA THR D 114 17.17 -46.19 -36.52
C THR D 114 17.68 -45.14 -35.50
N CYS D 115 17.64 -43.88 -35.90
CA CYS D 115 18.02 -42.81 -35.02
C CYS D 115 17.24 -42.81 -33.70
N SER D 116 15.92 -42.86 -33.81
CA SER D 116 15.08 -42.90 -32.63
C SER D 116 15.32 -44.12 -31.77
N LYS D 117 15.60 -45.28 -32.36
CA LYS D 117 15.84 -46.49 -31.56
C LYS D 117 17.12 -46.36 -30.74
N VAL D 118 18.11 -45.67 -31.30
CA VAL D 118 19.40 -45.46 -30.67
C VAL D 118 19.21 -44.59 -29.44
N MET D 119 18.36 -43.59 -29.57
CA MET D 119 18.09 -42.66 -28.50
C MET D 119 17.33 -43.36 -27.39
N MET D 120 16.32 -44.13 -27.75
CA MET D 120 15.65 -45.06 -26.83
C MET D 120 16.57 -46.10 -26.14
N HIS D 121 17.51 -46.70 -26.87
CA HIS D 121 18.51 -47.58 -26.29
C HIS D 121 19.41 -46.85 -25.26
N ILE D 122 19.86 -45.63 -25.54
CA ILE D 122 20.61 -44.82 -24.55
C ILE D 122 19.82 -44.63 -23.29
N ARG D 123 18.57 -44.24 -23.46
CA ARG D 123 17.71 -43.97 -22.33
C ARG D 123 17.40 -45.21 -21.50
N ASN D 124 17.18 -46.31 -22.20
CA ASN D 124 16.84 -47.60 -21.58
C ASN D 124 18.04 -48.43 -21.22
N HIS D 125 19.23 -47.87 -21.39
CA HIS D 125 20.42 -48.60 -21.14
C HIS D 125 20.65 -48.86 -19.67
N PRO D 126 21.08 -50.10 -19.32
CA PRO D 126 21.31 -50.44 -17.93
C PRO D 126 22.33 -49.55 -17.20
N VAL D 127 23.28 -49.00 -17.96
CA VAL D 127 24.28 -48.12 -17.39
C VAL D 127 24.03 -46.69 -17.83
N PRO D 128 24.63 -45.74 -17.11
CA PRO D 128 24.56 -44.33 -17.53
C PRO D 128 25.36 -44.05 -18.81
N VAL D 129 24.89 -43.09 -19.63
CA VAL D 129 25.57 -42.65 -20.84
C VAL D 129 25.92 -41.12 -20.70
N ILE D 130 27.21 -40.79 -20.93
CA ILE D 130 27.72 -39.42 -20.90
C ILE D 130 28.19 -39.00 -22.29
N ALA D 131 27.79 -37.81 -22.71
CA ALA D 131 28.19 -37.24 -23.96
C ALA D 131 29.34 -36.34 -23.58
N MET D 132 30.45 -36.47 -24.31
CA MET D 132 31.57 -35.52 -24.14
C MET D 132 31.74 -34.75 -25.46
N VAL D 133 31.39 -33.45 -25.42
CA VAL D 133 31.32 -32.63 -26.61
C VAL D 133 32.45 -31.61 -26.58
N ASN D 134 33.20 -31.59 -27.67
CA ASN D 134 34.29 -30.67 -27.90
C ASN D 134 34.03 -30.14 -29.32
N GLY D 135 33.15 -29.14 -29.42
CA GLY D 135 32.88 -28.52 -30.73
C GLY D 135 31.42 -28.34 -31.03
N LEU D 136 31.07 -28.35 -32.32
CA LEU D 136 29.71 -28.12 -32.81
C LEU D 136 28.90 -29.40 -32.85
N ALA D 137 27.68 -29.34 -32.28
CA ALA D 137 26.69 -30.41 -32.37
C ALA D 137 25.43 -29.81 -32.91
N THR D 138 25.05 -30.23 -34.13
CA THR D 138 23.87 -29.68 -34.80
C THR D 138 22.90 -30.75 -35.19
N ALA D 139 21.63 -30.35 -35.23
CA ALA D 139 20.55 -31.19 -35.70
C ALA D 139 20.55 -32.51 -34.95
N ALA D 140 20.66 -33.65 -35.62
CA ALA D 140 20.57 -34.93 -34.91
C ALA D 140 21.83 -35.17 -34.06
N GLY D 141 22.91 -34.44 -34.34
CA GLY D 141 24.05 -34.36 -33.43
C GLY D 141 23.72 -33.76 -32.09
N CYS D 142 22.90 -32.73 -32.09
CA CYS D 142 22.40 -32.12 -30.89
C CYS D 142 21.38 -33.00 -30.14
N GLN D 143 20.50 -33.63 -30.89
CA GLN D 143 19.64 -34.70 -30.37
C GLN D 143 20.42 -35.78 -29.54
N LEU D 144 21.55 -36.24 -30.06
CA LEU D 144 22.42 -37.20 -29.36
C LEU D 144 22.95 -36.66 -28.03
N VAL D 145 23.42 -35.42 -28.01
CA VAL D 145 23.85 -34.79 -26.78
C VAL D 145 22.73 -34.72 -25.76
N ALA D 146 21.57 -34.27 -26.20
CA ALA D 146 20.43 -34.05 -25.31
C ALA D 146 19.83 -35.36 -24.83
N SER D 147 20.04 -36.44 -25.60
CA SER D 147 19.50 -37.74 -25.25
C SER D 147 20.37 -38.52 -24.24
N CYS D 148 21.60 -38.08 -23.98
CA CYS D 148 22.38 -38.73 -22.92
C CYS D 148 21.93 -38.26 -21.52
N ASP D 149 22.42 -38.97 -20.48
CA ASP D 149 21.99 -38.85 -19.10
C ASP D 149 22.69 -37.63 -18.50
N ILE D 150 23.98 -37.54 -18.80
CA ILE D 150 24.88 -36.44 -18.46
C ILE D 150 25.57 -35.99 -19.77
N ALA D 151 25.85 -34.69 -19.90
CA ALA D 151 26.62 -34.16 -21.01
C ALA D 151 27.63 -33.16 -20.49
N VAL D 152 28.89 -33.32 -20.88
CA VAL D 152 29.93 -32.39 -20.48
C VAL D 152 30.43 -31.83 -21.81
N ALA D 153 30.66 -30.53 -21.86
CA ALA D 153 31.02 -29.88 -23.07
C ALA D 153 32.13 -28.87 -22.80
N SER D 154 32.98 -28.62 -23.79
CA SER D 154 34.03 -27.58 -23.64
C SER D 154 33.43 -26.19 -23.86
N ASP D 155 34.03 -25.15 -23.32
CA ASP D 155 33.40 -23.83 -23.42
C ASP D 155 33.25 -23.27 -24.84
N LYS D 156 33.99 -23.83 -25.80
CA LYS D 156 33.90 -23.47 -27.24
C LYS D 156 32.81 -24.23 -27.99
N SER D 157 32.22 -25.26 -27.33
CA SER D 157 31.19 -26.07 -27.99
C SER D 157 29.95 -25.22 -28.33
N SER D 158 29.15 -25.72 -29.25
CA SER D 158 28.01 -24.95 -29.68
C SER D 158 26.99 -25.90 -30.23
N PHE D 159 25.74 -25.44 -30.27
CA PHE D 159 24.56 -26.34 -30.34
C PHE D 159 23.45 -25.73 -31.17
N ALA D 160 22.95 -26.46 -32.16
CA ALA D 160 21.98 -25.87 -33.09
C ALA D 160 21.08 -26.94 -33.62
N THR D 161 19.88 -26.51 -34.00
CA THR D 161 18.91 -27.32 -34.74
C THR D 161 18.53 -26.56 -36.03
N PRO D 162 19.41 -26.56 -37.02
CA PRO D 162 19.29 -25.60 -38.12
C PRO D 162 18.65 -26.19 -39.40
N GLY D 163 17.82 -27.23 -39.26
CA GLY D 163 17.35 -27.96 -40.41
C GLY D 163 16.34 -27.24 -41.25
N VAL D 164 15.61 -26.29 -40.63
CA VAL D 164 14.77 -25.35 -41.41
C VAL D 164 15.55 -24.71 -42.56
N ASN D 165 16.83 -24.41 -42.36
CA ASN D 165 17.63 -23.82 -43.43
C ASN D 165 17.82 -24.71 -44.68
N VAL D 166 17.62 -26.02 -44.52
CA VAL D 166 17.65 -26.92 -45.63
C VAL D 166 16.27 -27.53 -45.88
N GLY D 167 15.22 -26.83 -45.48
CA GLY D 167 13.87 -27.28 -45.71
C GLY D 167 13.40 -28.47 -44.91
N LEU D 168 14.22 -28.87 -43.91
CA LEU D 168 13.90 -30.06 -43.10
C LEU D 168 13.87 -29.69 -41.60
N PHE D 169 12.71 -29.22 -41.12
CA PHE D 169 12.55 -28.93 -39.70
C PHE D 169 13.19 -30.01 -38.80
N CYS D 170 13.88 -29.58 -37.74
CA CYS D 170 14.44 -30.54 -36.75
C CYS D 170 13.41 -31.04 -35.80
N SER D 171 12.43 -31.77 -36.31
CA SER D 171 11.32 -32.23 -35.50
C SER D 171 11.72 -33.33 -34.55
N THR D 172 12.53 -34.28 -35.01
CA THR D 172 13.05 -35.33 -34.12
C THR D 172 14.10 -34.74 -33.14
N PRO D 173 15.02 -33.91 -33.63
CA PRO D 173 15.86 -33.38 -32.55
C PRO D 173 15.07 -32.60 -31.48
N GLY D 174 13.95 -31.99 -31.93
CA GLY D 174 13.07 -31.19 -31.08
C GLY D 174 12.47 -31.94 -29.91
N VAL D 175 12.38 -33.29 -30.08
CA VAL D 175 11.95 -34.19 -29.02
C VAL D 175 12.90 -34.10 -27.80
N ALA D 176 14.13 -34.53 -27.96
CA ALA D 176 15.09 -34.38 -26.89
C ALA D 176 15.23 -32.93 -26.45
N LEU D 177 15.16 -31.97 -27.36
CA LEU D 177 15.43 -30.56 -27.01
C LEU D 177 14.31 -29.95 -26.14
N ALA D 178 13.06 -30.31 -26.43
CA ALA D 178 11.92 -29.93 -25.61
C ALA D 178 12.04 -30.45 -24.20
N ARG D 179 12.78 -31.54 -24.01
CA ARG D 179 13.00 -32.17 -22.69
C ARG D 179 14.29 -31.72 -21.96
N ALA D 180 15.03 -30.77 -22.54
CA ALA D 180 16.27 -30.26 -21.98
C ALA D 180 16.14 -28.80 -21.66
N VAL D 181 15.50 -28.03 -22.54
CA VAL D 181 15.48 -26.59 -22.36
C VAL D 181 14.04 -26.04 -22.37
N PRO D 182 13.85 -24.79 -21.92
CA PRO D 182 12.52 -24.20 -21.92
C PRO D 182 12.01 -24.02 -23.34
N ARG D 183 10.69 -24.03 -23.50
CA ARG D 183 10.05 -23.79 -24.83
C ARG D 183 10.51 -22.55 -25.53
N LYS D 184 10.71 -21.46 -24.79
CA LYS D 184 11.19 -20.21 -25.38
C LYS D 184 12.55 -20.33 -26.04
N VAL D 185 13.41 -21.18 -25.49
CA VAL D 185 14.76 -21.47 -26.04
C VAL D 185 14.66 -22.48 -27.19
N ALA D 186 13.97 -23.57 -26.92
CA ALA D 186 13.78 -24.59 -27.92
C ALA D 186 13.21 -24.05 -29.24
N LEU D 187 12.24 -23.16 -29.16
CA LEU D 187 11.56 -22.71 -30.36
C LEU D 187 12.33 -21.56 -31.10
N GLU D 188 13.01 -20.67 -30.40
CA GLU D 188 13.92 -19.75 -31.08
C GLU D 188 14.93 -20.50 -31.91
N MET D 189 15.51 -21.53 -31.31
CA MET D 189 16.47 -22.46 -31.92
C MET D 189 15.90 -23.20 -33.16
N LEU D 190 14.70 -23.74 -33.03
CA LEU D 190 14.08 -24.57 -34.06
C LEU D 190 13.57 -23.69 -35.20
N PHE D 191 12.96 -22.55 -34.88
CA PHE D 191 12.47 -21.66 -35.92
C PHE D 191 13.59 -20.83 -36.63
N THR D 192 14.73 -20.61 -35.99
CA THR D 192 15.75 -19.70 -36.56
C THR D 192 17.01 -20.40 -37.01
N GLY D 193 17.26 -21.60 -36.47
CA GLY D 193 18.43 -22.38 -36.85
C GLY D 193 19.71 -21.85 -36.22
N GLU D 194 19.63 -20.84 -35.35
CA GLU D 194 20.81 -20.19 -34.80
C GLU D 194 21.34 -20.94 -33.60
N PRO D 195 22.66 -21.00 -33.46
CA PRO D 195 23.17 -21.79 -32.37
C PRO D 195 23.28 -21.03 -31.04
N ILE D 196 23.37 -21.80 -29.97
CA ILE D 196 23.63 -21.30 -28.63
C ILE D 196 25.02 -21.82 -28.21
N SER D 197 25.72 -21.03 -27.42
CA SER D 197 26.98 -21.40 -26.89
C SER D 197 26.77 -22.44 -25.81
N ALA D 198 27.90 -23.02 -25.38
CA ALA D 198 27.94 -24.02 -24.31
C ALA D 198 27.43 -23.40 -22.99
N GLN D 199 27.91 -22.21 -22.69
CA GLN D 199 27.51 -21.48 -21.50
C GLN D 199 26.01 -21.24 -21.46
N GLU D 200 25.40 -21.02 -22.61
CA GLU D 200 23.94 -20.92 -22.72
C GLU D 200 23.23 -22.25 -22.54
N ALA D 201 23.80 -23.28 -23.18
CA ALA D 201 23.35 -24.66 -23.03
C ALA D 201 23.32 -25.16 -21.57
N LEU D 202 24.32 -24.78 -20.78
CA LEU D 202 24.44 -25.15 -19.39
C LEU D 202 23.36 -24.45 -18.58
N LEU D 203 23.25 -23.15 -18.86
CA LEU D 203 22.23 -22.29 -18.25
C LEU D 203 20.82 -22.84 -18.37
N HIS D 204 20.50 -23.41 -19.53
CA HIS D 204 19.13 -23.79 -19.85
C HIS D 204 18.89 -25.25 -19.73
N GLY D 205 19.94 -26.01 -19.42
CA GLY D 205 19.77 -27.40 -19.02
C GLY D 205 20.01 -28.48 -20.02
N LEU D 206 20.51 -28.08 -21.19
CA LEU D 206 21.02 -29.03 -22.22
C LEU D 206 22.31 -29.80 -21.80
N LEU D 207 23.19 -29.14 -21.03
CA LEU D 207 24.47 -29.69 -20.61
C LEU D 207 24.52 -29.77 -19.11
N SER D 208 25.23 -30.76 -18.60
CA SER D 208 25.47 -30.89 -17.18
C SER D 208 26.66 -30.08 -16.72
N LYS D 209 27.78 -30.08 -17.47
CA LYS D 209 28.96 -29.23 -17.11
C LYS D 209 29.61 -28.59 -18.35
N VAL D 210 30.35 -27.51 -18.14
CA VAL D 210 31.06 -26.85 -19.18
C VAL D 210 32.42 -26.50 -18.56
N VAL D 211 33.48 -26.93 -19.23
CA VAL D 211 34.84 -26.64 -18.78
C VAL D 211 35.71 -26.11 -19.93
N PRO D 212 36.87 -25.54 -19.60
CA PRO D 212 37.88 -25.33 -20.61
C PRO D 212 38.21 -26.64 -21.29
N GLU D 213 38.41 -26.59 -22.60
CA GLU D 213 38.75 -27.76 -23.40
C GLU D 213 39.95 -28.54 -22.82
N ALA D 214 40.98 -27.82 -22.34
CA ALA D 214 42.11 -28.37 -21.56
C ALA D 214 41.71 -29.39 -20.49
N GLU D 215 40.61 -29.09 -19.79
CA GLU D 215 40.09 -29.88 -18.68
C GLU D 215 38.93 -30.81 -19.07
N LEU D 216 38.53 -30.87 -20.33
CA LEU D 216 37.34 -31.63 -20.72
C LEU D 216 37.42 -33.09 -20.34
N GLN D 217 38.57 -33.71 -20.65
CA GLN D 217 38.78 -35.14 -20.42
C GLN D 217 38.77 -35.51 -18.92
N GLU D 218 39.44 -34.67 -18.14
CA GLU D 218 39.57 -34.76 -16.67
C GLU D 218 38.20 -34.67 -16.02
N GLU D 219 37.47 -33.63 -16.33
CA GLU D 219 36.09 -33.48 -15.82
C GLU D 219 35.15 -34.65 -16.22
N THR D 220 35.27 -35.09 -17.46
CA THR D 220 34.42 -36.17 -17.94
C THR D 220 34.79 -37.47 -17.25
N MET D 221 36.08 -37.69 -17.05
CA MET D 221 36.54 -38.91 -16.38
C MET D 221 36.19 -38.90 -14.87
N ARG D 222 36.24 -37.72 -14.27
CA ARG D 222 35.83 -37.55 -12.91
C ARG D 222 34.47 -38.20 -12.72
N ILE D 223 33.53 -37.87 -13.60
CA ILE D 223 32.17 -38.37 -13.53
C ILE D 223 32.06 -39.88 -13.80
N ALA D 224 32.69 -40.35 -14.86
CA ALA D 224 32.66 -41.75 -15.27
C ALA D 224 33.34 -42.66 -14.27
N ARG D 225 34.48 -42.21 -13.76
CA ARG D 225 35.14 -42.85 -12.62
C ARG D 225 34.24 -42.93 -11.40
N LYS D 226 33.56 -41.84 -11.04
CA LYS D 226 32.81 -41.93 -9.83
C LYS D 226 31.72 -43.00 -10.04
N ILE D 227 31.08 -43.00 -11.19
CA ILE D 227 30.03 -43.96 -11.50
C ILE D 227 30.50 -45.42 -11.53
N ALA D 228 31.69 -45.63 -12.09
CA ALA D 228 32.28 -46.94 -12.18
C ALA D 228 32.66 -47.48 -10.81
N SER D 229 32.89 -46.58 -9.85
CA SER D 229 33.21 -46.94 -8.47
C SER D 229 32.04 -47.26 -7.58
N LEU D 230 30.81 -47.06 -8.08
CA LEU D 230 29.59 -47.37 -7.34
C LEU D 230 29.03 -48.70 -7.76
N SER D 231 27.96 -49.12 -7.09
CA SER D 231 27.38 -50.43 -7.33
C SER D 231 26.57 -50.42 -8.61
N ARG D 232 27.05 -51.14 -9.61
CA ARG D 232 26.30 -51.33 -10.85
C ARG D 232 24.77 -51.60 -10.67
N PRO D 233 24.36 -52.59 -9.86
CA PRO D 233 22.90 -52.82 -9.76
C PRO D 233 22.14 -51.72 -9.03
N VAL D 234 22.83 -50.94 -8.21
CA VAL D 234 22.22 -49.85 -7.52
C VAL D 234 22.01 -48.70 -8.52
N VAL D 235 23.04 -48.40 -9.32
CA VAL D 235 22.94 -47.33 -10.30
C VAL D 235 21.89 -47.63 -11.40
N SER D 236 21.88 -48.89 -11.80
CA SER D 236 20.95 -49.41 -12.77
C SER D 236 19.51 -49.34 -12.29
N LEU D 237 19.24 -49.80 -11.09
CA LEU D 237 17.95 -49.68 -10.50
C LEU D 237 17.55 -48.17 -10.51
N GLY D 238 18.51 -47.32 -10.15
CA GLY D 238 18.27 -45.89 -10.09
C GLY D 238 17.92 -45.23 -11.40
N LYS D 239 18.62 -45.62 -12.45
CA LYS D 239 18.36 -45.10 -13.76
C LYS D 239 16.99 -45.58 -14.23
N ALA D 240 16.73 -46.88 -14.12
CA ALA D 240 15.46 -47.37 -14.63
C ALA D 240 14.29 -46.70 -13.86
N THR D 241 14.41 -46.60 -12.53
CA THR D 241 13.35 -46.01 -11.73
C THR D 241 13.13 -44.53 -12.01
N PHE D 242 14.15 -43.80 -12.38
CA PHE D 242 14.05 -42.37 -12.56
C PHE D 242 13.22 -42.11 -13.76
N TYR D 243 13.48 -42.79 -14.86
CA TYR D 243 12.70 -42.57 -16.07
C TYR D 243 11.26 -43.09 -16.02
N LYS D 244 10.99 -44.07 -15.17
CA LYS D 244 9.61 -44.54 -14.91
C LYS D 244 8.83 -43.55 -14.08
N GLN D 245 9.41 -42.96 -13.04
CA GLN D 245 8.67 -42.03 -12.21
C GLN D 245 8.42 -40.71 -12.95
N LEU D 246 9.32 -40.36 -13.86
CA LEU D 246 9.34 -39.09 -14.49
C LEU D 246 8.01 -38.61 -15.08
N PRO D 247 7.34 -39.45 -15.90
CA PRO D 247 6.08 -38.93 -16.45
C PRO D 247 4.87 -39.15 -15.58
N GLN D 248 5.01 -39.73 -14.41
CA GLN D 248 3.87 -40.06 -13.65
C GLN D 248 3.38 -38.86 -12.85
N ASP D 249 2.10 -38.90 -12.48
CA ASP D 249 1.59 -38.09 -11.37
C ASP D 249 2.34 -38.32 -10.07
N LEU D 250 2.27 -37.37 -9.16
CA LEU D 250 3.09 -37.36 -7.98
C LEU D 250 2.93 -38.61 -7.08
N GLY D 251 1.70 -39.05 -6.87
CA GLY D 251 1.44 -40.17 -6.05
C GLY D 251 1.91 -41.50 -6.58
N THR D 252 1.67 -41.77 -7.86
CA THR D 252 2.25 -42.96 -8.52
C THR D 252 3.75 -42.88 -8.53
N ALA D 253 4.26 -41.71 -8.87
CA ALA D 253 5.68 -41.48 -8.77
C ALA D 253 6.26 -41.88 -7.40
N TYR D 254 5.62 -41.47 -6.31
CA TYR D 254 6.09 -41.92 -4.98
C TYR D 254 5.74 -43.37 -4.70
N TYR D 255 4.66 -43.89 -5.26
CA TYR D 255 4.42 -45.32 -5.07
C TYR D 255 5.58 -46.11 -5.68
N LEU D 256 5.93 -45.79 -6.93
CA LEU D 256 6.98 -46.50 -7.68
C LEU D 256 8.33 -46.42 -7.05
N THR D 257 8.76 -45.22 -6.67
CA THR D 257 10.07 -45.01 -6.12
C THR D 257 10.24 -45.55 -4.73
N SER D 258 9.19 -45.55 -3.91
CA SER D 258 9.39 -46.10 -2.57
C SER D 258 9.47 -47.65 -2.57
N GLN D 259 8.72 -48.29 -3.46
CA GLN D 259 8.91 -49.72 -3.69
C GLN D 259 10.34 -50.02 -4.10
N ALA D 260 10.89 -49.15 -4.95
CA ALA D 260 12.22 -49.27 -5.49
C ALA D 260 13.30 -49.11 -4.42
N MET D 261 13.01 -48.26 -3.45
CA MET D 261 13.91 -48.02 -2.31
C MET D 261 13.94 -49.26 -1.42
N VAL D 262 12.76 -49.87 -1.25
CA VAL D 262 12.66 -51.07 -0.43
C VAL D 262 13.38 -52.21 -1.11
N ASP D 263 13.16 -52.40 -2.41
CA ASP D 263 13.95 -53.36 -3.22
C ASP D 263 15.47 -53.05 -3.24
N ASN D 264 15.85 -51.81 -3.45
CA ASN D 264 17.23 -51.40 -3.31
C ASN D 264 17.84 -51.83 -1.93
N LEU D 265 17.11 -51.69 -0.82
CA LEU D 265 17.61 -52.18 0.48
C LEU D 265 17.71 -53.72 0.60
N ALA D 266 16.94 -54.45 -0.20
CA ALA D 266 16.98 -55.89 -0.24
C ALA D 266 18.15 -56.38 -1.08
N LEU D 267 18.82 -55.50 -1.84
CA LEU D 267 20.01 -55.94 -2.60
C LEU D 267 21.20 -56.13 -1.65
N ARG D 268 22.07 -57.14 -1.91
CA ARG D 268 23.40 -57.23 -1.25
C ARG D 268 24.16 -55.88 -1.11
N ASP D 269 24.24 -55.12 -2.19
CA ASP D 269 24.97 -53.85 -2.21
C ASP D 269 24.22 -52.75 -1.49
N GLY D 270 22.91 -52.91 -1.31
CA GLY D 270 22.21 -51.95 -0.48
C GLY D 270 22.66 -52.02 0.96
N GLN D 271 22.72 -53.24 1.48
CA GLN D 271 23.13 -53.49 2.83
C GLN D 271 24.61 -53.28 3.09
N GLU D 272 25.46 -53.55 2.11
CA GLU D 272 26.88 -53.30 2.23
C GLU D 272 27.20 -51.82 2.38
N GLY D 273 26.61 -50.99 1.51
CA GLY D 273 26.77 -49.53 1.51
C GLY D 273 26.37 -48.90 2.84
N ILE D 274 25.30 -49.43 3.44
CA ILE D 274 24.86 -49.00 4.73
C ILE D 274 25.74 -49.49 5.87
N THR D 275 26.12 -50.76 5.83
CA THR D 275 27.02 -51.36 6.83
C THR D 275 28.37 -50.70 6.83
N ALA D 276 28.89 -50.47 5.64
CA ALA D 276 30.14 -49.84 5.49
C ALA D 276 30.05 -48.46 6.04
N PHE D 277 28.94 -47.78 5.87
CA PHE D 277 28.78 -46.44 6.42
C PHE D 277 28.70 -46.38 7.93
N LEU D 278 27.95 -47.32 8.51
CA LEU D 278 27.77 -47.44 9.93
C LEU D 278 29.01 -47.94 10.63
N GLN D 279 29.73 -48.87 9.99
CA GLN D 279 30.96 -49.42 10.52
C GLN D 279 32.18 -48.61 10.13
N LYS D 280 31.99 -47.49 9.45
CA LYS D 280 33.06 -46.55 9.15
C LYS D 280 34.19 -47.18 8.38
N ARG D 281 33.85 -47.84 7.25
CA ARG D 281 34.84 -48.35 6.29
C ARG D 281 34.27 -48.21 4.87
N LYS D 282 35.10 -48.51 3.87
CA LYS D 282 34.72 -48.41 2.45
C LYS D 282 33.81 -49.58 2.08
N PRO D 283 32.81 -49.30 1.28
CA PRO D 283 31.93 -50.37 0.84
C PRO D 283 32.60 -51.09 -0.28
N VAL D 284 32.31 -52.38 -0.37
CA VAL D 284 32.97 -53.28 -1.33
C VAL D 284 31.81 -53.90 -2.08
N TRP D 285 31.60 -53.41 -3.30
CA TRP D 285 30.43 -53.75 -4.07
C TRP D 285 30.69 -55.10 -4.73
N SER D 286 29.61 -55.87 -4.81
CA SER D 286 29.56 -57.24 -5.30
C SER D 286 29.10 -57.22 -6.74
N HIS D 287 27.90 -56.64 -6.96
CA HIS D 287 27.26 -56.38 -8.31
C HIS D 287 26.32 -57.51 -8.81
N ARG E 33 8.82 -33.73 20.24
CA ARG E 33 10.24 -33.65 20.71
C ARG E 33 11.13 -33.33 19.52
N PRO E 34 11.08 -34.18 18.43
CA PRO E 34 12.00 -34.00 17.28
C PRO E 34 11.77 -32.76 16.43
N THR E 35 10.50 -32.35 16.24
CA THR E 35 10.13 -31.00 15.76
C THR E 35 9.50 -30.10 16.82
N SER E 36 9.72 -28.79 16.73
CA SER E 36 8.93 -27.80 17.49
C SER E 36 8.16 -26.84 16.59
N ALA E 37 6.87 -26.63 16.84
CA ALA E 37 6.09 -25.66 16.06
C ALA E 37 5.61 -24.47 16.92
N ARG E 38 5.70 -23.27 16.34
CA ARG E 38 5.17 -22.04 16.96
C ARG E 38 4.38 -21.28 15.92
N GLN E 39 3.18 -20.81 16.28
CA GLN E 39 2.33 -19.96 15.39
C GLN E 39 2.02 -18.55 15.97
N LEU E 40 2.42 -17.50 15.25
CA LEU E 40 1.99 -16.14 15.52
C LEU E 40 1.67 -15.40 14.21
N ASP E 41 0.49 -14.75 14.19
CA ASP E 41 0.07 -13.79 13.13
C ASP E 41 -0.11 -14.42 11.73
N GLY E 42 -0.67 -15.63 11.73
CA GLY E 42 -0.84 -16.43 10.50
C GLY E 42 0.29 -17.41 10.20
N ILE E 43 1.47 -17.14 10.75
CA ILE E 43 2.67 -17.81 10.35
C ILE E 43 2.98 -18.92 11.35
N ARG E 44 2.95 -20.16 10.86
CA ARG E 44 3.40 -21.34 11.63
C ARG E 44 4.83 -21.70 11.22
N ASN E 45 5.76 -21.69 12.17
CA ASN E 45 7.15 -22.08 11.93
C ASN E 45 7.39 -23.43 12.55
N ILE E 46 7.57 -24.47 11.72
CA ILE E 46 7.90 -25.83 12.17
C ILE E 46 9.40 -25.99 12.07
N VAL E 47 10.09 -26.20 13.21
CA VAL E 47 11.55 -26.27 13.26
C VAL E 47 12.03 -27.70 13.53
N LEU E 48 12.85 -28.21 12.63
CA LEU E 48 13.49 -29.50 12.83
C LEU E 48 14.52 -29.32 13.93
N SER E 49 14.28 -30.03 15.03
CA SER E 49 14.89 -29.76 16.32
C SER E 49 15.69 -30.95 16.84
N ASN E 50 16.33 -31.70 15.98
CA ASN E 50 17.26 -32.74 16.43
C ASN E 50 18.69 -32.65 15.84
N PRO E 51 19.36 -31.50 16.04
CA PRO E 51 20.66 -31.23 15.42
C PRO E 51 21.81 -32.16 15.79
N LYS E 52 21.83 -32.71 17.00
CA LYS E 52 22.82 -33.73 17.38
C LYS E 52 22.75 -35.00 16.50
N LYS E 53 21.55 -35.36 16.01
CA LYS E 53 21.38 -36.44 15.04
C LYS E 53 21.20 -35.89 13.60
N ARG E 54 21.64 -34.65 13.33
CA ARG E 54 21.66 -34.07 11.97
C ARG E 54 20.25 -33.88 11.35
N ASN E 55 19.24 -33.71 12.22
CA ASN E 55 17.84 -33.49 11.83
C ASN E 55 17.36 -34.59 10.94
N THR E 56 17.91 -35.77 11.20
CA THR E 56 17.72 -36.96 10.42
C THR E 56 16.23 -37.28 10.33
N LEU E 57 15.75 -37.67 9.16
CA LEU E 57 14.32 -37.92 8.95
C LEU E 57 13.98 -39.34 9.28
N SER E 58 14.18 -39.67 10.55
CA SER E 58 13.76 -40.95 11.15
C SER E 58 12.24 -41.03 11.11
N LEU E 59 11.68 -42.23 11.26
CA LEU E 59 10.21 -42.37 11.34
C LEU E 59 9.61 -41.44 12.39
N ALA E 60 10.27 -41.28 13.52
CA ALA E 60 9.77 -40.43 14.61
C ALA E 60 9.80 -38.91 14.26
N MET E 61 10.85 -38.47 13.57
CA MET E 61 10.94 -37.11 13.05
C MET E 61 9.85 -36.85 12.00
N LEU E 62 9.60 -37.83 11.14
CA LEU E 62 8.61 -37.68 10.09
C LEU E 62 7.19 -37.55 10.63
N LYS E 63 6.85 -38.42 11.57
CA LYS E 63 5.51 -38.37 12.21
C LYS E 63 5.31 -37.10 13.06
N SER E 64 6.37 -36.58 13.68
CA SER E 64 6.34 -35.31 14.40
C SER E 64 6.06 -34.17 13.43
N LEU E 65 6.84 -34.15 12.36
CA LEU E 65 6.73 -33.15 11.29
C LEU E 65 5.32 -33.13 10.65
N GLN E 66 4.78 -34.32 10.40
CA GLN E 66 3.50 -34.53 9.79
C GLN E 66 2.40 -33.96 10.66
N SER E 67 2.49 -34.29 11.93
CA SER E 67 1.59 -33.84 12.95
C SER E 67 1.60 -32.32 13.04
N ASP E 68 2.78 -31.72 13.13
CA ASP E 68 2.91 -30.26 13.11
C ASP E 68 2.26 -29.64 11.83
N ILE E 69 2.53 -30.21 10.65
CA ILE E 69 1.94 -29.75 9.40
C ILE E 69 0.40 -29.86 9.39
N LEU E 70 -0.14 -30.93 9.94
CA LEU E 70 -1.59 -31.17 9.81
C LEU E 70 -2.43 -30.56 10.93
N HIS E 71 -1.79 -30.17 12.03
CA HIS E 71 -2.51 -29.64 13.12
C HIS E 71 -3.30 -28.36 12.76
N ASP E 72 -4.61 -28.38 12.99
CA ASP E 72 -5.45 -27.18 12.77
C ASP E 72 -5.36 -26.68 11.33
N ALA E 73 -5.14 -27.59 10.37
CA ALA E 73 -4.70 -27.23 9.02
C ALA E 73 -5.74 -26.36 8.30
N ASP E 74 -7.01 -26.49 8.71
CA ASP E 74 -8.16 -25.77 8.13
C ASP E 74 -8.70 -24.59 8.95
N SER E 75 -7.98 -24.26 10.03
CA SER E 75 -8.20 -23.02 10.74
C SER E 75 -7.85 -21.82 9.87
N ASN E 76 -8.74 -20.85 9.85
CA ASN E 76 -8.49 -19.54 9.26
C ASN E 76 -7.40 -18.74 9.94
N ASP E 77 -7.03 -19.10 11.16
CA ASP E 77 -5.85 -18.50 11.81
C ASP E 77 -4.58 -18.71 11.03
N LEU E 78 -4.41 -19.92 10.52
CA LEU E 78 -3.17 -20.31 9.84
C LEU E 78 -3.18 -19.84 8.39
N LYS E 79 -2.17 -19.08 8.00
CA LYS E 79 -2.08 -18.54 6.66
C LYS E 79 -0.90 -19.08 5.86
N VAL E 80 0.21 -19.38 6.54
CA VAL E 80 1.38 -19.87 5.90
C VAL E 80 2.16 -20.73 6.91
N ILE E 81 2.91 -21.71 6.39
CA ILE E 81 3.89 -22.53 7.14
C ILE E 81 5.32 -22.29 6.63
N ILE E 82 6.27 -22.18 7.55
CA ILE E 82 7.69 -22.17 7.26
C ILE E 82 8.34 -23.35 7.98
N ILE E 83 9.05 -24.17 7.22
CA ILE E 83 9.79 -25.33 7.75
C ILE E 83 11.27 -24.97 7.79
N SER E 84 11.85 -24.94 9.00
CA SER E 84 13.28 -24.65 9.19
C SER E 84 13.92 -25.72 10.03
N ALA E 85 15.20 -25.54 10.33
CA ALA E 85 15.99 -26.52 11.04
C ALA E 85 16.93 -25.87 12.06
N GLU E 86 17.20 -26.61 13.14
CA GLU E 86 18.15 -26.14 14.13
C GLU E 86 19.55 -26.58 13.69
N GLY E 87 20.52 -25.66 13.74
CA GLY E 87 21.90 -26.00 13.41
C GLY E 87 22.28 -25.91 11.94
N PRO E 88 23.45 -26.48 11.60
CA PRO E 88 24.12 -26.32 10.30
C PRO E 88 23.87 -27.42 9.25
N VAL E 89 23.02 -28.40 9.59
CA VAL E 89 22.47 -29.34 8.62
C VAL E 89 20.99 -29.12 8.64
N PHE E 90 20.41 -28.88 7.49
CA PHE E 90 18.95 -28.76 7.41
C PHE E 90 18.29 -30.15 7.71
N SER E 91 18.80 -31.19 7.04
CA SER E 91 18.42 -32.58 7.29
C SER E 91 19.36 -33.47 6.45
N SER E 92 19.88 -34.51 7.07
CA SER E 92 20.78 -35.44 6.41
C SER E 92 19.97 -36.53 5.70
N GLY E 93 18.66 -36.61 5.91
CA GLY E 93 17.81 -37.58 5.23
C GLY E 93 17.41 -38.62 6.22
N HIS E 94 16.99 -39.77 5.73
CA HIS E 94 16.65 -40.85 6.61
C HIS E 94 17.80 -41.35 7.46
N ASP E 95 17.37 -41.96 8.58
CA ASP E 95 18.25 -42.55 9.56
C ASP E 95 18.56 -43.96 9.03
N LEU E 96 19.81 -44.13 8.61
CA LEU E 96 20.24 -45.37 7.97
C LEU E 96 20.20 -46.59 8.89
N LYS E 97 20.24 -46.37 10.21
CA LYS E 97 20.01 -47.45 11.20
C LYS E 97 18.60 -48.02 11.21
N GLU E 98 17.64 -47.25 10.70
CA GLU E 98 16.28 -47.78 10.45
C GLU E 98 16.21 -48.60 9.18
N LEU E 99 17.29 -48.64 8.39
CA LEU E 99 17.23 -49.19 7.04
C LEU E 99 18.15 -50.39 6.84
N THR E 100 18.71 -50.88 7.95
CA THR E 100 19.39 -52.20 8.04
C THR E 100 18.39 -53.33 7.80
N GLU E 101 18.89 -54.48 7.38
CA GLU E 101 18.07 -55.62 7.00
C GLU E 101 17.34 -56.17 8.20
N GLU E 102 17.99 -56.04 9.37
CA GLU E 102 17.46 -56.45 10.66
C GLU E 102 16.15 -55.77 11.07
N GLN E 103 15.93 -54.56 10.58
CA GLN E 103 14.69 -53.86 10.82
C GLN E 103 13.53 -54.44 10.01
N GLY E 104 13.84 -55.17 8.94
CA GLY E 104 12.82 -55.80 8.08
C GLY E 104 12.21 -54.87 7.02
N ARG E 105 11.66 -55.46 5.96
CA ARG E 105 11.19 -54.63 4.87
C ARG E 105 9.83 -53.94 5.09
N ASP E 106 9.02 -54.47 5.99
CA ASP E 106 7.84 -53.77 6.46
C ASP E 106 8.22 -52.44 7.11
N TYR E 107 9.30 -52.40 7.88
CA TYR E 107 9.75 -51.16 8.49
C TYR E 107 10.36 -50.17 7.48
N HIS E 108 11.03 -50.70 6.48
CA HIS E 108 11.64 -49.90 5.44
C HIS E 108 10.54 -49.18 4.69
N ALA E 109 9.48 -49.92 4.36
CA ALA E 109 8.32 -49.43 3.65
C ALA E 109 7.63 -48.35 4.44
N GLU E 110 7.52 -48.54 5.74
CA GLU E 110 6.91 -47.53 6.59
C GLU E 110 7.71 -46.24 6.59
N VAL E 111 9.03 -46.31 6.60
CA VAL E 111 9.80 -45.07 6.50
C VAL E 111 9.49 -44.33 5.20
N PHE E 112 9.45 -45.05 4.10
CA PHE E 112 9.39 -44.37 2.80
C PHE E 112 7.98 -43.87 2.55
N GLN E 113 7.00 -44.68 2.86
CA GLN E 113 5.65 -44.33 2.73
C GLN E 113 5.29 -43.13 3.60
N THR E 114 5.79 -43.10 4.83
CA THR E 114 5.51 -41.95 5.70
C THR E 114 6.17 -40.68 5.18
N CYS E 115 7.37 -40.78 4.64
CA CYS E 115 8.00 -39.62 4.03
C CYS E 115 7.23 -39.07 2.81
N SER E 116 6.87 -39.98 1.92
CA SER E 116 6.07 -39.68 0.75
C SER E 116 4.80 -38.99 1.14
N LYS E 117 4.16 -39.49 2.18
CA LYS E 117 2.86 -38.92 2.61
C LYS E 117 3.01 -37.50 3.09
N VAL E 118 4.07 -37.21 3.81
CA VAL E 118 4.34 -35.88 4.28
C VAL E 118 4.52 -34.92 3.12
N MET E 119 5.25 -35.34 2.09
CA MET E 119 5.56 -34.49 0.95
C MET E 119 4.24 -34.16 0.22
N MET E 120 3.39 -35.16 0.11
CA MET E 120 2.03 -35.04 -0.36
C MET E 120 1.14 -34.13 0.46
N HIS E 121 1.27 -34.13 1.77
CA HIS E 121 0.49 -33.22 2.62
C HIS E 121 0.92 -31.78 2.45
N ILE E 122 2.20 -31.57 2.16
CA ILE E 122 2.72 -30.25 1.91
C ILE E 122 2.10 -29.75 0.59
N ARG E 123 2.13 -30.63 -0.40
CA ARG E 123 1.64 -30.32 -1.74
C ARG E 123 0.15 -29.99 -1.70
N ASN E 124 -0.57 -30.77 -0.93
CA ASN E 124 -2.03 -30.73 -0.88
C ASN E 124 -2.52 -29.86 0.28
N HIS E 125 -1.60 -29.25 1.00
CA HIS E 125 -1.94 -28.34 2.08
C HIS E 125 -2.79 -27.12 1.67
N PRO E 126 -3.82 -26.82 2.47
CA PRO E 126 -4.63 -25.63 2.25
C PRO E 126 -3.85 -24.33 2.13
N VAL E 127 -2.68 -24.25 2.76
CA VAL E 127 -1.87 -23.03 2.77
C VAL E 127 -0.48 -23.27 2.17
N PRO E 128 0.19 -22.19 1.76
CA PRO E 128 1.54 -22.37 1.23
C PRO E 128 2.59 -22.72 2.29
N VAL E 129 3.59 -23.48 1.84
CA VAL E 129 4.66 -23.99 2.68
C VAL E 129 6.01 -23.54 2.07
N ILE E 130 6.76 -22.79 2.88
CA ILE E 130 8.07 -22.26 2.52
C ILE E 130 9.14 -23.09 3.29
N ALA E 131 10.22 -23.44 2.61
CA ALA E 131 11.34 -24.06 3.27
C ALA E 131 12.37 -22.96 3.50
N MET E 132 12.95 -22.90 4.69
CA MET E 132 13.98 -21.90 4.96
C MET E 132 15.19 -22.71 5.33
N VAL E 133 16.24 -22.65 4.50
CA VAL E 133 17.38 -23.57 4.59
C VAL E 133 18.63 -22.74 4.93
N ASN E 134 19.41 -23.25 5.89
CA ASN E 134 20.63 -22.58 6.31
C ASN E 134 21.70 -23.64 6.60
N GLY E 135 22.17 -24.24 5.50
CA GLY E 135 23.20 -25.26 5.55
C GLY E 135 22.90 -26.33 4.53
N LEU E 136 23.23 -27.56 4.90
CA LEU E 136 23.20 -28.70 4.01
C LEU E 136 21.89 -29.49 4.16
N ALA E 137 21.27 -29.76 3.01
CA ALA E 137 20.09 -30.64 2.87
C ALA E 137 20.51 -31.74 1.92
N THR E 138 20.56 -32.97 2.39
CA THR E 138 20.97 -34.10 1.58
C THR E 138 19.90 -35.18 1.61
N ALA E 139 19.75 -35.88 0.49
CA ALA E 139 18.81 -36.98 0.33
C ALA E 139 17.38 -36.57 0.64
N ALA E 140 16.65 -37.26 1.51
CA ALA E 140 15.26 -36.88 1.80
C ALA E 140 15.20 -35.44 2.39
N GLY E 141 16.33 -34.96 2.91
CA GLY E 141 16.44 -33.58 3.36
C GLY E 141 16.30 -32.60 2.22
N CYS E 142 16.91 -32.94 1.09
CA CYS E 142 16.79 -32.19 -0.14
C CYS E 142 15.40 -32.36 -0.78
N GLN E 143 14.85 -33.56 -0.74
CA GLN E 143 13.44 -33.83 -1.09
C GLN E 143 12.41 -32.95 -0.38
N LEU E 144 12.62 -32.75 0.91
CA LEU E 144 11.81 -31.87 1.70
C LEU E 144 11.80 -30.45 1.13
N VAL E 145 12.96 -29.90 0.82
CA VAL E 145 13.08 -28.54 0.29
C VAL E 145 12.37 -28.37 -1.06
N ALA E 146 12.67 -29.28 -1.98
CA ALA E 146 12.05 -29.42 -3.28
C ALA E 146 10.52 -29.57 -3.18
N SER E 147 10.04 -30.16 -2.10
CA SER E 147 8.61 -30.45 -2.01
C SER E 147 7.78 -29.26 -1.59
N CYS E 148 8.44 -28.22 -1.08
CA CYS E 148 7.77 -27.00 -0.62
C CYS E 148 7.37 -26.14 -1.80
N ASP E 149 6.45 -25.19 -1.58
CA ASP E 149 5.95 -24.34 -2.65
C ASP E 149 7.04 -23.31 -2.99
N ILE E 150 7.64 -22.77 -1.93
CA ILE E 150 8.68 -21.75 -2.03
C ILE E 150 9.85 -22.23 -1.18
N ALA E 151 11.07 -21.80 -1.55
CA ALA E 151 12.32 -22.16 -0.84
C ALA E 151 13.37 -21.02 -0.77
N VAL E 152 13.77 -20.65 0.46
CA VAL E 152 14.76 -19.59 0.66
C VAL E 152 15.94 -20.22 1.37
N ALA E 153 17.13 -20.07 0.83
CA ALA E 153 18.33 -20.55 1.46
C ALA E 153 19.33 -19.40 1.63
N SER E 154 20.15 -19.49 2.67
CA SER E 154 21.35 -18.68 2.74
C SER E 154 22.35 -19.15 1.66
N ASP E 155 23.30 -18.28 1.30
CA ASP E 155 24.22 -18.58 0.18
C ASP E 155 25.29 -19.61 0.56
N LYS E 156 25.44 -19.84 1.86
CA LYS E 156 26.23 -20.95 2.40
C LYS E 156 25.54 -22.33 2.19
N SER E 157 24.26 -22.37 1.83
CA SER E 157 23.54 -23.66 1.83
C SER E 157 23.95 -24.49 0.64
N SER E 158 23.78 -25.80 0.73
CA SER E 158 24.03 -26.66 -0.38
C SER E 158 23.14 -27.86 -0.30
N PHE E 159 23.07 -28.58 -1.44
CA PHE E 159 22.06 -29.58 -1.72
C PHE E 159 22.66 -30.74 -2.44
N ALA E 160 22.25 -31.94 -2.06
CA ALA E 160 22.81 -33.17 -2.60
C ALA E 160 21.86 -34.37 -2.44
N THR E 161 22.07 -35.37 -3.26
CA THR E 161 21.31 -36.65 -3.20
C THR E 161 22.38 -37.77 -3.34
N PRO E 162 23.13 -38.02 -2.26
CA PRO E 162 24.31 -38.87 -2.26
C PRO E 162 24.02 -40.31 -1.80
N GLY E 163 22.79 -40.74 -1.97
CA GLY E 163 22.40 -42.07 -1.56
C GLY E 163 23.22 -43.17 -2.14
N VAL E 164 23.69 -42.99 -3.38
CA VAL E 164 24.50 -44.00 -4.07
C VAL E 164 25.77 -44.39 -3.36
N ASN E 165 26.30 -43.44 -2.57
CA ASN E 165 27.54 -43.64 -1.76
C ASN E 165 27.38 -44.60 -0.61
N VAL E 166 26.12 -44.84 -0.22
CA VAL E 166 25.77 -45.78 0.87
C VAL E 166 24.90 -46.91 0.30
N GLY E 167 24.99 -47.13 -1.01
CA GLY E 167 24.31 -48.23 -1.66
C GLY E 167 22.83 -48.07 -1.85
N LEU E 168 22.34 -46.86 -1.60
CA LEU E 168 20.93 -46.59 -1.62
C LEU E 168 20.59 -45.39 -2.50
N PHE E 169 20.32 -45.66 -3.76
CA PHE E 169 19.97 -44.62 -4.74
C PHE E 169 18.87 -43.71 -4.20
N CYS E 170 19.08 -42.41 -4.31
CA CYS E 170 18.06 -41.40 -3.93
C CYS E 170 16.86 -41.35 -4.96
N SER E 171 16.14 -42.46 -5.06
CA SER E 171 15.03 -42.60 -5.97
C SER E 171 13.84 -41.78 -5.54
N THR E 172 13.54 -41.77 -4.23
CA THR E 172 12.39 -40.98 -3.77
C THR E 172 12.74 -39.50 -3.76
N PRO E 173 13.92 -39.13 -3.24
CA PRO E 173 14.23 -37.71 -3.47
C PRO E 173 14.23 -37.26 -4.91
N GLY E 174 14.58 -38.17 -5.81
CA GLY E 174 14.61 -37.84 -7.22
C GLY E 174 13.27 -37.45 -7.81
N VAL E 175 12.18 -37.79 -7.12
CA VAL E 175 10.86 -37.43 -7.60
C VAL E 175 10.72 -35.91 -7.52
N ALA E 176 11.01 -35.34 -6.38
CA ALA E 176 10.87 -33.92 -6.19
C ALA E 176 11.94 -33.20 -7.00
N LEU E 177 13.15 -33.77 -7.04
CA LEU E 177 14.28 -33.22 -7.78
C LEU E 177 14.02 -33.24 -9.26
N ALA E 178 13.43 -34.30 -9.82
CA ALA E 178 13.07 -34.33 -11.26
C ALA E 178 12.11 -33.18 -11.70
N ARG E 179 11.19 -32.81 -10.81
CA ARG E 179 10.20 -31.79 -11.03
C ARG E 179 10.68 -30.40 -10.65
N ALA E 180 11.92 -30.26 -10.17
CA ALA E 180 12.49 -28.96 -9.76
C ALA E 180 13.53 -28.43 -10.76
N VAL E 181 14.51 -29.29 -11.08
CA VAL E 181 15.60 -28.91 -11.97
C VAL E 181 15.60 -29.73 -13.29
N PRO E 182 16.39 -29.28 -14.30
CA PRO E 182 16.57 -30.06 -15.53
C PRO E 182 17.15 -31.44 -15.30
N ARG E 183 16.77 -32.37 -16.14
CA ARG E 183 17.26 -33.72 -16.09
C ARG E 183 18.77 -33.76 -16.10
N LYS E 184 19.42 -32.90 -16.88
CA LYS E 184 20.90 -32.93 -16.89
C LYS E 184 21.54 -32.64 -15.54
N VAL E 185 20.89 -31.79 -14.76
CA VAL E 185 21.33 -31.47 -13.43
C VAL E 185 20.97 -32.56 -12.49
N ALA E 186 19.70 -33.00 -12.47
CA ALA E 186 19.21 -34.02 -11.54
C ALA E 186 20.02 -35.33 -11.63
N LEU E 187 20.44 -35.70 -12.83
CA LEU E 187 21.07 -37.03 -13.09
C LEU E 187 22.58 -36.99 -12.76
N GLU E 188 23.20 -35.83 -12.91
CA GLU E 188 24.53 -35.71 -12.37
C GLU E 188 24.47 -35.78 -10.81
N MET E 189 23.59 -35.02 -10.18
CA MET E 189 23.40 -35.14 -8.74
C MET E 189 23.20 -36.58 -8.20
N LEU E 190 22.29 -37.33 -8.82
CA LEU E 190 21.85 -38.64 -8.36
C LEU E 190 22.87 -39.72 -8.65
N PHE E 191 23.47 -39.66 -9.84
CA PHE E 191 24.53 -40.61 -10.23
C PHE E 191 25.87 -40.38 -9.52
N THR E 192 26.27 -39.12 -9.26
CA THR E 192 27.60 -38.83 -8.65
C THR E 192 27.51 -38.56 -7.17
N GLY E 193 26.32 -38.23 -6.69
CA GLY E 193 26.14 -37.82 -5.32
C GLY E 193 26.83 -36.54 -4.87
N GLU E 194 27.36 -35.75 -5.81
CA GLU E 194 28.04 -34.50 -5.47
C GLU E 194 27.02 -33.36 -5.21
N PRO E 195 27.34 -32.47 -4.25
CA PRO E 195 26.45 -31.38 -3.89
C PRO E 195 26.43 -30.23 -4.90
N ILE E 196 25.31 -29.52 -4.99
CA ILE E 196 25.27 -28.21 -5.67
C ILE E 196 25.14 -27.07 -4.65
N SER E 197 25.65 -25.90 -4.98
CA SER E 197 25.59 -24.75 -4.09
C SER E 197 24.19 -24.17 -4.16
N ALA E 198 23.93 -23.19 -3.28
CA ALA E 198 22.67 -22.48 -3.24
C ALA E 198 22.52 -21.65 -4.50
N GLN E 199 23.61 -21.02 -4.94
CA GLN E 199 23.64 -20.29 -6.23
C GLN E 199 23.21 -21.11 -7.46
N GLU E 200 23.73 -22.32 -7.58
CA GLU E 200 23.38 -23.21 -8.68
C GLU E 200 22.00 -23.74 -8.47
N ALA E 201 21.62 -23.98 -7.21
CA ALA E 201 20.25 -24.40 -6.89
C ALA E 201 19.18 -23.39 -7.30
N LEU E 202 19.47 -22.11 -7.11
CA LEU E 202 18.60 -21.06 -7.56
C LEU E 202 18.49 -21.02 -9.10
N LEU E 203 19.65 -21.08 -9.74
CA LEU E 203 19.78 -21.01 -11.19
C LEU E 203 18.95 -22.04 -11.92
N HIS E 204 18.86 -23.23 -11.33
CA HIS E 204 18.22 -24.36 -11.98
C HIS E 204 16.84 -24.64 -11.47
N GLY E 205 16.35 -23.87 -10.49
CA GLY E 205 14.95 -23.90 -10.10
C GLY E 205 14.59 -24.74 -8.88
N LEU E 206 15.59 -25.07 -8.06
CA LEU E 206 15.40 -25.85 -6.81
C LEU E 206 14.95 -24.89 -5.73
N LEU E 207 15.44 -23.66 -5.76
CA LEU E 207 15.12 -22.62 -4.83
C LEU E 207 14.42 -21.42 -5.49
N SER E 208 13.62 -20.70 -4.69
CA SER E 208 12.99 -19.42 -5.07
C SER E 208 13.91 -18.20 -4.83
N LYS E 209 14.64 -18.17 -3.70
CA LYS E 209 15.55 -17.06 -3.39
C LYS E 209 16.82 -17.53 -2.67
N VAL E 210 17.92 -16.82 -2.88
CA VAL E 210 19.13 -17.04 -2.09
C VAL E 210 19.61 -15.69 -1.56
N VAL E 211 19.89 -15.64 -0.25
CA VAL E 211 20.35 -14.41 0.41
C VAL E 211 21.50 -14.68 1.38
N PRO E 212 22.21 -13.63 1.79
CA PRO E 212 23.19 -13.91 2.83
C PRO E 212 22.50 -14.40 4.09
N GLU E 213 23.19 -15.27 4.82
CA GLU E 213 22.66 -15.82 6.06
C GLU E 213 22.08 -14.74 6.98
N ALA E 214 22.79 -13.62 7.17
CA ALA E 214 22.27 -12.49 7.96
C ALA E 214 20.89 -11.98 7.51
N GLU E 215 20.51 -12.21 6.25
CA GLU E 215 19.21 -11.71 5.73
C GLU E 215 18.14 -12.80 5.53
N LEU E 216 18.49 -14.05 5.80
CA LEU E 216 17.59 -15.18 5.55
C LEU E 216 16.24 -15.06 6.31
N GLN E 217 16.29 -14.79 7.59
CA GLN E 217 15.08 -14.70 8.37
C GLN E 217 14.17 -13.61 7.78
N GLU E 218 14.73 -12.42 7.58
CA GLU E 218 13.99 -11.28 7.02
C GLU E 218 13.41 -11.54 5.64
N GLU E 219 14.20 -12.10 4.73
CA GLU E 219 13.73 -12.41 3.38
C GLU E 219 12.57 -13.42 3.40
N THR E 220 12.69 -14.44 4.24
CA THR E 220 11.66 -15.46 4.39
C THR E 220 10.41 -14.91 5.02
N MET E 221 10.59 -13.96 5.94
CA MET E 221 9.46 -13.34 6.63
C MET E 221 8.74 -12.35 5.76
N ARG E 222 9.46 -11.66 4.87
CA ARG E 222 8.84 -10.76 3.89
C ARG E 222 7.84 -11.58 3.05
N ILE E 223 8.28 -12.77 2.62
CA ILE E 223 7.44 -13.68 1.84
C ILE E 223 6.25 -14.22 2.69
N ALA E 224 6.52 -14.76 3.89
CA ALA E 224 5.46 -15.30 4.80
C ALA E 224 4.49 -14.23 5.26
N ARG E 225 5.02 -13.05 5.60
CA ARG E 225 4.13 -11.92 5.96
C ARG E 225 3.23 -11.46 4.81
N LYS E 226 3.79 -11.40 3.60
CA LYS E 226 3.01 -11.08 2.40
C LYS E 226 1.87 -12.08 2.22
N ILE E 227 2.14 -13.37 2.32
CA ILE E 227 1.07 -14.36 2.16
C ILE E 227 0.04 -14.29 3.29
N ALA E 228 0.51 -14.14 4.52
CA ALA E 228 -0.38 -13.94 5.64
C ALA E 228 -1.09 -12.58 5.55
N SER E 229 -0.67 -11.68 4.68
CA SER E 229 -1.46 -10.45 4.52
C SER E 229 -2.54 -10.57 3.45
N LEU E 230 -2.72 -11.71 2.83
CA LEU E 230 -3.66 -11.84 1.71
C LEU E 230 -4.87 -12.65 2.17
N SER E 231 -5.84 -12.83 1.27
CA SER E 231 -7.04 -13.63 1.57
C SER E 231 -6.71 -15.09 1.57
N ARG E 232 -6.79 -15.75 2.73
CA ARG E 232 -6.52 -17.19 2.80
C ARG E 232 -7.33 -18.05 1.81
N PRO E 233 -8.64 -17.80 1.66
CA PRO E 233 -9.49 -18.52 0.70
C PRO E 233 -9.05 -18.33 -0.75
N VAL E 234 -8.56 -17.13 -1.07
CA VAL E 234 -8.07 -16.84 -2.39
C VAL E 234 -6.77 -17.59 -2.65
N VAL E 235 -5.84 -17.47 -1.69
CA VAL E 235 -4.50 -18.06 -1.83
C VAL E 235 -4.55 -19.59 -1.88
N SER E 236 -5.42 -20.13 -1.06
CA SER E 236 -5.74 -21.54 -1.03
C SER E 236 -6.33 -22.07 -2.32
N LEU E 237 -7.31 -21.36 -2.89
CA LEU E 237 -7.92 -21.80 -4.15
C LEU E 237 -6.86 -21.75 -5.25
N GLY E 238 -6.03 -20.74 -5.14
CA GLY E 238 -4.97 -20.55 -6.08
C GLY E 238 -4.04 -21.72 -6.08
N LYS E 239 -3.66 -22.17 -4.87
CA LYS E 239 -2.68 -23.28 -4.71
C LYS E 239 -3.25 -24.58 -5.20
N ALA E 240 -4.47 -24.85 -4.84
CA ALA E 240 -5.10 -26.08 -5.23
C ALA E 240 -5.27 -26.17 -6.74
N THR E 241 -5.69 -25.08 -7.34
CA THR E 241 -5.97 -25.01 -8.78
C THR E 241 -4.72 -25.15 -9.59
N PHE E 242 -3.66 -24.56 -9.07
CA PHE E 242 -2.39 -24.55 -9.75
C PHE E 242 -1.83 -25.94 -9.94
N TYR E 243 -1.86 -26.78 -8.91
CA TYR E 243 -1.41 -28.20 -9.03
C TYR E 243 -2.44 -29.11 -9.72
N LYS E 244 -3.71 -28.73 -9.79
CA LYS E 244 -4.65 -29.54 -10.57
C LYS E 244 -4.37 -29.31 -12.09
N GLN E 245 -3.94 -28.09 -12.36
CA GLN E 245 -3.76 -27.58 -13.70
C GLN E 245 -2.44 -28.12 -14.36
N LEU E 246 -1.37 -28.12 -13.59
CA LEU E 246 -0.02 -28.48 -13.97
C LEU E 246 0.16 -29.73 -14.89
N PRO E 247 -0.42 -30.89 -14.49
CA PRO E 247 -0.28 -32.09 -15.36
C PRO E 247 -1.19 -32.16 -16.62
N GLN E 248 -2.05 -31.15 -16.82
CA GLN E 248 -3.09 -31.27 -17.85
C GLN E 248 -2.59 -30.72 -19.17
N ASP E 249 -3.20 -31.21 -20.24
CA ASP E 249 -3.15 -30.55 -21.52
C ASP E 249 -3.71 -29.12 -21.39
N LEU E 250 -3.28 -28.29 -22.32
CA LEU E 250 -3.55 -26.88 -22.28
C LEU E 250 -5.05 -26.55 -22.35
N GLY E 251 -5.85 -27.35 -23.05
CA GLY E 251 -7.30 -27.16 -23.13
C GLY E 251 -7.95 -27.32 -21.77
N THR E 252 -7.76 -28.48 -21.17
CA THR E 252 -8.25 -28.76 -19.83
C THR E 252 -7.64 -27.78 -18.83
N ALA E 253 -6.34 -27.47 -18.93
CA ALA E 253 -5.76 -26.52 -17.98
C ALA E 253 -6.51 -25.20 -18.01
N TYR E 254 -6.94 -24.78 -19.19
CA TYR E 254 -7.65 -23.50 -19.30
C TYR E 254 -9.13 -23.63 -18.95
N TYR E 255 -9.75 -24.79 -19.20
CA TYR E 255 -11.09 -25.06 -18.68
C TYR E 255 -11.06 -24.96 -17.15
N LEU E 256 -10.13 -25.68 -16.53
CA LEU E 256 -10.06 -25.70 -15.09
C LEU E 256 -9.82 -24.32 -14.50
N THR E 257 -8.80 -23.61 -15.01
CA THR E 257 -8.40 -22.36 -14.41
C THR E 257 -9.44 -21.24 -14.58
N SER E 258 -10.14 -21.16 -15.71
CA SER E 258 -11.14 -20.10 -15.91
C SER E 258 -12.38 -20.36 -15.07
N GLN E 259 -12.74 -21.63 -14.95
CA GLN E 259 -13.69 -22.06 -13.97
C GLN E 259 -13.25 -21.65 -12.56
N ALA E 260 -11.97 -21.69 -12.23
CA ALA E 260 -11.54 -21.24 -10.89
C ALA E 260 -11.46 -19.69 -10.75
N MET E 261 -11.14 -19.01 -11.84
CA MET E 261 -11.24 -17.54 -11.92
C MET E 261 -12.65 -17.02 -11.56
N VAL E 262 -13.67 -17.60 -12.23
CA VAL E 262 -15.06 -17.25 -12.11
C VAL E 262 -15.52 -17.55 -10.68
N ASP E 263 -15.12 -18.71 -10.18
CA ASP E 263 -15.41 -19.05 -8.80
C ASP E 263 -14.71 -18.10 -7.84
N ASN E 264 -13.47 -17.72 -8.14
CA ASN E 264 -12.74 -16.76 -7.30
C ASN E 264 -13.52 -15.41 -7.17
N LEU E 265 -14.17 -14.98 -8.25
CA LEU E 265 -14.86 -13.71 -8.32
C LEU E 265 -16.13 -13.76 -7.50
N ALA E 266 -16.67 -14.97 -7.30
CA ALA E 266 -17.93 -15.13 -6.57
C ALA E 266 -17.65 -15.24 -5.06
N LEU E 267 -16.38 -15.21 -4.65
CA LEU E 267 -16.02 -15.15 -3.21
C LEU E 267 -16.11 -13.71 -2.70
N ARG E 268 -16.46 -13.52 -1.42
CA ARG E 268 -16.50 -12.17 -0.81
C ARG E 268 -15.16 -11.45 -0.89
N ASP E 269 -14.09 -12.18 -0.67
CA ASP E 269 -12.76 -11.58 -0.71
C ASP E 269 -12.35 -11.26 -2.14
N GLY E 270 -13.06 -11.83 -3.13
CA GLY E 270 -12.75 -11.54 -4.52
C GLY E 270 -13.28 -10.17 -4.85
N GLN E 271 -14.56 -10.02 -4.58
CA GLN E 271 -15.30 -8.77 -4.76
C GLN E 271 -14.76 -7.64 -3.89
N GLU E 272 -14.46 -7.94 -2.64
CA GLU E 272 -13.77 -7.00 -1.79
C GLU E 272 -12.45 -6.46 -2.38
N GLY E 273 -11.56 -7.34 -2.81
CA GLY E 273 -10.25 -6.88 -3.35
C GLY E 273 -10.33 -5.95 -4.56
N ILE E 274 -11.36 -6.16 -5.39
CA ILE E 274 -11.62 -5.43 -6.61
C ILE E 274 -12.31 -4.11 -6.28
N THR E 275 -13.32 -4.18 -5.42
CA THR E 275 -13.94 -2.99 -4.93
C THR E 275 -12.89 -2.10 -4.28
N ALA E 276 -12.09 -2.63 -3.38
CA ALA E 276 -11.06 -1.81 -2.73
C ALA E 276 -10.14 -1.17 -3.78
N PHE E 277 -9.80 -1.92 -4.82
CA PHE E 277 -8.93 -1.39 -5.85
C PHE E 277 -9.62 -0.23 -6.61
N LEU E 278 -10.82 -0.49 -7.12
CA LEU E 278 -11.62 0.49 -7.88
C LEU E 278 -12.11 1.70 -7.03
N GLN E 279 -12.44 1.48 -5.76
CA GLN E 279 -12.83 2.55 -4.86
C GLN E 279 -11.59 3.16 -4.16
N LYS E 280 -10.41 2.82 -4.66
CA LYS E 280 -9.13 3.28 -4.12
C LYS E 280 -9.04 3.28 -2.58
N ARG E 281 -9.37 2.16 -1.95
CA ARG E 281 -9.22 2.04 -0.51
C ARG E 281 -8.52 0.74 -0.13
N LYS E 282 -8.16 0.62 1.15
CA LYS E 282 -7.51 -0.59 1.66
C LYS E 282 -8.47 -1.76 1.63
N PRO E 283 -8.05 -2.88 1.07
CA PRO E 283 -8.91 -4.06 1.14
C PRO E 283 -8.70 -4.79 2.46
N VAL E 284 -9.78 -5.30 3.02
CA VAL E 284 -9.80 -5.98 4.33
C VAL E 284 -10.40 -7.35 4.03
N TRP E 285 -9.62 -8.40 4.34
CA TRP E 285 -10.03 -9.75 4.03
C TRP E 285 -10.82 -10.32 5.20
N SER E 286 -11.91 -11.04 4.89
CA SER E 286 -12.75 -11.70 5.88
C SER E 286 -12.44 -13.18 6.02
N HIS E 287 -11.78 -13.77 5.00
CA HIS E 287 -11.32 -15.15 5.03
C HIS E 287 -12.46 -16.14 5.36
N PRO F 34 -8.90 -0.85 -30.79
CA PRO F 34 -8.04 -1.14 -29.60
C PRO F 34 -6.65 -1.73 -29.97
N THR F 35 -6.62 -2.58 -30.99
CA THR F 35 -5.38 -3.00 -31.66
C THR F 35 -5.28 -2.52 -33.13
N SER F 36 -4.05 -2.26 -33.59
CA SER F 36 -3.75 -2.02 -35.05
C SER F 36 -2.84 -3.08 -35.73
N ALA F 37 -3.39 -3.80 -36.72
CA ALA F 37 -2.66 -4.76 -37.56
C ALA F 37 -2.18 -4.16 -38.90
N ARG F 38 -0.87 -4.25 -39.16
CA ARG F 38 -0.32 -4.02 -40.49
C ARG F 38 0.56 -5.23 -40.88
N GLN F 39 0.65 -5.54 -42.16
CA GLN F 39 1.49 -6.64 -42.64
C GLN F 39 2.31 -6.25 -43.87
N LEU F 40 3.62 -6.08 -43.67
CA LEU F 40 4.58 -5.91 -44.78
C LEU F 40 5.53 -7.08 -44.80
N ASP F 41 5.56 -7.79 -45.95
CA ASP F 41 6.60 -8.81 -46.29
C ASP F 41 6.47 -10.11 -45.50
N GLY F 42 5.24 -10.55 -45.30
CA GLY F 42 4.95 -11.71 -44.46
C GLY F 42 4.97 -11.50 -42.94
N ILE F 43 5.43 -10.33 -42.49
CA ILE F 43 5.54 -10.00 -41.08
C ILE F 43 4.30 -9.17 -40.80
N ARG F 44 3.38 -9.77 -40.07
CA ARG F 44 2.22 -9.09 -39.55
C ARG F 44 2.55 -8.53 -38.20
N ASN F 45 2.28 -7.26 -37.98
CA ASN F 45 2.52 -6.68 -36.69
C ASN F 45 1.23 -6.18 -36.06
N ILE F 46 0.81 -6.88 -34.99
CA ILE F 46 -0.40 -6.57 -34.20
C ILE F 46 -0.05 -5.76 -32.94
N VAL F 47 -0.47 -4.49 -32.89
CA VAL F 47 -0.11 -3.62 -31.77
C VAL F 47 -1.29 -3.40 -30.85
N LEU F 48 -1.08 -3.64 -29.55
CA LEU F 48 -2.06 -3.22 -28.55
C LEU F 48 -1.99 -1.69 -28.43
N SER F 49 -3.06 -1.04 -28.90
CA SER F 49 -3.05 0.41 -29.06
C SER F 49 -4.11 1.08 -28.18
N ASN F 50 -4.18 0.70 -26.90
CA ASN F 50 -4.99 1.43 -25.92
C ASN F 50 -4.22 1.86 -24.67
N PRO F 51 -3.09 2.57 -24.84
CA PRO F 51 -2.21 2.97 -23.73
C PRO F 51 -2.83 3.82 -22.61
N LYS F 52 -3.86 4.62 -22.94
CA LYS F 52 -4.60 5.41 -21.95
C LYS F 52 -5.37 4.53 -20.94
N LYS F 53 -5.58 3.26 -21.31
CA LYS F 53 -6.18 2.26 -20.43
C LYS F 53 -5.20 1.09 -20.21
N ARG F 54 -3.91 1.40 -20.24
CA ARG F 54 -2.83 0.44 -19.94
C ARG F 54 -2.92 -0.87 -20.76
N ASN F 55 -3.48 -0.77 -21.97
CA ASN F 55 -3.64 -1.92 -22.87
C ASN F 55 -4.36 -3.09 -22.22
N THR F 56 -5.39 -2.77 -21.45
CA THR F 56 -6.03 -3.79 -20.66
C THR F 56 -6.72 -4.76 -21.61
N LEU F 57 -6.69 -6.04 -21.26
CA LEU F 57 -7.29 -7.12 -22.05
C LEU F 57 -8.79 -7.25 -21.71
N SER F 58 -9.55 -6.24 -22.10
CA SER F 58 -11.00 -6.23 -21.87
C SER F 58 -11.61 -7.20 -22.85
N LEU F 59 -12.93 -7.39 -22.80
CA LEU F 59 -13.54 -8.27 -23.79
C LEU F 59 -13.31 -7.76 -25.24
N ALA F 60 -13.39 -6.44 -25.41
CA ALA F 60 -13.17 -5.75 -26.69
C ALA F 60 -11.73 -5.80 -27.19
N MET F 61 -10.76 -5.72 -26.28
CA MET F 61 -9.32 -5.84 -26.63
C MET F 61 -9.05 -7.26 -27.06
N LEU F 62 -9.57 -8.22 -26.31
CA LEU F 62 -9.43 -9.65 -26.65
C LEU F 62 -10.06 -10.02 -28.01
N LYS F 63 -11.27 -9.54 -28.24
CA LYS F 63 -11.96 -9.73 -29.52
C LYS F 63 -11.26 -9.12 -30.75
N SER F 64 -10.74 -7.89 -30.59
CA SER F 64 -9.93 -7.21 -31.60
C SER F 64 -8.61 -7.97 -31.94
N LEU F 65 -7.86 -8.33 -30.89
CA LEU F 65 -6.69 -9.17 -30.99
C LEU F 65 -6.97 -10.50 -31.66
N GLN F 66 -7.97 -11.22 -31.19
CA GLN F 66 -8.38 -12.46 -31.82
C GLN F 66 -8.62 -12.30 -33.31
N SER F 67 -9.30 -11.22 -33.69
CA SER F 67 -9.60 -10.94 -35.07
C SER F 67 -8.34 -10.73 -35.95
N ASP F 68 -7.41 -9.91 -35.46
CA ASP F 68 -6.20 -9.56 -36.18
C ASP F 68 -5.28 -10.78 -36.32
N ILE F 69 -5.26 -11.65 -35.31
CA ILE F 69 -4.49 -12.91 -35.33
C ILE F 69 -5.03 -13.84 -36.41
N LEU F 70 -6.34 -14.02 -36.39
CA LEU F 70 -7.02 -15.01 -37.24
C LEU F 70 -7.23 -14.62 -38.69
N HIS F 71 -7.23 -13.31 -38.97
CA HIS F 71 -7.52 -12.75 -40.30
C HIS F 71 -6.58 -13.34 -41.31
N ASP F 72 -7.11 -13.96 -42.36
CA ASP F 72 -6.25 -14.56 -43.40
C ASP F 72 -5.14 -15.44 -42.83
N ALA F 73 -5.40 -16.12 -41.71
CA ALA F 73 -4.42 -17.02 -41.08
C ALA F 73 -3.78 -17.98 -42.08
N ASP F 74 -4.54 -18.42 -43.09
CA ASP F 74 -4.02 -19.40 -44.05
C ASP F 74 -3.19 -18.81 -45.20
N SER F 75 -3.35 -17.51 -45.47
CA SER F 75 -2.69 -16.83 -46.58
C SER F 75 -1.19 -17.12 -46.55
N ASN F 76 -0.62 -17.55 -47.68
CA ASN F 76 0.79 -17.85 -47.85
C ASN F 76 1.69 -16.65 -47.83
N ASP F 77 1.08 -15.49 -47.95
CA ASP F 77 1.75 -14.21 -47.72
C ASP F 77 2.10 -13.98 -46.26
N LEU F 78 1.27 -14.46 -45.34
CA LEU F 78 1.58 -14.40 -43.91
C LEU F 78 2.61 -15.46 -43.49
N LYS F 79 3.69 -14.98 -42.85
CA LYS F 79 4.84 -15.83 -42.46
C LYS F 79 5.18 -15.80 -40.95
N VAL F 80 4.99 -14.67 -40.31
CA VAL F 80 5.15 -14.57 -38.87
C VAL F 80 4.31 -13.40 -38.33
N ILE F 81 3.98 -13.47 -37.03
CA ILE F 81 3.23 -12.44 -36.33
C ILE F 81 4.05 -11.93 -35.17
N ILE F 82 4.12 -10.62 -35.02
CA ILE F 82 4.66 -9.96 -33.81
C ILE F 82 3.52 -9.18 -33.12
N ILE F 83 3.22 -9.57 -31.87
CA ILE F 83 2.39 -8.80 -30.95
C ILE F 83 3.28 -7.83 -30.11
N SER F 84 3.07 -6.52 -30.32
CA SER F 84 3.67 -5.44 -29.56
C SER F 84 2.57 -4.63 -28.87
N ALA F 85 2.99 -3.60 -28.14
CA ALA F 85 2.08 -2.65 -27.52
C ALA F 85 2.58 -1.19 -27.56
N GLU F 86 1.61 -0.27 -27.64
CA GLU F 86 1.87 1.17 -27.47
C GLU F 86 1.90 1.57 -25.97
N GLY F 87 2.85 2.45 -25.61
CA GLY F 87 2.93 3.03 -24.26
C GLY F 87 3.89 2.24 -23.39
N PRO F 88 4.10 2.66 -22.13
CA PRO F 88 5.09 2.03 -21.24
C PRO F 88 4.63 0.76 -20.47
N VAL F 89 3.37 0.33 -20.71
CA VAL F 89 2.84 -0.95 -20.22
C VAL F 89 2.40 -1.86 -21.41
N PHE F 90 3.00 -3.06 -21.50
CA PHE F 90 2.63 -3.97 -22.55
C PHE F 90 1.12 -4.29 -22.45
N SER F 91 0.73 -4.71 -21.25
CA SER F 91 -0.67 -4.89 -20.87
C SER F 91 -0.77 -5.07 -19.34
N SER F 92 -1.84 -4.55 -18.76
CA SER F 92 -2.13 -4.73 -17.32
C SER F 92 -3.03 -5.95 -17.04
N GLY F 93 -3.48 -6.64 -18.10
CA GLY F 93 -4.35 -7.78 -17.96
C GLY F 93 -5.76 -7.32 -17.99
N HIS F 94 -6.65 -8.07 -17.37
CA HIS F 94 -8.06 -7.87 -17.56
C HIS F 94 -8.51 -6.58 -16.95
N ASP F 95 -9.54 -6.00 -17.56
CA ASP F 95 -10.23 -4.83 -17.03
C ASP F 95 -11.08 -5.25 -15.81
N LEU F 96 -10.64 -4.82 -14.63
CA LEU F 96 -11.27 -5.28 -13.41
C LEU F 96 -12.71 -4.78 -13.30
N LYS F 97 -13.03 -3.65 -13.95
CA LYS F 97 -14.43 -3.13 -14.08
C LYS F 97 -15.41 -4.13 -14.74
N GLU F 98 -14.88 -5.10 -15.52
CA GLU F 98 -15.71 -6.13 -16.15
C GLU F 98 -15.89 -7.37 -15.28
N LEU F 99 -15.30 -7.37 -14.07
CA LEU F 99 -15.27 -8.54 -13.21
C LEU F 99 -15.91 -8.27 -11.83
N THR F 100 -16.67 -7.19 -11.77
CA THR F 100 -17.50 -6.89 -10.64
C THR F 100 -18.73 -7.78 -10.69
N GLU F 101 -19.19 -8.06 -9.49
CA GLU F 101 -20.30 -8.90 -9.24
C GLU F 101 -21.51 -8.48 -10.07
N GLU F 102 -21.66 -7.17 -10.32
CA GLU F 102 -22.76 -6.64 -11.14
C GLU F 102 -22.73 -6.93 -12.67
N GLN F 103 -21.68 -7.53 -13.23
CA GLN F 103 -21.68 -7.95 -14.67
C GLN F 103 -22.26 -9.37 -14.86
N GLY F 104 -22.27 -10.11 -13.75
CA GLY F 104 -22.69 -11.50 -13.77
C GLY F 104 -21.52 -12.42 -14.04
N ARG F 105 -21.64 -13.65 -13.54
CA ARG F 105 -20.62 -14.65 -13.73
C ARG F 105 -20.50 -15.10 -15.21
N ASP F 106 -21.61 -15.00 -15.94
CA ASP F 106 -21.69 -15.31 -17.37
C ASP F 106 -20.85 -14.38 -18.20
N TYR F 107 -20.80 -13.12 -17.79
CA TYR F 107 -19.84 -12.19 -18.37
C TYR F 107 -18.41 -12.46 -17.86
N HIS F 108 -18.27 -12.99 -16.65
CA HIS F 108 -16.93 -13.31 -16.15
C HIS F 108 -16.38 -14.50 -16.98
N ALA F 109 -17.18 -15.55 -17.15
CA ALA F 109 -16.88 -16.70 -18.02
C ALA F 109 -16.49 -16.24 -19.42
N GLU F 110 -17.31 -15.43 -20.06
CA GLU F 110 -17.00 -15.00 -21.41
C GLU F 110 -15.62 -14.32 -21.49
N VAL F 111 -15.25 -13.51 -20.50
CA VAL F 111 -13.93 -12.82 -20.46
C VAL F 111 -12.74 -13.80 -20.41
N PHE F 112 -12.84 -14.80 -19.54
CA PHE F 112 -11.78 -15.76 -19.34
C PHE F 112 -11.77 -16.79 -20.46
N GLN F 113 -12.94 -17.23 -20.92
CA GLN F 113 -12.99 -18.15 -22.06
C GLN F 113 -12.48 -17.54 -23.36
N THR F 114 -12.63 -16.23 -23.55
CA THR F 114 -12.16 -15.59 -24.77
C THR F 114 -10.67 -15.39 -24.65
N CYS F 115 -10.22 -15.10 -23.44
CA CYS F 115 -8.81 -14.97 -23.23
C CYS F 115 -8.08 -16.29 -23.49
N SER F 116 -8.66 -17.37 -22.99
CA SER F 116 -8.08 -18.70 -23.16
C SER F 116 -8.05 -19.06 -24.64
N LYS F 117 -9.15 -18.77 -25.33
CA LYS F 117 -9.31 -19.10 -26.76
C LYS F 117 -8.25 -18.45 -27.62
N VAL F 118 -7.94 -17.19 -27.36
CA VAL F 118 -6.87 -16.45 -28.00
C VAL F 118 -5.47 -17.07 -27.74
N MET F 119 -5.20 -17.43 -26.48
CA MET F 119 -3.97 -18.11 -26.16
C MET F 119 -3.91 -19.40 -27.00
N MET F 120 -5.02 -20.11 -27.12
CA MET F 120 -5.05 -21.33 -27.92
C MET F 120 -4.88 -21.12 -29.41
N HIS F 121 -5.43 -20.02 -29.92
CA HIS F 121 -5.23 -19.64 -31.33
C HIS F 121 -3.79 -19.27 -31.61
N ILE F 122 -3.10 -18.72 -30.60
CA ILE F 122 -1.65 -18.50 -30.74
C ILE F 122 -0.88 -19.83 -30.78
N ARG F 123 -1.10 -20.66 -29.77
CA ARG F 123 -0.53 -22.01 -29.79
C ARG F 123 -0.73 -22.77 -31.10
N ASN F 124 -1.98 -22.74 -31.62
CA ASN F 124 -2.33 -23.50 -32.83
C ASN F 124 -2.20 -22.76 -34.13
N HIS F 125 -1.67 -21.55 -34.11
CA HIS F 125 -1.49 -20.79 -35.33
C HIS F 125 -0.53 -21.46 -36.31
N PRO F 126 -0.89 -21.46 -37.62
CA PRO F 126 -0.09 -21.96 -38.73
C PRO F 126 1.32 -21.39 -38.81
N VAL F 127 1.48 -20.11 -38.45
CA VAL F 127 2.76 -19.45 -38.42
C VAL F 127 3.27 -19.22 -36.98
N PRO F 128 4.60 -19.02 -36.81
CA PRO F 128 5.11 -18.61 -35.48
C PRO F 128 4.59 -17.23 -35.01
N VAL F 129 4.40 -17.06 -33.68
CA VAL F 129 3.99 -15.76 -33.08
C VAL F 129 5.07 -15.29 -32.11
N ILE F 130 5.51 -14.04 -32.25
CA ILE F 130 6.52 -13.40 -31.36
C ILE F 130 5.89 -12.29 -30.45
N ALA F 131 6.18 -12.30 -29.14
CA ALA F 131 5.76 -11.22 -28.28
C ALA F 131 6.93 -10.26 -28.24
N MET F 132 6.69 -8.98 -28.50
CA MET F 132 7.70 -7.93 -28.34
C MET F 132 7.28 -7.05 -27.15
N VAL F 133 8.07 -7.04 -26.08
CA VAL F 133 7.65 -6.37 -24.86
C VAL F 133 8.66 -5.25 -24.57
N ASN F 134 8.13 -4.11 -24.15
CA ASN F 134 8.89 -2.91 -23.79
C ASN F 134 8.20 -2.28 -22.54
N GLY F 135 8.26 -2.97 -21.40
CA GLY F 135 7.66 -2.48 -20.19
C GLY F 135 7.01 -3.60 -19.40
N LEU F 136 5.98 -3.22 -18.64
CA LEU F 136 5.31 -4.12 -17.70
C LEU F 136 4.26 -5.03 -18.32
N ALA F 137 4.38 -6.35 -18.14
CA ALA F 137 3.34 -7.33 -18.47
C ALA F 137 2.93 -7.96 -17.17
N THR F 138 1.72 -7.67 -16.71
CA THR F 138 1.21 -8.20 -15.45
C THR F 138 -0.09 -8.95 -15.72
N ALA F 139 -0.27 -10.05 -14.99
CA ALA F 139 -1.53 -10.80 -14.97
C ALA F 139 -1.76 -11.45 -16.31
N ALA F 140 -2.89 -11.20 -16.95
CA ALA F 140 -3.21 -11.81 -18.25
C ALA F 140 -2.33 -11.25 -19.33
N GLY F 141 -1.67 -10.13 -19.02
CA GLY F 141 -0.66 -9.54 -19.90
C GLY F 141 0.64 -10.28 -19.84
N CYS F 142 0.94 -10.91 -18.71
CA CYS F 142 2.13 -11.73 -18.63
C CYS F 142 1.84 -13.04 -19.33
N GLN F 143 0.62 -13.53 -19.16
CA GLN F 143 0.10 -14.70 -19.84
C GLN F 143 0.25 -14.62 -21.34
N LEU F 144 -0.10 -13.49 -21.95
CA LEU F 144 0.01 -13.34 -23.40
C LEU F 144 1.45 -13.50 -23.86
N VAL F 145 2.38 -12.86 -23.16
CA VAL F 145 3.85 -13.05 -23.39
C VAL F 145 4.27 -14.48 -23.38
N ALA F 146 3.95 -15.21 -22.30
CA ALA F 146 4.25 -16.66 -22.16
C ALA F 146 3.53 -17.58 -23.16
N SER F 147 2.43 -17.14 -23.76
CA SER F 147 1.71 -17.99 -24.71
C SER F 147 2.30 -17.97 -26.13
N CYS F 148 3.10 -16.95 -26.42
CA CYS F 148 3.79 -16.87 -27.70
C CYS F 148 4.99 -17.82 -27.76
N ASP F 149 5.49 -18.07 -28.96
CA ASP F 149 6.52 -19.11 -29.20
C ASP F 149 7.85 -18.54 -28.78
N ILE F 150 8.01 -17.26 -29.16
CA ILE F 150 9.20 -16.48 -28.89
C ILE F 150 8.78 -15.22 -28.19
N ALA F 151 9.64 -14.72 -27.30
CA ALA F 151 9.41 -13.51 -26.62
C ALA F 151 10.71 -12.75 -26.57
N VAL F 152 10.70 -11.50 -27.05
CA VAL F 152 11.83 -10.59 -26.98
C VAL F 152 11.39 -9.42 -26.10
N ALA F 153 12.29 -8.95 -25.22
CA ALA F 153 11.98 -7.86 -24.29
C ALA F 153 13.17 -6.94 -24.07
N SER F 154 12.90 -5.67 -23.78
CA SER F 154 13.94 -4.75 -23.43
C SER F 154 14.35 -4.95 -21.95
N ASP F 155 15.55 -4.51 -21.58
CA ASP F 155 16.04 -4.68 -20.22
C ASP F 155 15.14 -4.09 -19.09
N LYS F 156 14.32 -3.07 -19.40
CA LYS F 156 13.45 -2.41 -18.38
C LYS F 156 12.09 -3.14 -18.22
N SER F 157 11.86 -4.11 -19.09
CA SER F 157 10.59 -4.84 -19.05
C SER F 157 10.59 -5.62 -17.74
N SER F 158 9.38 -5.86 -17.23
CA SER F 158 9.19 -6.62 -16.02
C SER F 158 7.87 -7.39 -16.13
N PHE F 159 7.70 -8.40 -15.28
CA PHE F 159 6.59 -9.36 -15.39
C PHE F 159 6.09 -9.68 -14.01
N ALA F 160 4.77 -9.80 -13.86
CA ALA F 160 4.20 -10.16 -12.58
C ALA F 160 2.90 -10.85 -12.81
N THR F 161 2.45 -11.55 -11.77
CA THR F 161 1.09 -12.06 -11.67
C THR F 161 0.50 -11.62 -10.28
N PRO F 162 0.05 -10.37 -10.16
CA PRO F 162 -0.34 -9.81 -8.88
C PRO F 162 -1.88 -9.82 -8.54
N GLY F 163 -2.63 -10.74 -9.13
CA GLY F 163 -4.05 -10.81 -8.98
C GLY F 163 -4.42 -10.92 -7.51
N VAL F 164 -3.70 -11.76 -6.76
CA VAL F 164 -3.99 -11.96 -5.33
C VAL F 164 -4.23 -10.66 -4.56
N ASN F 165 -3.55 -9.62 -5.00
CA ASN F 165 -3.63 -8.35 -4.39
C ASN F 165 -4.99 -7.72 -4.55
N VAL F 166 -5.63 -8.00 -5.68
CA VAL F 166 -6.96 -7.50 -5.89
C VAL F 166 -7.95 -8.63 -5.63
N GLY F 167 -7.54 -9.62 -4.84
CA GLY F 167 -8.42 -10.73 -4.44
C GLY F 167 -8.76 -11.75 -5.52
N LEU F 168 -8.04 -11.68 -6.63
CA LEU F 168 -8.28 -12.55 -7.78
C LEU F 168 -6.98 -13.25 -8.13
N PHE F 169 -6.81 -14.49 -7.65
CA PHE F 169 -5.61 -15.25 -7.96
C PHE F 169 -5.42 -15.32 -9.46
N CYS F 170 -4.17 -15.15 -9.91
CA CYS F 170 -3.86 -15.31 -11.34
C CYS F 170 -3.78 -16.81 -11.72
N SER F 171 -4.93 -17.46 -11.73
CA SER F 171 -5.03 -18.88 -12.03
C SER F 171 -4.82 -19.18 -13.50
N THR F 172 -5.37 -18.37 -14.39
CA THR F 172 -5.26 -18.61 -15.84
C THR F 172 -3.86 -18.16 -16.31
N PRO F 173 -3.37 -16.99 -15.85
CA PRO F 173 -1.97 -16.70 -16.17
C PRO F 173 -0.93 -17.75 -15.71
N GLY F 174 -1.20 -18.39 -14.56
CA GLY F 174 -0.45 -19.51 -14.03
C GLY F 174 -0.33 -20.70 -14.93
N VAL F 175 -1.24 -20.85 -15.87
CA VAL F 175 -1.15 -21.91 -16.87
C VAL F 175 0.06 -21.71 -17.80
N ALA F 176 0.08 -20.55 -18.43
CA ALA F 176 1.16 -20.20 -19.30
C ALA F 176 2.41 -20.10 -18.45
N LEU F 177 2.39 -19.44 -17.29
CA LEU F 177 3.59 -19.28 -16.43
C LEU F 177 4.21 -20.65 -15.96
N ALA F 178 3.36 -21.59 -15.50
CA ALA F 178 3.77 -22.93 -15.09
C ALA F 178 4.61 -23.72 -16.20
N ARG F 179 4.38 -23.33 -17.47
CA ARG F 179 4.95 -23.97 -18.62
C ARG F 179 6.10 -23.13 -19.14
N ALA F 180 6.37 -21.98 -18.49
CA ALA F 180 7.53 -21.13 -18.83
C ALA F 180 8.71 -21.23 -17.86
N VAL F 181 8.41 -21.21 -16.57
CA VAL F 181 9.43 -21.13 -15.56
C VAL F 181 9.28 -22.27 -14.56
N PRO F 182 10.31 -22.48 -13.71
CA PRO F 182 10.23 -23.48 -12.68
C PRO F 182 9.17 -23.16 -11.64
N ARG F 183 8.62 -24.19 -11.03
CA ARG F 183 7.62 -24.04 -9.97
C ARG F 183 8.05 -23.09 -8.86
N LYS F 184 9.32 -23.16 -8.50
CA LYS F 184 9.84 -22.35 -7.44
C LYS F 184 9.75 -20.83 -7.72
N VAL F 185 9.97 -20.46 -8.97
CA VAL F 185 9.75 -19.11 -9.47
C VAL F 185 8.27 -18.79 -9.63
N ALA F 186 7.54 -19.69 -10.28
CA ALA F 186 6.13 -19.47 -10.58
C ALA F 186 5.30 -19.26 -9.34
N LEU F 187 5.48 -20.12 -8.36
CA LEU F 187 4.64 -20.05 -7.15
C LEU F 187 4.95 -18.82 -6.30
N GLU F 188 6.21 -18.41 -6.22
CA GLU F 188 6.49 -17.13 -5.56
C GLU F 188 5.75 -15.95 -6.24
N MET F 189 5.69 -15.99 -7.56
CA MET F 189 5.18 -14.90 -8.35
C MET F 189 3.72 -14.82 -8.13
N LEU F 190 3.09 -15.98 -8.17
CA LEU F 190 1.65 -16.11 -7.99
C LEU F 190 1.22 -15.84 -6.56
N PHE F 191 2.01 -16.29 -5.59
CA PHE F 191 1.67 -16.13 -4.18
C PHE F 191 1.99 -14.71 -3.60
N THR F 192 3.12 -14.12 -4.00
CA THR F 192 3.50 -12.74 -3.57
C THR F 192 3.05 -11.60 -4.51
N GLY F 193 2.77 -11.89 -5.77
CA GLY F 193 2.46 -10.81 -6.75
C GLY F 193 3.63 -9.90 -7.12
N GLU F 194 4.81 -10.13 -6.55
CA GLU F 194 5.97 -9.32 -6.84
C GLU F 194 6.50 -9.64 -8.25
N PRO F 195 7.04 -8.61 -8.93
CA PRO F 195 7.44 -8.82 -10.31
C PRO F 195 8.84 -9.34 -10.44
N ILE F 196 9.17 -9.86 -11.61
CA ILE F 196 10.57 -10.21 -11.92
C ILE F 196 11.16 -9.30 -13.03
N SER F 197 12.48 -9.14 -13.03
CA SER F 197 13.13 -8.37 -14.06
C SER F 197 13.08 -9.16 -15.36
N ALA F 198 13.49 -8.52 -16.46
CA ALA F 198 13.55 -9.15 -17.77
C ALA F 198 14.73 -10.13 -17.81
N GLN F 199 15.85 -9.74 -17.19
CA GLN F 199 17.03 -10.60 -17.10
C GLN F 199 16.69 -11.83 -16.25
N GLU F 200 15.89 -11.66 -15.19
CA GLU F 200 15.33 -12.82 -14.44
C GLU F 200 14.37 -13.67 -15.27
N ALA F 201 13.53 -13.03 -16.06
CA ALA F 201 12.54 -13.70 -16.93
C ALA F 201 13.22 -14.63 -17.94
N LEU F 202 14.32 -14.14 -18.50
CA LEU F 202 15.15 -14.82 -19.49
C LEU F 202 16.02 -15.96 -18.90
N LEU F 203 16.49 -15.80 -17.66
CA LEU F 203 17.23 -16.84 -16.97
C LEU F 203 16.37 -18.08 -16.72
N HIS F 204 15.09 -17.88 -16.37
CA HIS F 204 14.20 -18.98 -15.99
C HIS F 204 13.26 -19.45 -17.10
N GLY F 205 13.40 -18.92 -18.31
CA GLY F 205 12.67 -19.42 -19.50
C GLY F 205 11.38 -18.79 -19.94
N LEU F 206 11.05 -17.63 -19.39
CA LEU F 206 9.85 -16.90 -19.81
C LEU F 206 10.05 -16.05 -21.06
N LEU F 207 11.30 -15.68 -21.35
CA LEU F 207 11.67 -14.90 -22.46
C LEU F 207 12.75 -15.60 -23.27
N SER F 208 12.73 -15.36 -24.59
CA SER F 208 13.70 -15.90 -25.53
C SER F 208 14.93 -14.99 -25.57
N LYS F 209 14.72 -13.65 -25.60
CA LYS F 209 15.85 -12.67 -25.66
C LYS F 209 15.57 -11.44 -24.87
N VAL F 210 16.64 -10.82 -24.37
CA VAL F 210 16.59 -9.51 -23.73
C VAL F 210 17.73 -8.68 -24.29
N VAL F 211 17.38 -7.47 -24.71
CA VAL F 211 18.30 -6.54 -25.35
C VAL F 211 17.94 -5.14 -24.90
N PRO F 212 18.85 -4.17 -25.00
CA PRO F 212 18.40 -2.83 -24.64
C PRO F 212 17.19 -2.38 -25.50
N GLU F 213 16.46 -1.38 -25.02
CA GLU F 213 15.31 -0.85 -25.73
C GLU F 213 15.64 -0.33 -27.15
N ALA F 214 16.81 0.30 -27.32
CA ALA F 214 17.23 0.83 -28.65
C ALA F 214 17.42 -0.31 -29.66
N GLU F 215 17.88 -1.48 -29.17
CA GLU F 215 17.96 -2.70 -29.98
C GLU F 215 16.68 -3.54 -30.05
N LEU F 216 15.61 -3.21 -29.31
CA LEU F 216 14.45 -4.11 -29.28
C LEU F 216 13.84 -4.36 -30.67
N GLN F 217 13.61 -3.28 -31.42
CA GLN F 217 13.03 -3.40 -32.75
C GLN F 217 13.89 -4.27 -33.67
N GLU F 218 15.19 -4.00 -33.78
CA GLU F 218 15.99 -4.77 -34.74
C GLU F 218 16.23 -6.24 -34.35
N GLU F 219 16.27 -6.54 -33.07
CA GLU F 219 16.45 -7.91 -32.61
C GLU F 219 15.19 -8.72 -32.91
N THR F 220 14.03 -8.12 -32.70
CA THR F 220 12.74 -8.79 -33.00
C THR F 220 12.55 -8.98 -34.51
N MET F 221 12.98 -7.98 -35.30
CA MET F 221 12.97 -8.08 -36.77
C MET F 221 14.04 -8.99 -37.32
N ARG F 222 15.09 -9.27 -36.55
CA ARG F 222 16.06 -10.30 -36.97
C ARG F 222 15.35 -11.64 -36.97
N ILE F 223 14.64 -11.90 -35.87
CA ILE F 223 13.92 -13.17 -35.69
C ILE F 223 12.81 -13.28 -36.71
N ALA F 224 12.00 -12.23 -36.84
CA ALA F 224 10.82 -12.17 -37.74
C ALA F 224 11.18 -12.38 -39.19
N ARG F 225 12.23 -11.68 -39.64
CA ARG F 225 12.72 -11.81 -41.01
C ARG F 225 13.35 -13.14 -41.32
N LYS F 226 14.01 -13.77 -40.36
CA LYS F 226 14.52 -15.12 -40.57
C LYS F 226 13.35 -16.08 -40.85
N ILE F 227 12.30 -16.00 -40.05
CA ILE F 227 11.17 -16.90 -40.22
C ILE F 227 10.49 -16.68 -41.58
N ALA F 228 10.40 -15.42 -41.97
CA ALA F 228 9.77 -14.98 -43.23
C ALA F 228 10.58 -15.39 -44.45
N SER F 229 11.89 -15.59 -44.24
CA SER F 229 12.81 -16.10 -45.26
C SER F 229 12.75 -17.61 -45.49
N LEU F 230 12.06 -18.36 -44.63
CA LEU F 230 12.03 -19.84 -44.70
C LEU F 230 10.71 -20.37 -45.29
N SER F 231 10.62 -21.66 -45.56
CA SER F 231 9.40 -22.24 -46.10
C SER F 231 8.26 -22.19 -45.06
N ARG F 232 7.17 -21.50 -45.42
CA ARG F 232 5.96 -21.49 -44.59
C ARG F 232 5.48 -22.91 -44.34
N PRO F 233 5.31 -23.72 -45.38
CA PRO F 233 4.88 -25.08 -45.07
C PRO F 233 5.75 -25.87 -44.11
N VAL F 234 7.07 -25.73 -44.22
CA VAL F 234 7.94 -26.49 -43.35
C VAL F 234 7.92 -25.93 -41.90
N VAL F 235 7.90 -24.61 -41.76
CA VAL F 235 7.91 -23.98 -40.43
C VAL F 235 6.56 -24.26 -39.73
N SER F 236 5.54 -24.44 -40.54
CA SER F 236 4.18 -24.70 -40.10
C SER F 236 4.00 -26.16 -39.62
N LEU F 237 4.56 -27.11 -40.36
CA LEU F 237 4.58 -28.53 -40.00
C LEU F 237 5.38 -28.74 -38.69
N GLY F 238 6.47 -28.00 -38.58
CA GLY F 238 7.33 -28.02 -37.44
C GLY F 238 6.73 -27.50 -36.17
N LYS F 239 6.02 -26.38 -36.25
CA LYS F 239 5.31 -25.81 -35.14
C LYS F 239 4.19 -26.75 -34.67
N ALA F 240 3.43 -27.30 -35.57
CA ALA F 240 2.33 -28.24 -35.23
C ALA F 240 2.84 -29.54 -34.64
N THR F 241 4.00 -29.97 -35.13
CA THR F 241 4.52 -31.25 -34.73
C THR F 241 5.06 -31.12 -33.35
N PHE F 242 5.73 -30.00 -33.11
CA PHE F 242 6.38 -29.71 -31.85
C PHE F 242 5.41 -29.82 -30.73
N TYR F 243 4.28 -29.15 -30.89
CA TYR F 243 3.28 -29.07 -29.83
C TYR F 243 2.53 -30.41 -29.67
N LYS F 244 2.40 -31.15 -30.77
CA LYS F 244 1.85 -32.52 -30.65
C LYS F 244 2.83 -33.50 -29.91
N GLN F 245 4.15 -33.36 -30.03
CA GLN F 245 5.07 -34.34 -29.44
C GLN F 245 5.22 -34.06 -27.93
N LEU F 246 5.16 -32.79 -27.60
CA LEU F 246 5.57 -32.27 -26.34
C LEU F 246 5.02 -33.03 -25.14
N PRO F 247 3.71 -33.23 -25.08
CA PRO F 247 3.12 -33.96 -23.94
C PRO F 247 3.30 -35.50 -23.94
N GLN F 248 3.78 -36.06 -25.03
CA GLN F 248 3.85 -37.49 -25.18
C GLN F 248 5.02 -38.16 -24.46
N ASP F 249 4.87 -39.45 -24.20
CA ASP F 249 6.00 -40.25 -23.74
C ASP F 249 7.01 -40.27 -24.91
N LEU F 250 8.25 -40.60 -24.61
CA LEU F 250 9.33 -40.50 -25.57
C LEU F 250 9.10 -41.44 -26.75
N GLY F 251 8.61 -42.64 -26.51
CA GLY F 251 8.38 -43.57 -27.65
C GLY F 251 7.49 -42.95 -28.71
N THR F 252 6.35 -42.42 -28.25
CA THR F 252 5.36 -41.79 -29.11
C THR F 252 5.81 -40.48 -29.69
N ALA F 253 6.48 -39.65 -28.90
CA ALA F 253 7.02 -38.42 -29.43
C ALA F 253 7.89 -38.72 -30.68
N TYR F 254 8.72 -39.76 -30.60
CA TYR F 254 9.63 -40.13 -31.72
C TYR F 254 8.93 -40.79 -32.89
N TYR F 255 7.89 -41.56 -32.57
CA TYR F 255 6.99 -42.09 -33.56
C TYR F 255 6.30 -40.95 -34.35
N LEU F 256 5.76 -39.97 -33.66
CA LEU F 256 5.08 -38.87 -34.32
C LEU F 256 6.06 -38.10 -35.14
N THR F 257 7.19 -37.73 -34.54
CA THR F 257 8.06 -36.74 -35.17
C THR F 257 8.82 -37.33 -36.29
N SER F 258 9.11 -38.62 -36.25
CA SER F 258 9.85 -39.21 -37.39
C SER F 258 8.91 -39.36 -38.59
N GLN F 259 7.64 -39.64 -38.29
CA GLN F 259 6.58 -39.60 -39.27
C GLN F 259 6.44 -38.19 -39.87
N ALA F 260 6.63 -37.12 -39.09
CA ALA F 260 6.68 -35.75 -39.64
C ALA F 260 7.98 -35.44 -40.43
N MET F 261 9.09 -36.07 -40.08
CA MET F 261 10.33 -35.84 -40.82
C MET F 261 10.21 -36.42 -42.24
N VAL F 262 9.53 -37.58 -42.35
CA VAL F 262 9.39 -38.31 -43.60
C VAL F 262 8.43 -37.55 -44.51
N ASP F 263 7.28 -37.16 -43.98
CA ASP F 263 6.36 -36.21 -44.63
C ASP F 263 6.98 -34.90 -45.05
N ASN F 264 7.83 -34.33 -44.22
CA ASN F 264 8.55 -33.07 -44.52
C ASN F 264 9.36 -33.23 -45.78
N LEU F 265 9.89 -34.41 -45.98
CA LEU F 265 10.83 -34.66 -47.08
C LEU F 265 10.04 -34.93 -48.37
N ALA F 266 8.78 -35.33 -48.25
CA ALA F 266 7.89 -35.46 -49.40
C ALA F 266 7.38 -34.10 -49.90
N LEU F 267 7.52 -33.03 -49.12
CA LEU F 267 7.07 -31.71 -49.57
C LEU F 267 8.07 -31.15 -50.55
N ARG F 268 7.55 -30.41 -51.54
CA ARG F 268 8.38 -29.80 -52.60
C ARG F 268 9.54 -29.01 -51.99
N ASP F 269 9.23 -28.17 -51.00
CA ASP F 269 10.23 -27.37 -50.25
C ASP F 269 11.24 -28.15 -49.43
N GLY F 270 10.85 -29.35 -49.05
CA GLY F 270 11.72 -30.28 -48.36
C GLY F 270 12.89 -30.62 -49.26
N GLN F 271 12.55 -31.20 -50.41
CA GLN F 271 13.55 -31.55 -51.44
C GLN F 271 14.24 -30.35 -52.09
N GLU F 272 13.56 -29.24 -52.19
CA GLU F 272 14.23 -28.02 -52.64
C GLU F 272 15.33 -27.60 -51.69
N GLY F 273 15.06 -27.58 -50.38
CA GLY F 273 16.03 -27.15 -49.37
C GLY F 273 17.30 -27.98 -49.36
N ILE F 274 17.10 -29.29 -49.56
CA ILE F 274 18.20 -30.24 -49.65
C ILE F 274 19.01 -30.18 -50.97
N THR F 275 18.30 -30.24 -52.08
CA THR F 275 18.91 -30.01 -53.36
C THR F 275 19.68 -28.69 -53.33
N ALA F 276 19.06 -27.62 -52.86
CA ALA F 276 19.75 -26.32 -52.84
C ALA F 276 21.07 -26.40 -52.07
N PHE F 277 21.01 -27.15 -50.97
CA PHE F 277 22.15 -27.26 -50.07
C PHE F 277 23.31 -28.04 -50.71
N LEU F 278 22.97 -29.19 -51.28
CA LEU F 278 23.88 -30.11 -51.97
C LEU F 278 24.39 -29.52 -53.26
N GLN F 279 23.53 -28.80 -54.01
CA GLN F 279 24.02 -28.19 -55.21
C GLN F 279 24.63 -26.81 -54.95
N LYS F 280 24.84 -26.45 -53.68
CA LYS F 280 25.54 -25.21 -53.32
C LYS F 280 24.93 -23.92 -53.95
N ARG F 281 23.60 -23.79 -53.91
CA ARG F 281 22.90 -22.55 -54.31
C ARG F 281 21.87 -22.15 -53.26
N LYS F 282 21.18 -21.02 -53.47
CA LYS F 282 20.14 -20.59 -52.52
C LYS F 282 18.83 -21.33 -52.74
N PRO F 283 18.13 -21.67 -51.66
CA PRO F 283 16.85 -22.36 -51.84
C PRO F 283 15.77 -21.43 -52.32
N VAL F 284 14.83 -21.98 -53.09
CA VAL F 284 13.72 -21.26 -53.68
C VAL F 284 12.44 -21.82 -53.08
N TRP F 285 11.87 -21.15 -52.09
CA TRP F 285 10.67 -21.76 -51.44
C TRP F 285 9.41 -21.61 -52.30
N SER F 286 8.69 -22.70 -52.53
CA SER F 286 7.39 -22.61 -53.23
C SER F 286 6.38 -22.03 -52.26
N HIS F 287 6.16 -22.79 -51.17
CA HIS F 287 5.15 -22.55 -50.10
C HIS F 287 3.83 -23.37 -50.29
N ARG G 33 21.85 31.65 -35.35
CA ARG G 33 22.64 31.52 -34.07
C ARG G 33 22.58 30.06 -33.63
N PRO G 34 23.72 29.48 -33.15
CA PRO G 34 23.74 28.08 -32.64
C PRO G 34 23.06 27.90 -31.27
N THR G 35 22.93 28.98 -30.49
CA THR G 35 22.08 28.98 -29.31
C THR G 35 20.87 29.90 -29.51
N SER G 36 19.73 29.50 -28.93
CA SER G 36 18.59 30.38 -28.73
C SER G 36 18.34 30.50 -27.24
N ALA G 37 18.18 31.73 -26.77
CA ALA G 37 17.77 32.00 -25.40
C ALA G 37 16.52 32.89 -25.41
N ARG G 38 15.56 32.55 -24.58
CA ARG G 38 14.44 33.42 -24.38
C ARG G 38 14.23 33.51 -22.88
N GLN G 39 13.71 34.66 -22.43
CA GLN G 39 13.46 34.93 -21.00
C GLN G 39 12.00 35.36 -20.78
N LEU G 40 11.29 34.67 -19.89
CA LEU G 40 9.96 35.12 -19.48
C LEU G 40 9.72 34.86 -17.98
N ASP G 41 9.11 35.84 -17.31
CA ASP G 41 8.75 35.74 -15.88
C ASP G 41 9.94 35.47 -14.97
N GLY G 42 11.11 35.89 -15.44
CA GLY G 42 12.38 35.79 -14.69
C GLY G 42 13.23 34.53 -14.88
N ILE G 43 12.76 33.61 -15.73
CA ILE G 43 13.47 32.38 -16.08
C ILE G 43 14.01 32.52 -17.51
N ARG G 44 15.33 32.46 -17.65
CA ARG G 44 16.00 32.51 -18.96
C ARG G 44 16.32 31.11 -19.43
N ASN G 45 15.77 30.73 -20.57
CA ASN G 45 16.03 29.41 -21.13
C ASN G 45 17.02 29.48 -22.30
N ILE G 46 18.22 28.91 -22.12
CA ILE G 46 19.25 28.92 -23.17
C ILE G 46 19.41 27.53 -23.82
N VAL G 47 18.85 27.39 -25.03
CA VAL G 47 18.77 26.09 -25.72
C VAL G 47 19.93 25.93 -26.71
N LEU G 48 20.73 24.88 -26.55
CA LEU G 48 21.73 24.49 -27.54
C LEU G 48 20.95 24.04 -28.78
N SER G 49 21.04 24.83 -29.85
CA SER G 49 20.18 24.64 -31.04
C SER G 49 20.98 24.49 -32.32
N ASN G 50 21.82 23.46 -32.36
CA ASN G 50 22.47 23.03 -33.58
C ASN G 50 22.54 21.50 -33.64
N PRO G 51 21.37 20.83 -33.55
CA PRO G 51 21.35 19.36 -33.50
C PRO G 51 21.85 18.67 -34.78
N LYS G 52 21.84 19.38 -35.91
CA LYS G 52 22.40 18.87 -37.16
C LYS G 52 23.92 18.62 -37.08
N LYS G 53 24.58 19.06 -36.00
CA LYS G 53 25.97 18.66 -35.69
C LYS G 53 26.11 18.23 -34.20
N ARG G 54 25.13 17.45 -33.73
CA ARG G 54 25.05 16.94 -32.34
C ARG G 54 25.33 17.95 -31.20
N ASN G 55 24.96 19.22 -31.46
CA ASN G 55 25.18 20.35 -30.56
C ASN G 55 26.63 20.49 -30.11
N THR G 56 27.59 20.31 -31.01
CA THR G 56 28.99 20.34 -30.58
C THR G 56 29.34 21.71 -30.00
N LEU G 57 30.27 21.69 -29.06
CA LEU G 57 30.80 22.89 -28.45
C LEU G 57 31.99 23.43 -29.28
N SER G 58 31.65 23.94 -30.46
CA SER G 58 32.59 24.69 -31.30
C SER G 58 32.88 26.07 -30.68
N LEU G 59 33.94 26.74 -31.14
CA LEU G 59 34.28 28.08 -30.65
C LEU G 59 33.09 29.02 -30.81
N ALA G 60 32.40 28.90 -31.95
CA ALA G 60 31.15 29.65 -32.21
C ALA G 60 30.03 29.33 -31.21
N MET G 61 29.79 28.05 -30.96
CA MET G 61 28.75 27.60 -30.01
C MET G 61 28.96 28.15 -28.60
N LEU G 62 30.21 28.04 -28.13
CA LEU G 62 30.64 28.52 -26.82
C LEU G 62 30.51 30.04 -26.71
N LYS G 63 30.97 30.76 -27.75
CA LYS G 63 30.86 32.23 -27.77
C LYS G 63 29.38 32.67 -27.74
N SER G 64 28.54 31.98 -28.51
CA SER G 64 27.11 32.24 -28.54
C SER G 64 26.43 31.89 -27.21
N LEU G 65 26.84 30.78 -26.62
CA LEU G 65 26.37 30.36 -25.29
C LEU G 65 26.86 31.33 -24.18
N GLN G 66 28.13 31.75 -24.25
CA GLN G 66 28.70 32.69 -23.27
C GLN G 66 27.96 34.02 -23.31
N SER G 67 27.59 34.42 -24.52
CA SER G 67 26.85 35.66 -24.73
C SER G 67 25.43 35.65 -24.13
N ASP G 68 24.70 34.55 -24.33
CA ASP G 68 23.34 34.38 -23.75
C ASP G 68 23.35 34.30 -22.20
N ILE G 69 24.38 33.68 -21.62
CA ILE G 69 24.55 33.61 -20.16
C ILE G 69 24.89 34.98 -19.57
N LEU G 70 25.79 35.70 -20.22
CA LEU G 70 26.26 37.00 -19.71
C LEU G 70 25.30 38.16 -19.94
N HIS G 71 24.42 38.05 -20.95
CA HIS G 71 23.49 39.13 -21.30
C HIS G 71 22.70 39.60 -20.06
N ASP G 72 22.58 40.93 -19.89
CA ASP G 72 21.87 41.55 -18.76
C ASP G 72 21.89 40.68 -17.49
N ALA G 73 23.08 40.17 -17.14
CA ALA G 73 23.27 39.23 -16.03
C ALA G 73 22.97 39.83 -14.63
N ASP G 74 23.08 41.16 -14.53
CA ASP G 74 22.81 41.87 -13.26
C ASP G 74 21.39 42.44 -13.16
N SER G 75 20.53 42.02 -14.10
CA SER G 75 19.13 42.45 -14.11
C SER G 75 18.37 41.78 -12.96
N ASN G 76 17.51 42.55 -12.30
CA ASN G 76 16.65 42.03 -11.28
C ASN G 76 15.57 41.13 -11.90
N ASP G 77 15.26 41.36 -13.18
CA ASP G 77 14.26 40.55 -13.90
C ASP G 77 14.72 39.09 -14.01
N LEU G 78 16.00 38.89 -14.28
CA LEU G 78 16.61 37.54 -14.35
C LEU G 78 16.76 36.91 -12.96
N LYS G 79 16.17 35.73 -12.76
CA LYS G 79 16.20 35.04 -11.44
C LYS G 79 17.01 33.72 -11.46
N VAL G 80 16.94 33.01 -12.59
CA VAL G 80 17.53 31.68 -12.74
C VAL G 80 17.78 31.40 -14.24
N ILE G 81 18.76 30.56 -14.58
CA ILE G 81 19.02 30.19 -15.98
C ILE G 81 18.87 28.68 -16.17
N ILE G 82 18.17 28.28 -17.25
CA ILE G 82 18.05 26.87 -17.66
C ILE G 82 18.73 26.64 -19.01
N ILE G 83 19.79 25.84 -18.99
CA ILE G 83 20.53 25.45 -20.19
C ILE G 83 20.04 24.08 -20.66
N SER G 84 19.41 24.07 -21.84
CA SER G 84 18.84 22.85 -22.41
C SER G 84 19.40 22.62 -23.82
N ALA G 85 18.90 21.59 -24.50
CA ALA G 85 19.38 21.26 -25.84
C ALA G 85 18.22 20.92 -26.83
N GLU G 86 18.50 21.12 -28.11
CA GLU G 86 17.64 20.64 -29.19
C GLU G 86 18.23 19.34 -29.74
N GLY G 87 17.38 18.32 -29.88
CA GLY G 87 17.79 17.00 -30.39
C GLY G 87 18.02 15.93 -29.33
N PRO G 88 18.38 14.71 -29.78
CA PRO G 88 18.61 13.58 -28.88
C PRO G 88 20.06 13.51 -28.37
N VAL G 89 20.91 14.46 -28.79
CA VAL G 89 22.26 14.64 -28.19
C VAL G 89 22.34 16.02 -27.51
N PHE G 90 22.46 16.02 -26.18
CA PHE G 90 22.61 17.26 -25.41
C PHE G 90 23.82 18.07 -25.91
N SER G 91 24.96 17.40 -25.96
CA SER G 91 26.15 17.89 -26.65
C SER G 91 27.20 16.77 -26.74
N SER G 92 27.85 16.66 -27.90
CA SER G 92 28.88 15.65 -28.12
C SER G 92 30.26 16.16 -27.71
N GLY G 93 30.32 17.37 -27.16
CA GLY G 93 31.58 17.99 -26.76
C GLY G 93 32.09 18.83 -27.89
N HIS G 94 33.39 18.99 -27.99
CA HIS G 94 34.00 19.89 -28.96
C HIS G 94 33.98 19.36 -30.39
N ASP G 95 34.11 20.30 -31.31
CA ASP G 95 34.21 20.01 -32.74
C ASP G 95 35.65 19.57 -33.04
N LEU G 96 35.84 18.26 -33.22
CA LEU G 96 37.17 17.70 -33.47
C LEU G 96 37.76 18.20 -34.79
N LYS G 97 36.92 18.60 -35.74
CA LYS G 97 37.34 19.36 -36.94
C LYS G 97 38.20 20.59 -36.60
N GLU G 98 37.89 21.26 -35.48
CA GLU G 98 38.63 22.45 -35.00
C GLU G 98 39.94 22.14 -34.28
N LEU G 99 40.16 20.86 -33.99
CA LEU G 99 41.29 20.43 -33.15
C LEU G 99 42.35 19.63 -33.90
N THR G 100 42.46 19.86 -35.22
CA THR G 100 43.47 19.18 -36.06
C THR G 100 44.76 20.00 -36.12
N GLU G 101 45.85 19.36 -36.56
CA GLU G 101 47.18 20.01 -36.71
C GLU G 101 47.08 21.29 -37.52
N GLU G 102 46.38 21.24 -38.66
CA GLU G 102 46.26 22.38 -39.58
C GLU G 102 45.60 23.62 -38.95
N GLN G 103 44.80 23.41 -37.92
CA GLN G 103 44.20 24.52 -37.17
C GLN G 103 45.20 25.25 -36.27
N GLY G 104 46.17 24.51 -35.75
CA GLY G 104 47.26 25.08 -34.94
C GLY G 104 46.93 25.13 -33.46
N ARG G 105 47.96 25.04 -32.62
CA ARG G 105 47.74 24.96 -31.18
C ARG G 105 47.24 26.26 -30.55
N ASP G 106 47.46 27.40 -31.18
CA ASP G 106 46.91 28.69 -30.69
C ASP G 106 45.37 28.70 -30.71
N TYR G 107 44.81 28.14 -31.79
CA TYR G 107 43.36 27.98 -31.94
C TYR G 107 42.83 26.92 -31.00
N HIS G 108 43.57 25.82 -30.83
CA HIS G 108 43.20 24.76 -29.88
C HIS G 108 43.06 25.35 -28.47
N ALA G 109 44.03 26.19 -28.08
CA ALA G 109 44.01 26.88 -26.79
C ALA G 109 42.80 27.82 -26.65
N GLU G 110 42.43 28.52 -27.73
CA GLU G 110 41.26 29.44 -27.71
C GLU G 110 39.95 28.70 -27.40
N VAL G 111 39.77 27.53 -28.03
CA VAL G 111 38.63 26.63 -27.79
C VAL G 111 38.55 26.18 -26.36
N PHE G 112 39.66 25.68 -25.81
CA PHE G 112 39.66 25.17 -24.42
C PHE G 112 39.60 26.28 -23.37
N GLN G 113 40.32 27.39 -23.56
CA GLN G 113 40.24 28.52 -22.62
CA GLN G 113 40.25 28.53 -22.63
C GLN G 113 38.88 29.21 -22.67
N THR G 114 38.24 29.21 -23.85
CA THR G 114 36.89 29.77 -23.93
C THR G 114 35.92 28.86 -23.14
N CYS G 115 36.02 27.56 -23.40
CA CYS G 115 35.19 26.61 -22.68
C CYS G 115 35.34 26.77 -21.17
N SER G 116 36.61 26.88 -20.71
CA SER G 116 36.93 27.07 -19.31
C SER G 116 36.36 28.37 -18.75
N LYS G 117 36.47 29.48 -19.51
CA LYS G 117 35.88 30.76 -19.13
C LYS G 117 34.35 30.64 -18.99
N VAL G 118 33.73 29.90 -19.92
CA VAL G 118 32.27 29.68 -19.90
C VAL G 118 31.80 28.87 -18.67
N MET G 119 32.58 27.86 -18.26
CA MET G 119 32.27 27.07 -17.05
C MET G 119 32.45 27.92 -15.78
N MET G 120 33.46 28.79 -15.78
CA MET G 120 33.72 29.71 -14.67
C MET G 120 32.66 30.78 -14.57
N HIS G 121 32.18 31.23 -15.71
CA HIS G 121 31.13 32.22 -15.78
C HIS G 121 29.82 31.70 -15.14
N ILE G 122 29.46 30.47 -15.46
CA ILE G 122 28.34 29.76 -14.85
C ILE G 122 28.51 29.72 -13.35
N ARG G 123 29.69 29.32 -12.89
CA ARG G 123 29.96 29.15 -11.46
C ARG G 123 29.94 30.48 -10.70
N ASN G 124 30.40 31.54 -11.36
CA ASN G 124 30.46 32.88 -10.78
C ASN G 124 29.26 33.73 -11.12
N HIS G 125 28.26 33.13 -11.76
CA HIS G 125 27.09 33.87 -12.22
C HIS G 125 26.24 34.33 -11.02
N PRO G 126 25.72 35.58 -11.11
CA PRO G 126 24.83 36.13 -10.08
C PRO G 126 23.65 35.22 -9.69
N VAL G 127 23.08 34.53 -10.69
CA VAL G 127 21.95 33.64 -10.47
C VAL G 127 22.29 32.17 -10.73
N PRO G 128 21.49 31.25 -10.16
CA PRO G 128 21.70 29.80 -10.36
C PRO G 128 21.45 29.32 -11.80
N VAL G 129 22.24 28.34 -12.23
CA VAL G 129 22.12 27.79 -13.57
C VAL G 129 21.77 26.30 -13.47
N ILE G 130 20.70 25.90 -14.19
CA ILE G 130 20.22 24.51 -14.22
C ILE G 130 20.47 23.84 -15.59
N ALA G 131 21.05 22.65 -15.55
CA ALA G 131 21.21 21.81 -16.73
C ALA G 131 19.95 20.97 -16.93
N MET G 132 19.33 21.06 -18.11
CA MET G 132 18.23 20.18 -18.46
C MET G 132 18.64 19.27 -19.62
N VAL G 133 18.87 17.99 -19.31
CA VAL G 133 19.39 17.00 -20.27
C VAL G 133 18.31 16.00 -20.68
N ASN G 134 18.13 15.84 -22.00
CA ASN G 134 17.26 14.80 -22.56
C ASN G 134 18.03 14.04 -23.67
N GLY G 135 18.96 13.19 -23.26
CA GLY G 135 19.77 12.39 -24.19
C GLY G 135 21.23 12.30 -23.77
N LEU G 136 22.13 12.35 -24.76
CA LEU G 136 23.56 12.10 -24.54
C LEU G 136 24.35 13.37 -24.33
N ALA G 137 25.11 13.42 -23.23
CA ALA G 137 26.04 14.50 -22.93
C ALA G 137 27.41 13.88 -22.80
N THR G 138 28.33 14.15 -23.75
CA THR G 138 29.69 13.58 -23.69
C THR G 138 30.83 14.59 -23.82
N ALA G 139 31.98 14.27 -23.23
CA ALA G 139 33.18 15.10 -23.26
C ALA G 139 32.91 16.49 -22.68
N ALA G 140 33.18 17.57 -23.41
CA ALA G 140 32.85 18.94 -22.95
C ALA G 140 31.32 19.19 -22.76
N GLY G 141 30.48 18.38 -23.42
CA GLY G 141 29.03 18.40 -23.23
C GLY G 141 28.67 17.88 -21.85
N CYS G 142 29.42 16.86 -21.43
CA CYS G 142 29.37 16.34 -20.07
C CYS G 142 29.94 17.35 -19.06
N GLN G 143 31.04 18.01 -19.45
CA GLN G 143 31.62 19.09 -18.65
C GLN G 143 30.54 20.13 -18.31
N LEU G 144 29.82 20.58 -19.31
CA LEU G 144 28.80 21.61 -19.13
C LEU G 144 27.76 21.26 -18.04
N VAL G 145 27.24 20.04 -18.09
CA VAL G 145 26.29 19.51 -17.10
C VAL G 145 26.88 19.55 -15.69
N ALA G 146 28.10 19.01 -15.54
CA ALA G 146 28.85 19.05 -14.27
C ALA G 146 29.13 20.47 -13.76
N SER G 147 29.25 21.44 -14.66
CA SER G 147 29.57 22.82 -14.25
C SER G 147 28.35 23.60 -13.70
N CYS G 148 27.14 23.13 -14.00
CA CYS G 148 25.92 23.75 -13.45
C CYS G 148 25.74 23.51 -11.95
N ASP G 149 24.90 24.35 -11.34
CA ASP G 149 24.61 24.28 -9.90
C ASP G 149 23.67 23.12 -9.60
N ILE G 150 22.65 23.00 -10.45
CA ILE G 150 21.68 21.91 -10.37
C ILE G 150 21.66 21.23 -11.75
N ALA G 151 21.40 19.93 -11.79
CA ALA G 151 21.29 19.19 -13.05
C ALA G 151 20.07 18.27 -13.00
N VAL G 152 19.17 18.44 -13.97
CA VAL G 152 18.01 17.54 -14.15
C VAL G 152 18.10 16.81 -15.51
N ALA G 153 17.81 15.51 -15.50
CA ALA G 153 17.88 14.66 -16.70
C ALA G 153 16.68 13.73 -16.81
N SER G 154 16.39 13.30 -18.04
CA SER G 154 15.46 12.20 -18.28
C SER G 154 16.19 10.88 -17.99
N ASP G 155 15.45 9.87 -17.52
CA ASP G 155 16.04 8.56 -17.22
C ASP G 155 16.72 7.88 -18.43
N LYS G 156 16.32 8.25 -19.66
CA LYS G 156 16.94 7.75 -20.90
C LYS G 156 18.27 8.44 -21.24
N SER G 157 18.57 9.56 -20.55
CA SER G 157 19.85 10.27 -20.72
C SER G 157 21.08 9.43 -20.29
N SER G 158 22.25 9.78 -20.85
CA SER G 158 23.49 9.08 -20.53
C SER G 158 24.72 9.99 -20.69
N PHE G 159 25.76 9.68 -19.90
CA PHE G 159 26.89 10.60 -19.68
C PHE G 159 28.22 9.87 -19.88
N ALA G 160 29.12 10.47 -20.66
CA ALA G 160 30.43 9.85 -20.87
C ALA G 160 31.53 10.90 -21.05
N THR G 161 32.77 10.43 -20.81
CA THR G 161 33.97 11.20 -21.10
C THR G 161 34.86 10.29 -21.96
N PRO G 162 34.54 10.18 -23.27
CA PRO G 162 35.11 9.19 -24.19
C PRO G 162 36.27 9.69 -25.08
N GLY G 163 36.84 10.85 -24.74
CA GLY G 163 37.97 11.42 -25.46
C GLY G 163 39.12 10.45 -25.71
N VAL G 164 39.39 9.54 -24.77
CA VAL G 164 40.42 8.49 -24.99
C VAL G 164 40.25 7.74 -26.31
N ASN G 165 38.99 7.48 -26.67
CA ASN G 165 38.67 6.78 -27.91
C ASN G 165 39.04 7.58 -29.18
N VAL G 166 39.03 8.91 -29.10
CA VAL G 166 39.43 9.78 -30.21
C VAL G 166 40.85 10.37 -30.05
N GLY G 167 41.71 9.67 -29.31
CA GLY G 167 43.10 10.08 -29.08
C GLY G 167 43.34 11.26 -28.14
N LEU G 168 42.26 11.84 -27.59
CA LEU G 168 42.32 13.08 -26.79
C LEU G 168 41.61 12.88 -25.47
N PHE G 169 42.40 12.50 -24.44
CA PHE G 169 41.92 12.32 -23.09
C PHE G 169 41.01 13.48 -22.66
N CYS G 170 39.86 13.16 -22.08
CA CYS G 170 38.93 14.17 -21.52
C CYS G 170 39.50 14.81 -20.22
N SER G 171 40.57 15.62 -20.38
CA SER G 171 41.26 16.25 -19.23
C SER G 171 40.46 17.44 -18.68
N THR G 172 40.13 18.43 -19.49
CA THR G 172 39.30 19.55 -19.01
C THR G 172 37.89 19.10 -18.48
N PRO G 173 37.19 18.18 -19.19
CA PRO G 173 35.98 17.60 -18.57
C PRO G 173 36.25 16.92 -17.19
N GLY G 174 37.44 16.35 -17.02
CA GLY G 174 37.80 15.73 -15.75
C GLY G 174 37.94 16.66 -14.55
N VAL G 175 38.09 17.96 -14.80
CA VAL G 175 38.08 18.97 -13.74
C VAL G 175 36.70 18.98 -13.06
N ALA G 176 35.68 19.19 -13.90
CA ALA G 176 34.31 19.17 -13.49
C ALA G 176 33.89 17.81 -12.93
N LEU G 177 34.24 16.74 -13.64
CA LEU G 177 33.83 15.38 -13.25
C LEU G 177 34.43 14.94 -11.93
N ALA G 178 35.71 15.30 -11.72
CA ALA G 178 36.44 14.97 -10.49
C ALA G 178 35.81 15.64 -9.24
N ARG G 179 35.16 16.77 -9.48
CA ARG G 179 34.46 17.51 -8.42
C ARG G 179 32.95 17.16 -8.32
N ALA G 180 32.51 16.15 -9.06
CA ALA G 180 31.10 15.72 -9.08
C ALA G 180 30.91 14.28 -8.54
N VAL G 181 31.71 13.36 -9.07
CA VAL G 181 31.67 11.94 -8.72
C VAL G 181 32.95 11.47 -8.00
N PRO G 182 32.88 10.35 -7.26
CA PRO G 182 34.09 9.76 -6.66
C PRO G 182 35.14 9.42 -7.71
N ARG G 183 36.40 9.39 -7.30
CA ARG G 183 37.50 9.12 -8.21
C ARG G 183 37.33 7.80 -8.96
N LYS G 184 36.88 6.78 -8.24
CA LYS G 184 36.67 5.42 -8.74
C LYS G 184 35.73 5.39 -9.94
N VAL G 185 34.69 6.21 -9.87
CA VAL G 185 33.74 6.38 -10.95
C VAL G 185 34.32 7.29 -12.04
N ALA G 186 34.89 8.41 -11.61
CA ALA G 186 35.49 9.41 -12.51
C ALA G 186 36.55 8.81 -13.41
N LEU G 187 37.47 8.05 -12.82
CA LEU G 187 38.61 7.52 -13.56
C LEU G 187 38.25 6.36 -14.52
N GLU G 188 37.27 5.55 -14.14
CA GLU G 188 36.77 4.49 -15.03
C GLU G 188 36.12 5.08 -16.28
N MET G 189 35.43 6.20 -16.12
CA MET G 189 34.84 6.91 -17.25
C MET G 189 35.93 7.50 -18.14
N LEU G 190 36.90 8.14 -17.50
CA LEU G 190 37.99 8.80 -18.20
C LEU G 190 38.94 7.82 -18.90
N PHE G 191 39.16 6.67 -18.28
CA PHE G 191 40.07 5.64 -18.82
C PHE G 191 39.41 4.71 -19.86
N THR G 192 38.17 4.28 -19.61
CA THR G 192 37.47 3.38 -20.53
C THR G 192 36.69 4.17 -21.59
N GLY G 193 36.16 5.33 -21.21
CA GLY G 193 35.30 6.11 -22.10
C GLY G 193 33.88 5.55 -22.16
N GLU G 194 33.59 4.58 -21.29
CA GLU G 194 32.29 3.93 -21.28
C GLU G 194 31.28 4.83 -20.55
N PRO G 195 30.03 4.80 -21.04
CA PRO G 195 29.03 5.73 -20.53
C PRO G 195 28.43 5.29 -19.20
N ILE G 196 27.95 6.27 -18.43
CA ILE G 196 27.09 6.01 -17.29
C ILE G 196 25.66 6.42 -17.66
N SER G 197 24.68 5.77 -17.05
CA SER G 197 23.30 6.12 -17.25
C SER G 197 22.93 7.27 -16.32
N ALA G 198 21.70 7.78 -16.51
CA ALA G 198 21.15 8.86 -15.70
C ALA G 198 21.01 8.44 -14.24
N GLN G 199 20.54 7.21 -14.02
CA GLN G 199 20.38 6.64 -12.67
C GLN G 199 21.75 6.51 -11.98
N GLU G 200 22.74 6.03 -12.72
CA GLU G 200 24.12 5.92 -12.25
C GLU G 200 24.70 7.30 -11.89
N ALA G 201 24.51 8.27 -12.77
CA ALA G 201 24.95 9.67 -12.56
C ALA G 201 24.26 10.35 -11.38
N LEU G 202 22.98 10.03 -11.15
CA LEU G 202 22.23 10.56 -10.01
C LEU G 202 22.77 9.97 -8.71
N LEU G 203 23.09 8.67 -8.74
CA LEU G 203 23.54 7.93 -7.55
C LEU G 203 24.89 8.44 -7.03
N HIS G 204 25.73 8.97 -7.92
CA HIS G 204 27.09 9.40 -7.59
C HIS G 204 27.33 10.90 -7.56
N GLY G 205 26.30 11.70 -7.85
CA GLY G 205 26.35 13.14 -7.61
C GLY G 205 26.58 14.02 -8.82
N LEU G 206 26.57 13.44 -10.03
CA LEU G 206 26.64 14.23 -11.27
C LEU G 206 25.29 14.93 -11.60
N LEU G 207 24.17 14.36 -11.13
CA LEU G 207 22.86 14.97 -11.31
C LEU G 207 22.16 15.26 -9.98
N SER G 208 21.30 16.28 -10.01
CA SER G 208 20.40 16.59 -8.88
C SER G 208 19.13 15.76 -8.96
N LYS G 209 18.54 15.64 -10.15
CA LYS G 209 17.26 14.91 -10.37
C LYS G 209 17.22 14.09 -11.68
N VAL G 210 16.58 12.92 -11.60
CA VAL G 210 16.35 12.04 -12.75
C VAL G 210 14.90 11.59 -12.77
N VAL G 211 14.18 12.00 -13.82
CA VAL G 211 12.75 11.70 -14.01
C VAL G 211 12.53 11.08 -15.38
N PRO G 212 11.34 10.50 -15.62
CA PRO G 212 10.96 10.15 -17.00
C PRO G 212 10.87 11.36 -17.93
N GLU G 213 11.19 11.14 -19.20
CA GLU G 213 11.24 12.23 -20.19
C GLU G 213 9.94 13.04 -20.21
N ALA G 214 8.80 12.36 -20.08
CA ALA G 214 7.49 13.01 -19.99
C ALA G 214 7.43 14.06 -18.88
N GLU G 215 8.02 13.74 -17.72
CA GLU G 215 8.04 14.64 -16.56
C GLU G 215 9.21 15.62 -16.52
N LEU G 216 10.17 15.48 -17.44
CA LEU G 216 11.41 16.28 -17.44
C LEU G 216 11.17 17.79 -17.53
N GLN G 217 10.22 18.20 -18.36
CA GLN G 217 9.87 19.63 -18.48
C GLN G 217 9.27 20.16 -17.16
N GLU G 218 8.28 19.45 -16.63
CA GLU G 218 7.56 19.89 -15.42
C GLU G 218 8.50 19.95 -14.20
N GLU G 219 9.30 18.89 -14.02
CA GLU G 219 10.27 18.80 -12.90
C GLU G 219 11.30 19.93 -12.90
N THR G 220 11.74 20.35 -14.08
CA THR G 220 12.78 21.39 -14.21
C THR G 220 12.21 22.78 -13.87
N MET G 221 11.01 23.04 -14.37
CA MET G 221 10.34 24.32 -14.12
C MET G 221 9.88 24.45 -12.67
N ARG G 222 9.67 23.31 -12.01
CA ARG G 222 9.42 23.27 -10.57
C ARG G 222 10.59 23.93 -9.82
N ILE G 223 11.81 23.54 -10.16
CA ILE G 223 12.99 24.10 -9.54
C ILE G 223 13.14 25.56 -9.97
N ALA G 224 13.19 25.78 -11.28
CA ALA G 224 13.36 27.11 -11.85
C ALA G 224 12.33 28.12 -11.31
N ARG G 225 11.07 27.69 -11.18
CA ARG G 225 10.01 28.54 -10.62
C ARG G 225 10.14 28.77 -9.10
N LYS G 226 10.70 27.78 -8.37
CA LYS G 226 10.98 27.93 -6.91
C LYS G 226 12.03 29.01 -6.71
N ILE G 227 13.16 28.87 -7.40
CA ILE G 227 14.25 29.87 -7.38
C ILE G 227 13.79 31.25 -7.87
N ALA G 228 12.97 31.29 -8.92
CA ALA G 228 12.35 32.56 -9.39
C ALA G 228 11.37 33.17 -8.37
N SER G 229 10.78 32.36 -7.51
CA SER G 229 9.84 32.85 -6.51
C SER G 229 10.53 33.42 -5.24
N LEU G 230 11.85 33.26 -5.13
CA LEU G 230 12.57 33.67 -3.92
C LEU G 230 13.26 35.03 -4.12
N SER G 231 13.89 35.55 -3.07
CA SER G 231 14.60 36.83 -3.16
C SER G 231 15.86 36.63 -4.01
N ARG G 232 16.03 37.51 -5.00
CA ARG G 232 17.17 37.41 -5.90
C ARG G 232 18.49 37.80 -5.21
N PRO G 233 18.51 38.93 -4.43
CA PRO G 233 19.69 39.29 -3.59
C PRO G 233 20.10 38.21 -2.58
N VAL G 234 19.12 37.60 -1.91
CA VAL G 234 19.37 36.55 -0.91
C VAL G 234 20.06 35.33 -1.55
N VAL G 235 19.46 34.86 -2.65
CA VAL G 235 19.93 33.71 -3.45
C VAL G 235 21.28 34.02 -4.09
N SER G 236 21.49 35.28 -4.48
CA SER G 236 22.78 35.69 -5.04
C SER G 236 23.93 35.63 -3.99
N LEU G 237 23.69 36.22 -2.81
CA LEU G 237 24.61 36.10 -1.66
C LEU G 237 24.95 34.60 -1.35
N GLY G 238 23.91 33.77 -1.41
CA GLY G 238 24.00 32.35 -1.10
C GLY G 238 24.92 31.58 -2.02
N LYS G 239 24.75 31.78 -3.32
CA LYS G 239 25.63 31.19 -4.33
C LYS G 239 27.07 31.71 -4.17
N ALA G 240 27.23 33.03 -4.11
CA ALA G 240 28.59 33.59 -3.98
C ALA G 240 29.30 33.12 -2.69
N THR G 241 28.59 33.02 -1.59
CA THR G 241 29.18 32.58 -0.30
C THR G 241 29.59 31.09 -0.28
N PHE G 242 28.73 30.27 -0.88
CA PHE G 242 28.92 28.82 -0.98
C PHE G 242 30.22 28.45 -1.69
N TYR G 243 30.51 29.13 -2.81
CA TYR G 243 31.70 28.80 -3.58
C TYR G 243 32.92 29.44 -2.97
N LYS G 244 32.76 30.60 -2.35
CA LYS G 244 33.86 31.22 -1.61
C LYS G 244 34.31 30.31 -0.45
N GLN G 245 33.35 29.68 0.22
CA GLN G 245 33.58 28.88 1.43
C GLN G 245 34.13 27.48 1.13
N LEU G 246 33.65 26.91 0.02
CA LEU G 246 33.96 25.53 -0.39
C LEU G 246 35.45 25.07 -0.24
N PRO G 247 36.42 25.83 -0.80
CA PRO G 247 37.82 25.44 -0.75
C PRO G 247 38.59 25.80 0.53
N GLN G 248 37.92 26.48 1.45
CA GLN G 248 38.60 26.96 2.65
C GLN G 248 38.65 25.89 3.73
N ASP G 249 39.56 26.06 4.67
CA ASP G 249 39.55 25.30 5.92
C ASP G 249 38.25 25.61 6.67
N LEU G 250 37.96 24.78 7.67
CA LEU G 250 36.67 24.83 8.37
C LEU G 250 36.48 26.10 9.24
N GLY G 251 37.54 26.57 9.88
CA GLY G 251 37.44 27.81 10.64
C GLY G 251 37.13 29.01 9.75
N THR G 252 37.89 29.12 8.66
CA THR G 252 37.71 30.19 7.72
C THR G 252 36.37 30.05 7.06
N ALA G 253 36.01 28.86 6.59
CA ALA G 253 34.69 28.63 6.01
C ALA G 253 33.59 29.21 6.90
N TYR G 254 33.69 28.93 8.21
CA TYR G 254 32.66 29.42 9.16
C TYR G 254 32.79 30.93 9.39
N TYR G 255 34.01 31.48 9.40
CA TYR G 255 34.15 32.93 9.51
C TYR G 255 33.38 33.63 8.36
N LEU G 256 33.69 33.22 7.13
CA LEU G 256 33.07 33.76 5.89
C LEU G 256 31.55 33.69 5.96
N THR G 257 31.04 32.51 6.30
CA THR G 257 29.61 32.21 6.15
C THR G 257 28.75 32.81 7.24
N SER G 258 29.28 32.94 8.45
CA SER G 258 28.48 33.59 9.51
C SER G 258 28.47 35.12 9.34
N GLN G 259 29.56 35.64 8.78
CA GLN G 259 29.59 37.02 8.39
C GLN G 259 28.55 37.28 7.31
N ALA G 260 28.43 36.36 6.35
CA ALA G 260 27.41 36.45 5.28
C ALA G 260 25.99 36.29 5.83
N MET G 261 25.82 35.46 6.85
CA MET G 261 24.53 35.34 7.55
C MET G 261 24.11 36.66 8.21
N VAL G 262 25.09 37.40 8.73
CA VAL G 262 24.85 38.68 9.40
C VAL G 262 24.48 39.76 8.37
N ASP G 263 25.25 39.81 7.28
CA ASP G 263 24.97 40.69 6.13
C ASP G 263 23.60 40.41 5.51
N ASN G 264 23.27 39.12 5.39
CA ASN G 264 21.98 38.63 4.88
C ASN G 264 20.79 39.25 5.65
N LEU G 265 20.91 39.34 6.97
CA LEU G 265 19.84 39.86 7.83
C LEU G 265 19.73 41.39 7.75
N ALA G 266 20.78 42.06 7.30
CA ALA G 266 20.73 43.51 7.11
C ALA G 266 19.99 43.93 5.83
N LEU G 267 19.83 42.99 4.88
CA LEU G 267 19.02 43.19 3.66
C LEU G 267 17.52 43.33 3.99
N ARG G 268 16.82 44.16 3.22
CA ARG G 268 15.37 44.35 3.37
C ARG G 268 14.65 43.01 3.23
N ASP G 269 14.90 42.30 2.13
CA ASP G 269 14.34 40.94 1.90
C ASP G 269 14.67 39.93 3.02
N GLY G 270 15.81 40.13 3.68
CA GLY G 270 16.17 39.32 4.82
C GLY G 270 15.15 39.48 5.94
N GLN G 271 14.88 40.74 6.30
CA GLN G 271 13.88 41.06 7.31
C GLN G 271 12.48 40.81 6.81
N GLU G 272 12.15 41.26 5.59
CA GLU G 272 10.79 41.10 5.06
C GLU G 272 10.42 39.61 4.93
N GLY G 273 11.40 38.72 5.12
CA GLY G 273 11.19 37.26 5.11
C GLY G 273 11.12 36.66 6.51
N ILE G 274 11.83 37.27 7.46
CA ILE G 274 11.82 36.86 8.89
C ILE G 274 10.58 37.40 9.59
N THR G 275 10.30 38.68 9.35
CA THR G 275 9.00 39.32 9.65
C THR G 275 7.83 38.52 9.05
N ALA G 276 7.73 38.47 7.72
CA ALA G 276 6.68 37.68 7.05
C ALA G 276 6.48 36.27 7.61
N PHE G 277 7.51 35.69 8.24
CA PHE G 277 7.42 34.35 8.86
C PHE G 277 6.84 34.37 10.25
N LEU G 278 7.41 35.23 11.12
CA LEU G 278 6.93 35.39 12.51
C LEU G 278 5.42 35.70 12.48
N GLN G 279 5.07 36.80 11.80
CA GLN G 279 3.69 37.24 11.56
C GLN G 279 2.83 36.25 10.71
N LYS G 280 3.39 35.09 10.34
CA LYS G 280 2.67 33.98 9.66
C LYS G 280 2.37 34.12 8.13
N ARG G 281 2.61 35.28 7.52
CA ARG G 281 2.21 35.54 6.11
C ARG G 281 3.17 35.03 4.99
N LYS G 282 2.84 35.32 3.73
CA LYS G 282 3.75 35.14 2.58
C LYS G 282 4.54 36.44 2.39
N PRO G 283 5.86 36.34 2.02
CA PRO G 283 6.74 37.53 2.01
C PRO G 283 6.81 38.22 0.64
N VAL G 284 7.01 39.53 0.67
CA VAL G 284 7.06 40.35 -0.55
C VAL G 284 8.45 41.00 -0.69
N TRP G 285 9.09 40.69 -1.82
CA TRP G 285 10.48 41.11 -2.12
C TRP G 285 10.53 42.43 -2.94
N PRO H 32 13.71 23.89 33.62
CA PRO H 32 14.27 25.18 33.16
C PRO H 32 15.15 25.05 31.88
N ARG H 33 16.24 24.26 31.95
CA ARG H 33 17.24 24.15 30.84
C ARG H 33 16.74 23.43 29.54
N PRO H 34 17.15 23.92 28.34
CA PRO H 34 16.62 23.35 27.10
C PRO H 34 17.22 22.00 26.67
N THR H 35 18.35 21.61 27.26
CA THR H 35 18.95 20.29 27.08
C THR H 35 19.11 19.61 28.45
N SER H 36 19.23 18.29 28.43
CA SER H 36 19.64 17.51 29.61
C SER H 36 20.69 16.46 29.21
N ALA H 37 21.75 16.32 30.02
CA ALA H 37 22.85 15.36 29.77
C ALA H 37 22.89 14.24 30.83
N ARG H 38 22.68 12.99 30.39
CA ARG H 38 22.77 11.82 31.26
C ARG H 38 23.92 10.93 30.81
N GLN H 39 24.70 10.40 31.76
CA GLN H 39 25.87 9.54 31.44
C GLN H 39 25.97 8.30 32.35
N LEU H 40 26.09 7.13 31.71
CA LEU H 40 26.40 5.86 32.40
C LEU H 40 26.92 4.85 31.36
N ASP H 41 27.64 3.84 31.85
CA ASP H 41 28.44 2.94 31.01
C ASP H 41 29.34 3.71 30.04
N GLY H 42 29.71 4.95 30.37
CA GLY H 42 30.62 5.74 29.54
C GLY H 42 30.01 6.38 28.29
N ILE H 43 28.68 6.25 28.18
CA ILE H 43 27.89 6.84 27.09
C ILE H 43 27.12 8.04 27.66
N ARG H 44 27.43 9.23 27.15
CA ARG H 44 26.73 10.45 27.53
C ARG H 44 25.64 10.76 26.53
N ASN H 45 24.40 10.79 26.98
CA ASN H 45 23.29 11.13 26.09
C ASN H 45 22.80 12.58 26.32
N ILE H 46 22.97 13.43 25.30
CA ILE H 46 22.56 14.83 25.38
C ILE H 46 21.29 15.08 24.53
N VAL H 47 20.14 15.21 25.20
CA VAL H 47 18.83 15.30 24.54
C VAL H 47 18.36 16.76 24.38
N LEU H 48 18.14 17.18 23.13
CA LEU H 48 17.49 18.47 22.90
C LEU H 48 16.06 18.38 23.48
N SER H 49 15.80 19.13 24.55
CA SER H 49 14.56 18.98 25.31
C SER H 49 13.80 20.29 25.47
N ASN H 50 13.41 20.87 24.34
CA ASN H 50 12.48 21.99 24.32
C ASN H 50 11.56 21.86 23.10
N PRO H 51 10.80 20.73 23.03
CA PRO H 51 9.95 20.45 21.86
C PRO H 51 8.79 21.42 21.69
N LYS H 52 8.38 22.09 22.78
CA LYS H 52 7.32 23.12 22.74
C LYS H 52 7.73 24.35 21.90
N LYS H 53 9.00 24.43 21.46
CA LYS H 53 9.44 25.38 20.42
C LYS H 53 10.31 24.70 19.33
N ARG H 54 9.85 23.51 18.89
CA ARG H 54 10.52 22.65 17.88
C ARG H 54 12.05 22.46 18.05
N ASN H 55 12.51 22.44 19.30
CA ASN H 55 13.93 22.33 19.66
C ASN H 55 14.83 23.35 18.98
N THR H 56 14.37 24.61 18.83
CA THR H 56 15.16 25.60 18.08
C THR H 56 16.52 25.83 18.74
N LEU H 57 17.49 26.16 17.90
CA LEU H 57 18.86 26.46 18.35
C LEU H 57 18.96 27.95 18.68
N SER H 58 18.31 28.34 19.76
CA SER H 58 18.47 29.67 20.33
C SER H 58 19.85 29.77 21.01
N LEU H 59 20.27 31.00 21.31
CA LEU H 59 21.55 31.24 21.98
C LEU H 59 21.60 30.46 23.30
N ALA H 60 20.49 30.45 24.04
CA ALA H 60 20.35 29.65 25.27
C ALA H 60 20.53 28.14 25.01
N MET H 61 19.85 27.60 23.98
CA MET H 61 19.91 26.17 23.64
C MET H 61 21.33 25.73 23.28
N LEU H 62 21.99 26.53 22.46
CA LEU H 62 23.37 26.28 22.04
C LEU H 62 24.34 26.34 23.24
N LYS H 63 24.21 27.37 24.07
CA LYS H 63 25.06 27.52 25.25
C LYS H 63 24.87 26.32 26.19
N SER H 64 23.61 25.88 26.37
CA SER H 64 23.26 24.72 27.21
C SER H 64 23.80 23.43 26.60
N LEU H 65 23.65 23.31 25.28
CA LEU H 65 24.21 22.20 24.51
C LEU H 65 25.76 22.18 24.52
N GLN H 66 26.39 23.34 24.39
CA GLN H 66 27.86 23.45 24.41
C GLN H 66 28.38 23.03 25.79
N SER H 67 27.64 23.39 26.83
CA SER H 67 27.97 23.07 28.21
C SER H 67 27.94 21.56 28.51
N ASP H 68 26.89 20.87 28.06
CA ASP H 68 26.77 19.40 28.20
C ASP H 68 27.84 18.61 27.40
N ILE H 69 28.22 19.10 26.22
CA ILE H 69 29.30 18.51 25.41
C ILE H 69 30.69 18.68 26.04
N LEU H 70 30.97 19.87 26.56
CA LEU H 70 32.26 20.21 27.13
C LEU H 70 32.49 19.65 28.54
N HIS H 71 31.40 19.43 29.28
CA HIS H 71 31.50 19.00 30.69
C HIS H 71 32.40 17.78 30.87
N ASP H 72 33.32 17.81 31.85
CA ASP H 72 34.28 16.72 32.09
C ASP H 72 34.66 15.95 30.79
N ALA H 73 34.99 16.71 29.74
CA ALA H 73 35.27 16.16 28.41
C ALA H 73 36.53 15.27 28.36
N ASP H 74 37.46 15.51 29.29
CA ASP H 74 38.74 14.76 29.36
C ASP H 74 38.71 13.59 30.35
N SER H 75 37.50 13.26 30.80
CA SER H 75 37.31 12.14 31.73
C SER H 75 37.49 10.83 30.98
N ASN H 76 38.15 9.89 31.63
CA ASN H 76 38.27 8.54 31.09
C ASN H 76 36.94 7.79 31.14
N ASP H 77 36.05 8.18 32.06
CA ASP H 77 34.72 7.58 32.15
CA ASP H 77 34.70 7.59 32.16
C ASP H 77 33.91 7.82 30.85
N LEU H 78 33.99 9.03 30.31
CA LEU H 78 33.32 9.38 29.03
C LEU H 78 34.01 8.71 27.83
N LYS H 79 33.25 7.95 27.03
CA LYS H 79 33.79 7.21 25.89
C LYS H 79 33.25 7.68 24.54
N VAL H 80 31.97 8.10 24.54
CA VAL H 80 31.22 8.50 23.33
C VAL H 80 30.05 9.45 23.72
N ILE H 81 29.62 10.31 22.81
CA ILE H 81 28.45 11.18 23.08
C ILE H 81 27.33 11.00 22.05
N ILE H 82 26.09 10.86 22.52
CA ILE H 82 24.91 10.73 21.65
C ILE H 82 24.00 11.93 21.80
N ILE H 83 23.93 12.74 20.74
CA ILE H 83 23.05 13.90 20.73
C ILE H 83 21.69 13.51 20.10
N SER H 84 20.63 13.57 20.91
CA SER H 84 19.29 13.21 20.46
C SER H 84 18.33 14.38 20.68
N ALA H 85 17.05 14.18 20.34
CA ALA H 85 16.01 15.20 20.53
C ALA H 85 14.73 14.66 21.19
N GLU H 86 14.00 15.56 21.83
CA GLU H 86 12.66 15.30 22.33
C GLU H 86 11.66 15.88 21.33
N GLY H 87 10.67 15.06 20.96
CA GLY H 87 9.63 15.46 20.02
C GLY H 87 9.82 14.96 18.59
N PRO H 88 8.86 15.31 17.70
CA PRO H 88 8.90 14.90 16.30
C PRO H 88 9.72 15.85 15.41
N VAL H 89 10.25 16.94 15.99
CA VAL H 89 11.22 17.80 15.32
C VAL H 89 12.58 17.70 16.05
N PHE H 90 13.59 17.16 15.37
CA PHE H 90 14.95 17.09 15.92
C PHE H 90 15.47 18.50 16.28
N SER H 91 15.41 19.40 15.28
CA SER H 91 15.61 20.83 15.50
C SER H 91 15.20 21.61 14.24
N SER H 92 14.52 22.75 14.42
CA SER H 92 14.09 23.62 13.32
C SER H 92 15.15 24.68 12.92
N GLY H 93 16.30 24.62 13.59
CA GLY H 93 17.36 25.56 13.39
C GLY H 93 17.18 26.70 14.36
N HIS H 94 17.66 27.87 14.00
CA HIS H 94 17.71 28.99 14.91
C HIS H 94 16.36 29.59 15.19
N ASP H 95 16.31 30.35 16.28
CA ASP H 95 15.12 31.09 16.69
C ASP H 95 15.08 32.42 15.92
N LEU H 96 14.25 32.46 14.89
CA LEU H 96 14.18 33.64 14.01
C LEU H 96 13.74 34.90 14.79
N LYS H 97 12.97 34.71 15.88
CA LYS H 97 12.68 35.77 16.88
C LYS H 97 13.98 36.51 17.30
N GLU H 98 15.08 35.79 17.46
CA GLU H 98 16.38 36.38 17.85
C GLU H 98 17.12 37.07 16.72
N LEU H 99 16.64 36.93 15.49
CA LEU H 99 17.36 37.38 14.31
C LEU H 99 16.69 38.59 13.58
N THR H 100 15.91 39.37 14.32
CA THR H 100 15.21 40.53 13.76
C THR H 100 16.11 41.78 13.88
N GLU H 101 15.75 42.85 13.15
CA GLU H 101 16.48 44.14 13.18
C GLU H 101 16.66 44.66 14.60
N GLU H 102 15.57 44.65 15.38
CA GLU H 102 15.55 45.17 16.77
C GLU H 102 16.52 44.47 17.73
N GLN H 103 16.84 43.21 17.44
CA GLN H 103 17.87 42.47 18.17
C GLN H 103 19.29 42.95 17.89
N GLY H 104 19.53 43.44 16.68
CA GLY H 104 20.82 44.05 16.32
C GLY H 104 21.83 43.04 15.84
N ARG H 105 22.70 43.46 14.94
CA ARG H 105 23.62 42.54 14.27
C ARG H 105 24.73 41.97 15.16
N ASP H 106 25.03 42.65 16.28
CA ASP H 106 25.99 42.12 17.27
C ASP H 106 25.47 40.85 17.94
N TYR H 107 24.16 40.85 18.25
CA TYR H 107 23.48 39.66 18.79
C TYR H 107 23.37 38.56 17.73
N HIS H 108 23.07 38.95 16.48
CA HIS H 108 23.00 38.01 15.35
C HIS H 108 24.33 37.29 15.20
N ALA H 109 25.42 38.05 15.27
CA ALA H 109 26.77 37.48 15.22
C ALA H 109 27.04 36.51 16.38
N GLU H 110 26.58 36.83 17.59
CA GLU H 110 26.78 35.92 18.73
C GLU H 110 26.10 34.54 18.52
N VAL H 111 24.87 34.56 18.01
CA VAL H 111 24.12 33.33 17.68
C VAL H 111 24.86 32.45 16.67
N PHE H 112 25.33 33.05 15.58
CA PHE H 112 26.08 32.30 14.54
C PHE H 112 27.50 31.88 14.97
N GLN H 113 28.24 32.77 15.65
CA GLN H 113 29.57 32.44 16.21
C GLN H 113 29.48 31.35 17.28
N THR H 114 28.42 31.39 18.08
CA THR H 114 28.27 30.36 19.10
C THR H 114 27.99 29.04 18.40
N CYS H 115 27.05 29.05 17.45
CA CYS H 115 26.70 27.84 16.73
C CYS H 115 27.91 27.23 16.10
N SER H 116 28.75 28.07 15.47
CA SER H 116 30.00 27.64 14.84
C SER H 116 30.96 27.04 15.86
N LYS H 117 31.14 27.71 17.00
CA LYS H 117 32.03 27.22 18.06
C LYS H 117 31.56 25.83 18.53
N VAL H 118 30.23 25.66 18.66
CA VAL H 118 29.64 24.38 19.04
C VAL H 118 29.89 23.26 18.01
N MET H 119 29.78 23.55 16.72
CA MET H 119 30.10 22.56 15.67
C MET H 119 31.61 22.20 15.63
N MET H 120 32.47 23.17 15.90
CA MET H 120 33.92 22.96 16.01
C MET H 120 34.31 22.17 17.24
N HIS H 121 33.59 22.43 18.33
CA HIS H 121 33.79 21.71 19.59
C HIS H 121 33.53 20.19 19.42
N ILE H 122 32.43 19.85 18.74
CA ILE H 122 32.06 18.48 18.34
C ILE H 122 33.19 17.83 17.52
N ARG H 123 33.65 18.57 16.52
CA ARG H 123 34.67 18.07 15.63
C ARG H 123 36.03 17.87 16.34
N ASN H 124 36.33 18.76 17.28
CA ASN H 124 37.58 18.72 18.02
C ASN H 124 37.49 17.95 19.34
N HIS H 125 36.32 17.34 19.58
CA HIS H 125 36.04 16.69 20.84
C HIS H 125 36.92 15.46 20.98
N PRO H 126 37.45 15.24 22.20
CA PRO H 126 38.23 14.04 22.53
C PRO H 126 37.57 12.71 22.12
N VAL H 127 36.26 12.61 22.31
CA VAL H 127 35.50 11.40 21.99
C VAL H 127 34.52 11.62 20.82
N PRO H 128 34.13 10.51 20.15
CA PRO H 128 33.19 10.60 19.05
C PRO H 128 31.77 11.06 19.47
N VAL H 129 31.12 11.78 18.55
CA VAL H 129 29.76 12.29 18.76
C VAL H 129 28.80 11.72 17.71
N ILE H 130 27.68 11.15 18.20
CA ILE H 130 26.67 10.51 17.33
C ILE H 130 25.34 11.31 17.34
N ALA H 131 24.84 11.59 16.13
CA ALA H 131 23.52 12.21 15.96
C ALA H 131 22.44 11.12 15.90
N MET H 132 21.45 11.22 16.78
CA MET H 132 20.31 10.32 16.72
C MET H 132 19.04 11.12 16.40
N VAL H 133 18.57 10.96 15.15
CA VAL H 133 17.46 11.74 14.63
C VAL H 133 16.21 10.87 14.51
N ASN H 134 15.11 11.37 15.06
CA ASN H 134 13.79 10.78 14.86
C ASN H 134 12.76 11.86 14.46
N GLY H 135 12.87 12.35 13.22
CA GLY H 135 11.98 13.38 12.71
C GLY H 135 12.68 14.42 11.87
N LEU H 136 12.29 15.68 12.02
CA LEU H 136 12.74 16.74 11.12
C LEU H 136 13.97 17.49 11.66
N ALA H 137 15.02 17.58 10.85
CA ALA H 137 16.22 18.39 11.15
C ALA H 137 16.41 19.41 10.04
N THR H 138 16.20 20.69 10.32
CA THR H 138 16.32 21.73 9.29
C THR H 138 17.23 22.90 9.69
N ALA H 139 17.80 23.55 8.66
CA ALA H 139 18.66 24.74 8.81
C ALA H 139 19.84 24.43 9.74
N ALA H 140 20.04 25.19 10.84
CA ALA H 140 21.09 24.84 11.84
C ALA H 140 20.87 23.48 12.58
N GLY H 141 19.62 22.99 12.59
CA GLY H 141 19.32 21.66 13.11
C GLY H 141 19.91 20.59 12.21
N CYS H 142 19.80 20.83 10.92
CA CYS H 142 20.48 20.01 9.92
C CYS H 142 22.02 20.15 10.00
N GLN H 143 22.51 21.38 10.20
CA GLN H 143 23.93 21.65 10.42
C GLN H 143 24.49 20.76 11.51
N LEU H 144 23.76 20.70 12.64
CA LEU H 144 24.16 19.86 13.80
C LEU H 144 24.40 18.37 13.46
N VAL H 145 23.44 17.79 12.73
CA VAL H 145 23.53 16.39 12.24
C VAL H 145 24.78 16.15 11.38
N ALA H 146 24.97 17.05 10.38
CA ALA H 146 26.16 17.05 9.52
C ALA H 146 27.48 17.20 10.30
N SER H 147 27.45 17.96 11.40
CA SER H 147 28.68 18.24 12.16
C SER H 147 29.17 17.04 12.99
N CYS H 148 28.29 16.07 13.26
CA CYS H 148 28.66 14.85 14.02
C CYS H 148 29.54 13.88 13.23
N ASP H 149 30.19 12.98 13.95
CA ASP H 149 31.11 11.98 13.34
C ASP H 149 30.33 10.85 12.66
N ILE H 150 29.28 10.41 13.36
CA ILE H 150 28.35 9.41 12.88
C ILE H 150 26.91 9.96 13.03
N ALA H 151 26.03 9.58 12.11
CA ALA H 151 24.65 10.03 12.15
C ALA H 151 23.74 8.83 11.92
N VAL H 152 22.82 8.59 12.87
CA VAL H 152 21.78 7.57 12.77
C VAL H 152 20.39 8.21 12.80
N ALA H 153 19.53 7.78 11.88
CA ALA H 153 18.16 8.32 11.75
C ALA H 153 17.10 7.20 11.57
N SER H 154 15.86 7.51 11.94
CA SER H 154 14.72 6.69 11.55
C SER H 154 14.37 6.98 10.10
N ASP H 155 13.85 5.98 9.39
CA ASP H 155 13.48 6.13 7.97
C ASP H 155 12.40 7.22 7.70
N LYS H 156 11.62 7.60 8.73
CA LYS H 156 10.59 8.66 8.65
C LYS H 156 11.20 10.07 8.79
N SER H 157 12.46 10.13 9.25
CA SER H 157 13.19 11.39 9.38
C SER H 157 13.39 12.10 8.03
N SER H 158 13.58 13.42 8.08
CA SER H 158 13.80 14.24 6.87
C SER H 158 14.65 15.48 7.14
N PHE H 159 15.37 15.91 6.11
CA PHE H 159 16.44 16.90 6.25
C PHE H 159 16.29 18.03 5.23
N ALA H 160 16.41 19.27 5.68
CA ALA H 160 16.27 20.41 4.76
C ALA H 160 17.14 21.57 5.21
N THR H 161 17.44 22.45 4.24
CA THR H 161 18.12 23.73 4.49
C THR H 161 17.26 24.83 3.82
N PRO H 162 16.12 25.17 4.45
CA PRO H 162 15.02 25.97 3.85
C PRO H 162 15.04 27.46 4.19
N GLY H 163 16.18 27.95 4.68
CA GLY H 163 16.37 29.36 5.01
C GLY H 163 15.98 30.34 3.92
N VAL H 164 16.22 29.99 2.65
CA VAL H 164 15.78 30.82 1.50
C VAL H 164 14.29 31.20 1.56
N ASN H 165 13.47 30.29 2.10
CA ASN H 165 12.03 30.53 2.26
C ASN H 165 11.71 31.60 3.32
N VAL H 166 12.59 31.75 4.31
CA VAL H 166 12.44 32.78 5.36
C VAL H 166 13.40 33.98 5.16
N GLY H 167 13.78 34.24 3.91
CA GLY H 167 14.65 35.36 3.57
C GLY H 167 16.13 35.24 3.94
N LEU H 168 16.52 34.13 4.57
CA LEU H 168 17.85 33.96 5.13
C LEU H 168 18.42 32.65 4.62
N PHE H 169 19.19 32.75 3.53
CA PHE H 169 19.94 31.62 2.98
C PHE H 169 20.68 30.79 4.06
N CYS H 170 20.52 29.47 4.00
CA CYS H 170 21.24 28.58 4.91
C CYS H 170 22.73 28.53 4.54
N SER H 171 23.46 29.63 4.80
CA SER H 171 24.91 29.71 4.48
C SER H 171 25.82 28.96 5.47
N THR H 172 25.67 29.21 6.77
CA THR H 172 26.44 28.41 7.80
C THR H 172 26.06 26.88 7.78
N PRO H 173 24.76 26.54 7.70
CA PRO H 173 24.45 25.10 7.47
C PRO H 173 25.10 24.50 6.20
N GLY H 174 25.32 25.34 5.17
CA GLY H 174 25.96 24.93 3.92
C GLY H 174 27.42 24.58 4.04
N VAL H 175 28.09 25.07 5.09
CA VAL H 175 29.49 24.69 5.37
C VAL H 175 29.55 23.16 5.66
N ALA H 176 28.72 22.73 6.60
CA ALA H 176 28.61 21.33 6.96
C ALA H 176 28.02 20.49 5.80
N LEU H 177 26.96 21.00 5.17
CA LEU H 177 26.28 20.26 4.12
C LEU H 177 27.18 20.06 2.91
N ALA H 178 27.94 21.10 2.56
CA ALA H 178 28.88 21.04 1.43
C ALA H 178 29.95 19.95 1.64
N ARG H 179 30.28 19.68 2.90
CA ARG H 179 31.27 18.65 3.28
C ARG H 179 30.65 17.27 3.60
N ALA H 180 29.35 17.12 3.33
CA ALA H 180 28.60 15.88 3.54
C ALA H 180 28.08 15.28 2.22
N VAL H 181 27.36 16.09 1.45
CA VAL H 181 26.76 15.66 0.19
C VAL H 181 27.45 16.30 -1.03
N PRO H 182 27.28 15.70 -2.23
CA PRO H 182 27.74 16.33 -3.48
C PRO H 182 27.11 17.70 -3.68
N ARG H 183 27.79 18.58 -4.42
CA ARG H 183 27.32 19.94 -4.66
C ARG H 183 25.92 19.98 -5.31
N LYS H 184 25.71 19.05 -6.24
CA LYS H 184 24.45 18.90 -6.97
C LYS H 184 23.23 18.68 -6.06
N VAL H 185 23.42 17.89 -5.01
CA VAL H 185 22.42 17.68 -3.96
C VAL H 185 22.39 18.86 -3.00
N ALA H 186 23.58 19.30 -2.54
CA ALA H 186 23.73 20.41 -1.58
C ALA H 186 23.06 21.70 -2.08
N LEU H 187 23.34 22.08 -3.33
CA LEU H 187 22.87 23.36 -3.86
C LEU H 187 21.35 23.35 -4.20
N GLU H 188 20.81 22.20 -4.59
CA GLU H 188 19.35 22.07 -4.78
C GLU H 188 18.62 22.28 -3.45
N MET H 189 19.17 21.73 -2.37
CA MET H 189 18.59 21.90 -1.04
C MET H 189 18.65 23.37 -0.61
N LEU H 190 19.81 23.98 -0.81
CA LEU H 190 20.06 25.35 -0.40
C LEU H 190 19.25 26.35 -1.25
N PHE H 191 19.10 26.06 -2.54
CA PHE H 191 18.40 26.96 -3.46
C PHE H 191 16.86 26.83 -3.45
N THR H 192 16.38 25.57 -3.38
CA THR H 192 14.93 25.29 -3.37
C THR H 192 14.40 25.28 -1.93
N GLY H 193 15.22 24.79 -0.98
CA GLY H 193 14.76 24.63 0.41
C GLY H 193 13.88 23.39 0.56
N GLU H 194 13.84 22.53 -0.47
CA GLU H 194 13.03 21.33 -0.43
C GLU H 194 13.77 20.23 0.36
N PRO H 195 13.00 19.38 1.06
CA PRO H 195 13.60 18.42 1.97
C PRO H 195 14.11 17.18 1.26
N ILE H 196 15.10 16.53 1.87
CA ILE H 196 15.51 15.19 1.46
C ILE H 196 15.02 14.21 2.53
N SER H 197 14.72 12.97 2.13
CA SER H 197 14.33 11.94 3.08
C SER H 197 15.59 11.34 3.74
N ALA H 198 15.36 10.46 4.72
CA ALA H 198 16.43 9.75 5.41
C ALA H 198 17.17 8.82 4.45
N GLN H 199 16.43 8.17 3.55
CA GLN H 199 17.01 7.28 2.53
C GLN H 199 17.88 8.04 1.53
N GLU H 200 17.37 9.18 1.08
CA GLU H 200 18.14 10.10 0.23
C GLU H 200 19.41 10.58 0.93
N ALA H 201 19.28 11.02 2.20
CA ALA H 201 20.42 11.50 3.01
C ALA H 201 21.48 10.42 3.31
N LEU H 202 21.04 9.18 3.46
CA LEU H 202 21.95 8.04 3.60
C LEU H 202 22.71 7.75 2.29
N LEU H 203 21.99 7.83 1.16
CA LEU H 203 22.55 7.54 -0.16
C LEU H 203 23.67 8.51 -0.55
N HIS H 204 23.62 9.75 -0.04
CA HIS H 204 24.57 10.80 -0.42
C HIS H 204 25.59 11.21 0.65
N GLY H 205 25.52 10.60 1.83
CA GLY H 205 26.57 10.72 2.85
C GLY H 205 26.29 11.65 4.04
N LEU H 206 25.07 12.16 4.13
CA LEU H 206 24.67 12.96 5.29
C LEU H 206 24.37 12.07 6.54
N LEU H 207 24.04 10.80 6.32
CA LEU H 207 23.85 9.86 7.42
C LEU H 207 24.77 8.63 7.30
N SER H 208 25.10 8.07 8.47
CA SER H 208 25.81 6.79 8.58
C SER H 208 24.84 5.59 8.51
N LYS H 209 23.69 5.71 9.17
CA LYS H 209 22.71 4.63 9.21
C LYS H 209 21.25 5.16 9.17
N VAL H 210 20.37 4.38 8.53
CA VAL H 210 18.93 4.65 8.50
C VAL H 210 18.19 3.34 8.77
N VAL H 211 17.42 3.32 9.87
CA VAL H 211 16.64 2.16 10.28
C VAL H 211 15.18 2.58 10.52
N PRO H 212 14.26 1.59 10.66
CA PRO H 212 12.94 1.92 11.18
C PRO H 212 13.00 2.50 12.59
N GLU H 213 12.05 3.38 12.91
CA GLU H 213 12.00 4.07 14.20
C GLU H 213 12.04 3.10 15.40
N ALA H 214 11.35 1.96 15.26
CA ALA H 214 11.38 0.88 16.25
C ALA H 214 12.81 0.43 16.56
N GLU H 215 13.64 0.30 15.54
CA GLU H 215 15.03 -0.14 15.69
C GLU H 215 16.03 0.98 15.99
N LEU H 216 15.59 2.25 15.92
CA LEU H 216 16.50 3.42 16.02
C LEU H 216 17.28 3.48 17.34
N GLN H 217 16.62 3.15 18.45
CA GLN H 217 17.29 3.15 19.75
C GLN H 217 18.35 2.05 19.77
N GLU H 218 17.98 0.83 19.39
CA GLU H 218 18.88 -0.35 19.46
C GLU H 218 20.11 -0.18 18.56
N GLU H 219 19.88 0.28 17.34
CA GLU H 219 20.95 0.53 16.35
C GLU H 219 21.99 1.56 16.80
N THR H 220 21.52 2.61 17.50
CA THR H 220 22.38 3.73 17.93
C THR H 220 23.27 3.33 19.12
N MET H 221 22.68 2.57 20.04
CA MET H 221 23.41 2.04 21.18
C MET H 221 24.40 0.94 20.78
N ARG H 222 24.12 0.25 19.68
CA ARG H 222 25.05 -0.69 19.07
C ARG H 222 26.39 -0.01 18.71
N ILE H 223 26.31 1.15 18.07
CA ILE H 223 27.51 1.93 17.73
C ILE H 223 28.15 2.53 19.02
N ALA H 224 27.33 3.24 19.80
CA ALA H 224 27.76 3.85 21.06
C ALA H 224 28.41 2.85 22.05
N ARG H 225 27.86 1.63 22.12
CA ARG H 225 28.46 0.57 22.95
C ARG H 225 29.74 -0.04 22.37
N LYS H 226 29.84 -0.08 21.04
CA LYS H 226 31.06 -0.55 20.37
C LYS H 226 32.21 0.41 20.67
N ILE H 227 31.95 1.71 20.46
CA ILE H 227 32.90 2.78 20.77
C ILE H 227 33.25 2.80 22.27
N ALA H 228 32.25 2.63 23.13
CA ALA H 228 32.50 2.56 24.58
C ALA H 228 33.27 1.30 25.00
N SER H 229 33.21 0.25 24.19
CA SER H 229 33.95 -0.99 24.49
C SER H 229 35.42 -0.96 24.04
N LEU H 230 35.85 0.09 23.33
CA LEU H 230 37.23 0.15 22.79
C LEU H 230 38.16 1.00 23.69
N SER H 231 39.45 1.07 23.34
CA SER H 231 40.38 1.92 24.08
C SER H 231 40.04 3.36 23.80
N ARG H 232 39.90 4.16 24.85
CA ARG H 232 39.57 5.59 24.71
C ARG H 232 40.76 6.44 24.17
N PRO H 233 41.98 6.21 24.69
CA PRO H 233 43.19 6.85 24.10
C PRO H 233 43.41 6.55 22.62
N VAL H 234 43.19 5.29 22.22
CA VAL H 234 43.36 4.86 20.83
C VAL H 234 42.36 5.58 19.92
N VAL H 235 41.10 5.54 20.34
CA VAL H 235 39.98 6.15 19.61
C VAL H 235 40.19 7.65 19.51
N SER H 236 40.69 8.25 20.59
CA SER H 236 40.96 9.69 20.66
C SER H 236 42.06 10.13 19.69
N LEU H 237 43.21 9.45 19.71
CA LEU H 237 44.25 9.61 18.68
C LEU H 237 43.66 9.51 17.25
N GLY H 238 42.76 8.53 17.05
CA GLY H 238 42.16 8.24 15.76
C GLY H 238 41.35 9.37 15.20
N LYS H 239 40.44 9.89 16.01
CA LYS H 239 39.67 11.09 15.67
C LYS H 239 40.57 12.30 15.41
N ALA H 240 41.50 12.59 16.32
CA ALA H 240 42.36 13.77 16.18
C ALA H 240 43.21 13.68 14.93
N THR H 241 43.76 12.52 14.63
CA THR H 241 44.60 12.33 13.43
C THR H 241 43.82 12.46 12.10
N PHE H 242 42.61 11.90 12.09
CA PHE H 242 41.72 11.87 10.92
C PHE H 242 41.40 13.25 10.42
N TYR H 243 41.09 14.17 11.32
CA TYR H 243 40.73 15.53 10.92
C TYR H 243 41.96 16.39 10.63
N LYS H 244 43.09 16.09 11.29
CA LYS H 244 44.36 16.78 11.00
C LYS H 244 44.80 16.45 9.57
N GLN H 245 44.57 15.21 9.15
CA GLN H 245 45.05 14.64 7.87
C GLN H 245 44.14 15.06 6.69
N LEU H 246 42.84 15.13 6.96
CA LEU H 246 41.81 15.38 5.96
C LEU H 246 42.13 16.49 4.94
N PRO H 247 42.53 17.69 5.41
CA PRO H 247 42.76 18.82 4.49
C PRO H 247 44.17 18.89 3.88
N GLN H 248 45.02 17.94 4.21
CA GLN H 248 46.39 17.98 3.74
C GLN H 248 46.53 17.35 2.36
N ASP H 249 47.61 17.71 1.66
CA ASP H 249 48.06 16.94 0.52
C ASP H 249 48.38 15.51 0.93
N LEU H 250 48.51 14.63 -0.05
CA LEU H 250 48.61 13.20 0.22
C LEU H 250 49.92 12.80 0.92
N GLY H 251 51.05 13.40 0.52
CA GLY H 251 52.33 13.10 1.18
C GLY H 251 52.30 13.45 2.66
N THR H 252 51.80 14.66 2.92
CA THR H 252 51.71 15.16 4.28
C THR H 252 50.70 14.35 5.08
N ALA H 253 49.54 14.07 4.48
CA ALA H 253 48.55 13.21 5.16
C ALA H 253 49.19 11.91 5.61
N TYR H 254 50.00 11.30 4.74
CA TYR H 254 50.68 10.03 5.08
C TYR H 254 51.82 10.24 6.09
N TYR H 255 52.53 11.36 6.03
CA TYR H 255 53.54 11.63 7.06
C TYR H 255 52.88 11.66 8.47
N LEU H 256 51.83 12.47 8.57
CA LEU H 256 51.07 12.66 9.81
C LEU H 256 50.55 11.35 10.34
N THR H 257 49.91 10.58 9.46
CA THR H 257 49.17 9.40 9.91
C THR H 257 50.07 8.22 10.26
N SER H 258 51.21 8.04 9.58
CA SER H 258 52.10 6.91 9.91
C SER H 258 52.88 7.19 11.18
N GLN H 259 53.18 8.45 11.39
CA GLN H 259 53.73 8.89 12.65
C GLN H 259 52.77 8.61 13.81
N ALA H 260 51.49 8.86 13.57
CA ALA H 260 50.42 8.58 14.53
C ALA H 260 50.22 7.06 14.76
N MET H 261 50.42 6.26 13.72
CA MET H 261 50.47 4.79 13.81
C MET H 261 51.61 4.31 14.75
N VAL H 262 52.74 5.00 14.68
CA VAL H 262 53.92 4.64 15.45
C VAL H 262 53.71 5.00 16.92
N ASP H 263 53.21 6.21 17.15
CA ASP H 263 52.81 6.66 18.49
C ASP H 263 51.73 5.77 19.15
N ASN H 264 50.76 5.34 18.33
CA ASN H 264 49.68 4.43 18.72
C ASN H 264 50.19 3.11 19.30
N LEU H 265 51.25 2.57 18.70
CA LEU H 265 51.86 1.31 19.14
C LEU H 265 52.70 1.49 20.42
N ALA H 266 53.15 2.71 20.70
CA ALA H 266 53.87 3.01 21.97
C ALA H 266 52.93 3.13 23.21
N LEU H 267 51.62 3.26 22.96
CA LEU H 267 50.61 3.19 24.03
C LEU H 267 50.47 1.76 24.62
N ARG H 268 50.15 1.68 25.91
CA ARG H 268 49.90 0.40 26.58
C ARG H 268 48.75 -0.33 25.89
N ASP H 269 47.59 0.32 25.75
CA ASP H 269 46.41 -0.25 25.05
C ASP H 269 46.72 -0.69 23.60
N GLY H 270 47.67 -0.01 22.96
CA GLY H 270 48.13 -0.37 21.62
C GLY H 270 48.68 -1.77 21.62
N GLN H 271 49.64 -1.98 22.50
CA GLN H 271 50.35 -3.24 22.62
C GLN H 271 49.50 -4.34 23.25
N GLU H 272 48.50 -3.94 24.03
CA GLU H 272 47.56 -4.85 24.65
C GLU H 272 46.62 -5.51 23.62
N GLY H 273 46.25 -4.74 22.60
CA GLY H 273 45.35 -5.22 21.54
C GLY H 273 46.02 -6.08 20.49
N ILE H 274 47.32 -5.82 20.28
CA ILE H 274 48.16 -6.55 19.32
C ILE H 274 48.53 -7.89 19.93
N THR H 275 48.98 -7.81 21.19
CA THR H 275 49.25 -8.98 22.03
C THR H 275 48.04 -9.89 22.20
N ALA H 276 46.96 -9.33 22.74
CA ALA H 276 45.66 -10.00 22.84
C ALA H 276 45.30 -10.73 21.57
N PHE H 277 45.49 -10.08 20.41
CA PHE H 277 45.15 -10.67 19.10
C PHE H 277 46.00 -11.90 18.76
N LEU H 278 47.33 -11.72 18.87
CA LEU H 278 48.33 -12.75 18.54
C LEU H 278 48.31 -13.91 19.55
N GLN H 279 47.82 -13.63 20.75
CA GLN H 279 47.61 -14.63 21.80
C GLN H 279 46.21 -15.28 21.71
N LYS H 280 45.33 -14.67 20.93
CA LYS H 280 43.99 -15.17 20.64
C LYS H 280 43.01 -14.99 21.81
N ARG H 281 43.00 -13.78 22.41
CA ARG H 281 42.15 -13.48 23.57
C ARG H 281 41.47 -12.08 23.51
N LYS H 282 40.61 -11.84 24.49
CA LYS H 282 39.86 -10.59 24.56
C LYS H 282 40.74 -9.49 25.16
N PRO H 283 40.93 -8.38 24.42
CA PRO H 283 41.66 -7.22 24.99
C PRO H 283 40.99 -6.67 26.27
N VAL H 284 41.81 -6.35 27.28
CA VAL H 284 41.34 -5.67 28.49
C VAL H 284 42.02 -4.29 28.57
N TRP H 285 41.26 -3.23 28.27
CA TRP H 285 41.79 -1.86 28.21
C TRP H 285 41.99 -1.28 29.61
N ARG I 33 58.95 -13.55 -4.52
CA ARG I 33 58.30 -14.72 -3.87
C ARG I 33 56.84 -14.45 -3.39
N PRO I 34 56.64 -13.55 -2.39
CA PRO I 34 55.31 -13.44 -1.73
C PRO I 34 54.23 -12.78 -2.59
N THR I 35 54.65 -12.21 -3.72
CA THR I 35 53.77 -11.82 -4.82
C THR I 35 54.31 -12.43 -6.10
N SER I 36 53.45 -12.56 -7.11
CA SER I 36 53.85 -13.00 -8.45
C SER I 36 53.27 -12.12 -9.58
N ALA I 37 54.13 -11.72 -10.53
CA ALA I 37 53.74 -10.78 -11.62
C ALA I 37 53.87 -11.33 -13.09
N ARG I 38 52.75 -11.71 -13.70
CA ARG I 38 52.70 -12.04 -15.15
C ARG I 38 52.45 -10.78 -16.06
N GLN I 39 52.39 -10.95 -17.38
CA GLN I 39 52.18 -9.81 -18.33
C GLN I 39 51.58 -10.23 -19.72
N LEU I 40 50.25 -10.40 -19.73
CA LEU I 40 49.50 -10.94 -20.87
C LEU I 40 48.96 -9.87 -21.84
N ASP I 41 49.78 -9.48 -22.82
CA ASP I 41 49.35 -8.57 -23.88
C ASP I 41 49.32 -7.15 -23.35
N GLY I 42 50.45 -6.70 -22.83
CA GLY I 42 50.51 -5.36 -22.24
C GLY I 42 49.78 -5.20 -20.90
N ILE I 43 49.18 -6.29 -20.40
CA ILE I 43 48.49 -6.32 -19.10
C ILE I 43 49.37 -7.07 -18.09
N ARG I 44 49.83 -6.35 -17.06
CA ARG I 44 50.62 -6.94 -15.99
C ARG I 44 49.72 -7.32 -14.85
N ASN I 45 49.70 -8.60 -14.49
CA ASN I 45 48.92 -9.08 -13.37
C ASN I 45 49.82 -9.37 -12.16
N ILE I 46 49.63 -8.60 -11.07
CA ILE I 46 50.42 -8.77 -9.83
C ILE I 46 49.53 -9.37 -8.72
N VAL I 47 49.74 -10.66 -8.46
CA VAL I 47 48.90 -11.43 -7.52
C VAL I 47 49.58 -11.49 -6.13
N LEU I 48 48.88 -11.01 -5.10
CA LEU I 48 49.28 -11.25 -3.70
C LEU I 48 49.16 -12.76 -3.44
N SER I 49 50.31 -13.42 -3.27
CA SER I 49 50.38 -14.88 -3.23
C SER I 49 51.05 -15.41 -1.96
N ASN I 50 50.44 -15.09 -0.82
CA ASN I 50 50.80 -15.73 0.42
C ASN I 50 49.54 -15.94 1.27
N PRO I 51 48.55 -16.71 0.74
CA PRO I 51 47.27 -16.91 1.44
C PRO I 51 47.39 -17.69 2.74
N LYS I 52 48.47 -18.44 2.90
CA LYS I 52 48.72 -19.13 4.15
C LYS I 52 48.97 -18.17 5.33
N LYS I 53 49.11 -16.86 5.06
CA LYS I 53 49.07 -15.83 6.12
C LYS I 53 48.13 -14.66 5.76
N ARG I 54 46.95 -15.02 5.24
CA ARG I 54 45.89 -14.08 4.77
C ARG I 54 46.37 -12.89 3.91
N ASN I 55 47.42 -13.12 3.11
CA ASN I 55 48.05 -12.10 2.27
C ASN I 55 48.42 -10.82 3.04
N THR I 56 48.95 -10.96 4.26
CA THR I 56 49.26 -9.77 5.05
C THR I 56 50.29 -8.88 4.36
N LEU I 57 50.19 -7.59 4.61
CA LEU I 57 51.11 -6.62 4.08
C LEU I 57 52.30 -6.47 5.05
N SER I 58 53.15 -7.50 5.08
CA SER I 58 54.45 -7.44 5.78
C SER I 58 55.44 -6.57 5.00
N LEU I 59 56.53 -6.16 5.64
CA LEU I 59 57.59 -5.39 4.97
C LEU I 59 58.05 -6.10 3.73
N ALA I 60 58.24 -7.42 3.83
CA ALA I 60 58.60 -8.27 2.70
C ALA I 60 57.55 -8.26 1.56
N MET I 61 56.28 -8.39 1.91
CA MET I 61 55.17 -8.38 0.93
C MET I 61 55.13 -7.09 0.15
N LEU I 62 55.22 -5.98 0.89
CA LEU I 62 55.19 -4.62 0.33
C LEU I 62 56.38 -4.34 -0.57
N LYS I 63 57.57 -4.75 -0.14
CA LYS I 63 58.79 -4.60 -0.93
C LYS I 63 58.70 -5.42 -2.22
N SER I 64 58.14 -6.64 -2.14
CA SER I 64 57.95 -7.51 -3.31
C SER I 64 56.89 -6.95 -4.25
N LEU I 65 55.81 -6.44 -3.66
CA LEU I 65 54.74 -5.75 -4.41
C LEU I 65 55.22 -4.47 -5.09
N GLN I 66 56.03 -3.68 -4.38
CA GLN I 66 56.57 -2.43 -4.92
C GLN I 66 57.49 -2.72 -6.10
N SER I 67 58.22 -3.83 -5.97
CA SER I 67 59.16 -4.25 -7.00
C SER I 67 58.44 -4.64 -8.30
N ASP I 68 57.36 -5.41 -8.18
CA ASP I 68 56.56 -5.85 -9.33
C ASP I 68 55.88 -4.67 -10.04
N ILE I 69 55.41 -3.68 -9.25
CA ILE I 69 54.78 -2.45 -9.79
C ILE I 69 55.79 -1.55 -10.51
N LEU I 70 56.97 -1.39 -9.93
CA LEU I 70 57.99 -0.49 -10.48
C LEU I 70 58.77 -1.08 -11.68
N HIS I 71 58.81 -2.41 -11.76
CA HIS I 71 59.60 -3.09 -12.79
C HIS I 71 59.25 -2.59 -14.19
N ASP I 72 60.27 -2.32 -15.02
CA ASP I 72 60.10 -1.78 -16.38
C ASP I 72 58.83 -0.92 -16.53
N ALA I 73 58.65 0.02 -15.58
CA ALA I 73 57.42 0.84 -15.50
C ALA I 73 57.24 1.80 -16.68
N ASP I 74 58.34 2.17 -17.33
CA ASP I 74 58.33 3.10 -18.50
C ASP I 74 58.34 2.39 -19.87
N SER I 75 58.11 1.07 -19.83
CA SER I 75 58.03 0.27 -21.05
C SER I 75 56.74 0.59 -21.78
N ASN I 76 56.84 0.69 -23.10
CA ASN I 76 55.67 0.84 -23.95
C ASN I 76 54.84 -0.45 -23.98
N ASP I 77 55.47 -1.60 -23.76
CA ASP I 77 54.76 -2.89 -23.72
C ASP I 77 53.70 -2.90 -22.60
N LEU I 78 54.05 -2.35 -21.43
CA LEU I 78 53.13 -2.25 -20.28
C LEU I 78 52.07 -1.17 -20.53
N LYS I 79 50.80 -1.55 -20.44
CA LYS I 79 49.68 -0.63 -20.71
C LYS I 79 48.81 -0.35 -19.47
N VAL I 80 48.66 -1.36 -18.61
CA VAL I 80 47.78 -1.34 -17.42
C VAL I 80 48.29 -2.37 -16.39
N ILE I 81 47.99 -2.17 -15.10
CA ILE I 81 48.35 -3.15 -14.04
C ILE I 81 47.12 -3.61 -13.28
N ILE I 82 47.01 -4.93 -13.07
CA ILE I 82 45.95 -5.55 -12.26
C ILE I 82 46.56 -6.20 -11.01
N ILE I 83 46.20 -5.65 -9.86
CA ILE I 83 46.61 -6.18 -8.57
C ILE I 83 45.49 -7.08 -8.00
N SER I 84 45.78 -8.38 -7.91
CA SER I 84 44.78 -9.36 -7.44
C SER I 84 45.34 -10.15 -6.27
N ALA I 85 44.57 -11.10 -5.76
CA ALA I 85 45.00 -11.88 -4.60
C ALA I 85 44.76 -13.40 -4.77
N GLU I 86 45.57 -14.20 -4.06
CA GLU I 86 45.34 -15.63 -3.93
C GLU I 86 44.64 -15.87 -2.60
N GLY I 87 43.59 -16.69 -2.63
CA GLY I 87 42.83 -17.07 -1.44
C GLY I 87 41.53 -16.30 -1.26
N PRO I 88 40.80 -16.59 -0.17
CA PRO I 88 39.55 -15.91 0.14
C PRO I 88 39.74 -14.62 0.96
N VAL I 89 40.99 -14.28 1.33
CA VAL I 89 41.30 -12.97 1.91
C VAL I 89 42.19 -12.20 0.93
N PHE I 90 41.68 -11.06 0.42
CA PHE I 90 42.47 -10.20 -0.47
C PHE I 90 43.72 -9.69 0.23
N SER I 91 43.54 -9.14 1.43
CA SER I 91 44.63 -8.85 2.37
C SER I 91 44.07 -8.42 3.72
N SER I 92 44.67 -8.93 4.80
CA SER I 92 44.26 -8.62 6.19
C SER I 92 44.95 -7.38 6.75
N GLY I 93 45.79 -6.76 5.91
CA GLY I 93 46.52 -5.55 6.29
C GLY I 93 47.87 -6.00 6.74
N HIS I 94 48.47 -5.23 7.65
CA HIS I 94 49.83 -5.48 8.11
C HIS I 94 49.97 -6.67 9.03
N ASP I 95 51.19 -7.20 9.09
CA ASP I 95 51.56 -8.29 9.98
C ASP I 95 51.79 -7.73 11.39
N LEU I 96 50.83 -7.96 12.29
CA LEU I 96 50.87 -7.39 13.66
C LEU I 96 52.04 -7.95 14.47
N LYS I 97 52.51 -9.14 14.09
CA LYS I 97 53.79 -9.69 14.58
C LYS I 97 54.96 -8.70 14.43
N GLU I 98 54.99 -7.94 13.33
CA GLU I 98 56.02 -6.92 13.06
C GLU I 98 55.87 -5.60 13.82
N LEU I 99 54.72 -5.43 14.48
CA LEU I 99 54.35 -4.16 15.09
C LEU I 99 54.33 -4.21 16.65
N THR I 100 55.09 -5.14 17.24
CA THR I 100 55.20 -5.26 18.70
C THR I 100 56.33 -4.37 19.26
N GLU I 101 56.32 -4.10 20.57
CA GLU I 101 57.37 -3.32 21.24
C GLU I 101 58.77 -3.83 20.90
N GLU I 102 58.97 -5.16 20.96
CA GLU I 102 60.30 -5.78 20.76
C GLU I 102 60.88 -5.52 19.36
N GLN I 103 60.00 -5.25 18.40
CA GLN I 103 60.42 -4.85 17.05
C GLN I 103 60.97 -3.42 16.98
N GLY I 104 60.46 -2.53 17.84
CA GLY I 104 60.95 -1.16 17.92
C GLY I 104 60.26 -0.22 16.93
N ARG I 105 60.14 1.04 17.32
CA ARG I 105 59.43 2.01 16.52
C ARG I 105 60.11 2.40 15.22
N ASP I 106 61.41 2.21 15.11
CA ASP I 106 62.11 2.45 13.82
C ASP I 106 61.62 1.48 12.72
N TYR I 107 61.43 0.22 13.11
CA TYR I 107 60.89 -0.80 12.21
C TYR I 107 59.41 -0.56 11.89
N HIS I 108 58.66 -0.16 12.91
CA HIS I 108 57.25 0.18 12.74
C HIS I 108 57.13 1.29 11.71
N ALA I 109 57.97 2.32 11.83
CA ALA I 109 58.04 3.41 10.84
C ALA I 109 58.42 2.92 9.43
N GLU I 110 59.32 1.97 9.32
CA GLU I 110 59.69 1.44 8.00
C GLU I 110 58.51 0.78 7.29
N VAL I 111 57.75 -0.06 8.02
CA VAL I 111 56.52 -0.72 7.51
C VAL I 111 55.47 0.30 6.99
N PHE I 112 55.20 1.33 7.79
CA PHE I 112 54.18 2.32 7.40
C PHE I 112 54.68 3.27 6.32
N GLN I 113 55.92 3.72 6.42
CA GLN I 113 56.52 4.53 5.36
C GLN I 113 56.68 3.79 4.04
N THR I 114 56.93 2.49 4.09
CA THR I 114 57.01 1.69 2.87
C THR I 114 55.62 1.56 2.24
N CYS I 115 54.63 1.21 3.06
CA CYS I 115 53.24 1.11 2.60
C CYS I 115 52.75 2.40 1.94
N SER I 116 53.09 3.54 2.55
CA SER I 116 52.77 4.86 2.02
C SER I 116 53.45 5.12 0.68
N LYS I 117 54.74 4.77 0.58
CA LYS I 117 55.50 4.88 -0.66
C LYS I 117 54.84 4.04 -1.76
N VAL I 118 54.42 2.83 -1.39
CA VAL I 118 53.76 1.92 -2.36
C VAL I 118 52.45 2.53 -2.87
N MET I 119 51.65 3.15 -1.99
CA MET I 119 50.38 3.75 -2.41
C MET I 119 50.60 4.97 -3.31
N MET I 120 51.67 5.72 -3.02
CA MET I 120 52.06 6.86 -3.81
C MET I 120 52.61 6.48 -5.16
N HIS I 121 53.35 5.37 -5.22
CA HIS I 121 53.85 4.90 -6.50
C HIS I 121 52.71 4.46 -7.45
N ILE I 122 51.71 3.75 -6.91
CA ILE I 122 50.47 3.42 -7.65
C ILE I 122 49.84 4.69 -8.25
N ARG I 123 49.67 5.69 -7.40
CA ARG I 123 49.04 6.94 -7.79
C ARG I 123 49.85 7.71 -8.84
N ASN I 124 51.18 7.63 -8.72
CA ASN I 124 52.08 8.34 -9.61
C ASN I 124 52.57 7.47 -10.76
N HIS I 125 52.01 6.26 -10.87
CA HIS I 125 52.47 5.29 -11.87
C HIS I 125 52.09 5.77 -13.26
N PRO I 126 53.01 5.59 -14.22
CA PRO I 126 52.76 5.93 -15.64
C PRO I 126 51.45 5.37 -16.21
N VAL I 127 51.10 4.13 -15.83
CA VAL I 127 49.90 3.46 -16.32
C VAL I 127 48.87 3.24 -15.19
N PRO I 128 47.58 3.05 -15.57
CA PRO I 128 46.52 2.80 -14.58
C PRO I 128 46.68 1.47 -13.82
N VAL I 129 46.23 1.46 -12.57
CA VAL I 129 46.29 0.26 -11.76
C VAL I 129 44.87 -0.10 -11.31
N ILE I 130 44.51 -1.37 -11.52
CA ILE I 130 43.18 -1.91 -11.18
C ILE I 130 43.27 -2.89 -10.01
N ALA I 131 42.42 -2.69 -9.00
CA ALA I 131 42.25 -3.65 -7.90
C ALA I 131 41.23 -4.72 -8.28
N MET I 132 41.62 -5.98 -8.19
CA MET I 132 40.67 -7.09 -8.38
C MET I 132 40.53 -7.89 -7.07
N VAL I 133 39.39 -7.70 -6.41
CA VAL I 133 39.13 -8.27 -5.09
C VAL I 133 38.11 -9.40 -5.19
N ASN I 134 38.44 -10.55 -4.62
CA ASN I 134 37.48 -11.66 -4.44
C ASN I 134 37.53 -12.17 -2.99
N GLY I 135 36.94 -11.40 -2.07
CA GLY I 135 36.93 -11.76 -0.64
C GLY I 135 37.16 -10.57 0.28
N LEU I 136 37.90 -10.77 1.36
CA LEU I 136 38.03 -9.75 2.42
C LEU I 136 39.29 -8.87 2.25
N ALA I 137 39.09 -7.56 2.25
CA ALA I 137 40.20 -6.58 2.24
C ALA I 137 40.03 -5.72 3.50
N THR I 138 40.96 -5.84 4.45
CA THR I 138 40.88 -5.06 5.68
C THR I 138 42.19 -4.32 6.05
N ALA I 139 42.01 -3.19 6.74
CA ALA I 139 43.11 -2.35 7.22
C ALA I 139 43.96 -1.84 6.06
N ALA I 140 45.27 -2.09 6.04
CA ALA I 140 46.12 -1.72 4.88
C ALA I 140 45.76 -2.50 3.57
N GLY I 141 45.08 -3.63 3.71
CA GLY I 141 44.55 -4.35 2.57
C GLY I 141 43.45 -3.53 1.92
N CYS I 142 42.64 -2.93 2.77
CA CYS I 142 41.61 -2.02 2.33
C CYS I 142 42.25 -0.74 1.74
N GLN I 143 43.28 -0.24 2.41
CA GLN I 143 44.04 0.92 1.91
C GLN I 143 44.46 0.70 0.46
N LEU I 144 45.02 -0.47 0.18
CA LEU I 144 45.48 -0.83 -1.17
C LEU I 144 44.41 -0.69 -2.25
N VAL I 145 43.23 -1.23 -1.98
CA VAL I 145 42.06 -1.14 -2.86
C VAL I 145 41.69 0.32 -3.14
N ALA I 146 41.52 1.10 -2.07
CA ALA I 146 41.29 2.55 -2.16
C ALA I 146 42.39 3.34 -2.94
N SER I 147 43.63 2.87 -2.88
CA SER I 147 44.72 3.58 -3.53
C SER I 147 44.76 3.36 -5.05
N CYS I 148 44.07 2.35 -5.57
CA CYS I 148 44.01 2.11 -7.02
C CYS I 148 43.13 3.10 -7.76
N ASP I 149 43.32 3.15 -9.08
CA ASP I 149 42.56 4.09 -9.94
C ASP I 149 41.16 3.57 -10.19
N ILE I 150 41.07 2.27 -10.45
CA ILE I 150 39.80 1.57 -10.62
C ILE I 150 39.81 0.37 -9.66
N ALA I 151 38.63 -0.02 -9.18
CA ALA I 151 38.50 -1.16 -8.27
C ALA I 151 37.31 -2.02 -8.71
N VAL I 152 37.56 -3.31 -8.96
CA VAL I 152 36.51 -4.28 -9.29
C VAL I 152 36.50 -5.41 -8.25
N ALA I 153 35.30 -5.76 -7.76
CA ALA I 153 35.11 -6.78 -6.70
C ALA I 153 34.00 -7.77 -7.04
N SER I 154 34.07 -8.95 -6.44
CA SER I 154 32.94 -9.89 -6.42
C SER I 154 31.92 -9.45 -5.36
N ASP I 155 30.64 -9.67 -5.63
CA ASP I 155 29.58 -9.24 -4.69
C ASP I 155 29.69 -9.86 -3.27
N LYS I 156 30.40 -10.99 -3.15
CA LYS I 156 30.69 -11.65 -1.86
C LYS I 156 31.83 -10.96 -1.10
N SER I 157 32.57 -10.09 -1.77
CA SER I 157 33.68 -9.33 -1.16
C SER I 157 33.17 -8.39 -0.06
N SER I 158 34.07 -8.04 0.87
CA SER I 158 33.74 -7.14 1.98
C SER I 158 34.98 -6.36 2.46
N PHE I 159 34.73 -5.16 3.01
CA PHE I 159 35.78 -4.14 3.25
C PHE I 159 35.66 -3.56 4.67
N ALA I 160 36.79 -3.51 5.39
CA ALA I 160 36.76 -3.00 6.76
C ALA I 160 38.07 -2.29 7.15
N THR I 161 37.96 -1.43 8.15
CA THR I 161 39.13 -0.78 8.76
C THR I 161 39.04 -1.03 10.29
N PRO I 162 39.32 -2.29 10.71
CA PRO I 162 39.06 -2.80 12.07
C PRO I 162 40.24 -2.72 13.06
N GLY I 163 41.23 -1.90 12.74
CA GLY I 163 42.38 -1.66 13.61
C GLY I 163 42.07 -1.28 15.05
N VAL I 164 41.00 -0.50 15.27
CA VAL I 164 40.52 -0.19 16.64
C VAL I 164 40.37 -1.45 17.54
N ASN I 165 39.93 -2.54 16.91
CA ASN I 165 39.72 -3.81 17.61
C ASN I 165 41.04 -4.47 18.08
N VAL I 166 42.14 -4.16 17.38
CA VAL I 166 43.48 -4.66 17.73
C VAL I 166 44.36 -3.59 18.39
N GLY I 167 43.71 -2.58 18.99
CA GLY I 167 44.41 -1.50 19.69
C GLY I 167 45.10 -0.45 18.83
N LEU I 168 45.02 -0.60 17.49
CA LEU I 168 45.73 0.25 16.52
C LEU I 168 44.74 0.80 15.51
N PHE I 169 44.26 2.01 15.77
CA PHE I 169 43.42 2.77 14.84
C PHE I 169 43.95 2.75 13.38
N CYS I 170 43.06 2.42 12.44
CA CYS I 170 43.40 2.41 11.02
C CYS I 170 43.58 3.87 10.53
N SER I 171 44.66 4.51 10.95
CA SER I 171 44.92 5.92 10.58
C SER I 171 45.46 6.10 9.17
N THR I 172 46.49 5.38 8.79
CA THR I 172 46.98 5.41 7.38
C THR I 172 45.91 4.92 6.39
N PRO I 173 45.23 3.79 6.67
CA PRO I 173 44.10 3.42 5.77
C PRO I 173 43.01 4.52 5.64
N GLY I 174 42.85 5.33 6.68
CA GLY I 174 41.89 6.42 6.66
C GLY I 174 42.24 7.56 5.72
N VAL I 175 43.51 7.62 5.31
CA VAL I 175 43.91 8.62 4.32
C VAL I 175 43.17 8.31 3.01
N ALA I 176 43.33 7.08 2.54
CA ALA I 176 42.73 6.57 1.34
C ALA I 176 41.22 6.49 1.46
N LEU I 177 40.76 5.97 2.59
CA LEU I 177 39.31 5.81 2.81
C LEU I 177 38.58 7.16 2.88
N ALA I 178 39.22 8.14 3.52
CA ALA I 178 38.65 9.48 3.63
C ALA I 178 38.51 10.14 2.26
N ARG I 179 39.35 9.74 1.30
CA ARG I 179 39.31 10.25 -0.09
C ARG I 179 38.53 9.36 -1.06
N ALA I 180 37.80 8.35 -0.54
CA ALA I 180 36.97 7.43 -1.34
C ALA I 180 35.48 7.52 -0.96
N VAL I 181 35.19 7.43 0.33
CA VAL I 181 33.82 7.48 0.85
C VAL I 181 33.53 8.78 1.62
N PRO I 182 32.24 9.11 1.80
CA PRO I 182 31.85 10.23 2.68
C PRO I 182 32.31 10.02 4.12
N ARG I 183 32.51 11.11 4.87
CA ARG I 183 33.01 11.04 6.25
C ARG I 183 32.14 10.16 7.16
N LYS I 184 30.83 10.29 6.98
CA LYS I 184 29.83 9.54 7.74
C LYS I 184 30.00 8.00 7.64
N VAL I 185 30.34 7.54 6.43
CA VAL I 185 30.66 6.14 6.19
C VAL I 185 32.09 5.84 6.69
N ALA I 186 33.05 6.71 6.35
CA ALA I 186 34.45 6.52 6.68
C ALA I 186 34.63 6.37 8.20
N LEU I 187 34.01 7.26 8.96
CA LEU I 187 34.27 7.32 10.39
C LEU I 187 33.56 6.21 11.18
N GLU I 188 32.40 5.76 10.68
CA GLU I 188 31.74 4.61 11.26
C GLU I 188 32.58 3.34 11.10
N MET I 189 33.21 3.19 9.94
CA MET I 189 34.11 2.07 9.70
C MET I 189 35.31 2.12 10.63
N LEU I 190 35.90 3.30 10.73
CA LEU I 190 37.12 3.52 11.49
C LEU I 190 36.90 3.39 13.00
N PHE I 191 35.70 3.85 13.44
CA PHE I 191 35.34 3.85 14.87
C PHE I 191 34.75 2.52 15.36
N THR I 192 33.92 1.90 14.54
CA THR I 192 33.32 0.62 14.92
C THR I 192 34.18 -0.57 14.47
N GLY I 193 34.86 -0.43 13.33
CA GLY I 193 35.64 -1.53 12.77
C GLY I 193 34.74 -2.54 12.07
N GLU I 194 33.45 -2.19 11.91
CA GLU I 194 32.49 -3.10 11.29
C GLU I 194 32.60 -3.01 9.77
N PRO I 195 32.38 -4.13 9.09
CA PRO I 195 32.66 -4.22 7.67
C PRO I 195 31.53 -3.64 6.82
N ILE I 196 31.90 -3.19 5.61
CA ILE I 196 30.94 -2.84 4.58
C ILE I 196 31.01 -3.92 3.49
N SER I 197 29.86 -4.19 2.85
CA SER I 197 29.80 -5.17 1.77
C SER I 197 30.29 -4.51 0.47
N ALA I 198 30.40 -5.32 -0.58
CA ALA I 198 30.81 -4.87 -1.90
C ALA I 198 29.77 -3.92 -2.51
N GLN I 199 28.48 -4.22 -2.27
CA GLN I 199 27.39 -3.34 -2.75
C GLN I 199 27.44 -1.99 -2.03
N GLU I 200 27.60 -2.03 -0.71
CA GLU I 200 27.79 -0.81 0.10
C GLU I 200 28.99 0.03 -0.37
N ALA I 201 30.13 -0.63 -0.56
CA ALA I 201 31.36 0.01 -1.04
C ALA I 201 31.21 0.62 -2.46
N LEU I 202 30.45 -0.04 -3.32
CA LEU I 202 30.18 0.47 -4.67
C LEU I 202 29.28 1.71 -4.62
N LEU I 203 28.28 1.68 -3.75
CA LEU I 203 27.32 2.77 -3.62
C LEU I 203 27.98 4.08 -3.12
N HIS I 204 29.06 3.97 -2.34
CA HIS I 204 29.73 5.14 -1.73
C HIS I 204 31.08 5.53 -2.36
N GLY I 205 31.54 4.79 -3.36
CA GLY I 205 32.69 5.21 -4.14
C GLY I 205 34.03 4.56 -3.81
N LEU I 206 34.02 3.53 -2.97
CA LEU I 206 35.26 2.74 -2.73
C LEU I 206 35.53 1.74 -3.88
N LEU I 207 34.49 1.36 -4.63
CA LEU I 207 34.66 0.49 -5.82
C LEU I 207 34.11 1.13 -7.11
N SER I 208 34.74 0.76 -8.23
CA SER I 208 34.27 1.10 -9.58
C SER I 208 33.17 0.14 -10.06
N LYS I 209 33.37 -1.17 -9.83
CA LYS I 209 32.43 -2.22 -10.28
C LYS I 209 32.27 -3.38 -9.28
N VAL I 210 31.05 -3.90 -9.20
CA VAL I 210 30.73 -5.07 -8.37
C VAL I 210 29.90 -6.04 -9.22
N VAL I 211 30.46 -7.23 -9.42
CA VAL I 211 29.83 -8.31 -10.19
C VAL I 211 29.79 -9.59 -9.35
N PRO I 212 29.03 -10.61 -9.81
CA PRO I 212 29.20 -11.96 -9.25
C PRO I 212 30.61 -12.53 -9.48
N GLU I 213 31.06 -13.37 -8.55
CA GLU I 213 32.40 -13.93 -8.59
C GLU I 213 32.71 -14.62 -9.92
N ALA I 214 31.70 -15.32 -10.47
CA ALA I 214 31.79 -15.96 -11.79
C ALA I 214 32.20 -14.98 -12.89
N GLU I 215 31.65 -13.78 -12.84
CA GLU I 215 31.92 -12.74 -13.84
C GLU I 215 33.11 -11.84 -13.51
N LEU I 216 33.69 -11.98 -12.31
CA LEU I 216 34.75 -11.06 -11.83
C LEU I 216 36.01 -11.06 -12.71
N GLN I 217 36.40 -12.22 -13.23
CA GLN I 217 37.55 -12.31 -14.13
C GLN I 217 37.26 -11.59 -15.46
N GLU I 218 36.11 -11.89 -16.07
CA GLU I 218 35.75 -11.33 -17.37
C GLU I 218 35.58 -9.80 -17.30
N GLU I 219 34.87 -9.33 -16.29
CA GLU I 219 34.62 -7.89 -16.09
C GLU I 219 35.90 -7.08 -15.91
N THR I 220 36.90 -7.65 -15.23
CA THR I 220 38.17 -6.96 -14.93
C THR I 220 39.04 -6.84 -16.19
N MET I 221 39.11 -7.93 -16.95
CA MET I 221 39.87 -7.97 -18.19
C MET I 221 39.22 -7.08 -19.26
N ARG I 222 37.90 -6.89 -19.18
CA ARG I 222 37.18 -5.93 -20.03
C ARG I 222 37.75 -4.52 -19.90
N ILE I 223 37.94 -4.07 -18.65
CA ILE I 223 38.54 -2.77 -18.41
C ILE I 223 40.02 -2.77 -18.80
N ALA I 224 40.78 -3.74 -18.26
CA ALA I 224 42.22 -3.89 -18.55
C ALA I 224 42.53 -3.99 -20.06
N ARG I 225 41.68 -4.69 -20.82
CA ARG I 225 41.83 -4.81 -22.28
C ARG I 225 41.42 -3.54 -23.02
N LYS I 226 40.48 -2.76 -22.44
CA LYS I 226 40.10 -1.46 -23.01
C LYS I 226 41.27 -0.49 -22.90
N ILE I 227 41.81 -0.35 -21.69
CA ILE I 227 42.97 0.50 -21.43
C ILE I 227 44.21 0.07 -22.22
N ALA I 228 44.43 -1.24 -22.35
CA ALA I 228 45.51 -1.78 -23.18
C ALA I 228 45.27 -1.53 -24.67
N SER I 229 44.01 -1.36 -25.08
CA SER I 229 43.71 -1.07 -26.49
C SER I 229 43.88 0.43 -26.88
N LEU I 230 44.09 1.31 -25.91
CA LEU I 230 44.16 2.75 -26.19
C LEU I 230 45.61 3.21 -26.29
N SER I 231 45.82 4.49 -26.60
CA SER I 231 47.18 5.05 -26.71
C SER I 231 47.75 5.12 -25.29
N ARG I 232 48.98 4.62 -25.11
CA ARG I 232 49.65 4.65 -23.80
C ARG I 232 50.12 6.06 -23.39
N PRO I 233 50.72 6.85 -24.33
CA PRO I 233 51.08 8.25 -24.06
C PRO I 233 49.89 9.15 -23.71
N VAL I 234 48.76 8.94 -24.40
CA VAL I 234 47.54 9.71 -24.15
C VAL I 234 46.95 9.41 -22.78
N VAL I 235 46.86 8.12 -22.45
CA VAL I 235 46.36 7.64 -21.16
C VAL I 235 47.28 8.11 -20.03
N SER I 236 48.58 8.09 -20.29
CA SER I 236 49.58 8.51 -19.30
C SER I 236 49.48 10.00 -18.98
N LEU I 237 49.43 10.84 -20.00
CA LEU I 237 49.12 12.26 -19.79
C LEU I 237 47.82 12.45 -18.97
N GLY I 238 46.83 11.64 -19.27
CA GLY I 238 45.53 11.74 -18.65
C GLY I 238 45.55 11.50 -17.18
N LYS I 239 46.17 10.40 -16.76
CA LYS I 239 46.38 10.08 -15.34
C LYS I 239 47.20 11.17 -14.62
N ALA I 240 48.36 11.51 -15.18
CA ALA I 240 49.22 12.52 -14.57
C ALA I 240 48.50 13.86 -14.38
N THR I 241 47.76 14.31 -15.40
CA THR I 241 47.03 15.59 -15.35
C THR I 241 45.89 15.60 -14.32
N PHE I 242 45.17 14.48 -14.25
CA PHE I 242 44.03 14.32 -13.36
C PHE I 242 44.43 14.52 -11.90
N TYR I 243 45.55 13.95 -11.50
CA TYR I 243 45.97 14.03 -10.11
C TYR I 243 46.64 15.36 -9.82
N LYS I 244 47.28 15.94 -10.82
CA LYS I 244 47.88 17.29 -10.68
C LYS I 244 46.78 18.33 -10.43
N GLN I 245 45.66 18.17 -11.13
CA GLN I 245 44.55 19.10 -11.15
C GLN I 245 43.67 18.97 -9.89
N LEU I 246 43.46 17.73 -9.44
CA LEU I 246 42.56 17.41 -8.33
C LEU I 246 42.59 18.38 -7.12
N PRO I 247 43.78 18.71 -6.58
CA PRO I 247 43.88 19.51 -5.35
C PRO I 247 43.92 21.02 -5.56
N GLN I 248 43.91 21.43 -6.80
CA GLN I 248 44.00 22.83 -7.13
C GLN I 248 42.64 23.52 -7.04
N ASP I 249 42.68 24.85 -6.91
CA ASP I 249 41.51 25.69 -7.16
C ASP I 249 41.05 25.54 -8.61
N LEU I 250 39.83 25.98 -8.87
CA LEU I 250 39.16 25.72 -10.16
C LEU I 250 39.82 26.45 -11.35
N GLY I 251 40.25 27.70 -11.17
CA GLY I 251 40.98 28.40 -12.23
C GLY I 251 42.29 27.70 -12.62
N THR I 252 43.07 27.36 -11.60
CA THR I 252 44.33 26.67 -11.80
C THR I 252 44.09 25.29 -12.37
N ALA I 253 43.09 24.57 -11.84
CA ALA I 253 42.75 23.26 -12.41
C ALA I 253 42.50 23.37 -13.92
N TYR I 254 41.74 24.38 -14.33
CA TYR I 254 41.45 24.58 -15.76
C TYR I 254 42.68 25.07 -16.53
N TYR I 255 43.53 25.92 -15.94
CA TYR I 255 44.77 26.29 -16.64
C TYR I 255 45.59 25.01 -16.99
N LEU I 256 45.84 24.20 -15.98
CA LEU I 256 46.61 22.96 -16.11
C LEU I 256 46.01 22.02 -17.14
N THR I 257 44.71 21.85 -17.11
CA THR I 257 44.10 20.81 -17.94
C THR I 257 43.96 21.22 -19.40
N SER I 258 43.67 22.49 -19.67
CA SER I 258 43.50 22.92 -21.07
C SER I 258 44.86 23.00 -21.78
N GLN I 259 45.89 23.30 -20.98
CA GLN I 259 47.25 23.23 -21.44
C GLN I 259 47.60 21.80 -21.82
N ALA I 260 47.20 20.85 -20.98
CA ALA I 260 47.39 19.43 -21.25
C ALA I 260 46.57 18.95 -22.46
N MET I 261 45.39 19.52 -22.65
CA MET I 261 44.58 19.24 -23.84
C MET I 261 45.28 19.68 -25.12
N VAL I 262 46.02 20.80 -25.04
CA VAL I 262 46.75 21.37 -26.19
C VAL I 262 47.99 20.52 -26.52
N ASP I 263 48.74 20.14 -25.47
CA ASP I 263 49.88 19.22 -25.55
C ASP I 263 49.48 17.83 -26.12
N ASN I 264 48.32 17.33 -25.66
CA ASN I 264 47.70 16.07 -26.11
C ASN I 264 47.50 16.04 -27.64
N LEU I 265 47.05 17.14 -28.20
CA LEU I 265 46.80 17.24 -29.63
C LEU I 265 48.09 17.32 -30.45
N ALA I 266 49.19 17.77 -29.84
CA ALA I 266 50.50 17.80 -30.52
C ALA I 266 51.12 16.40 -30.69
N LEU I 267 50.68 15.44 -29.87
CA LEU I 267 51.12 14.04 -29.97
C LEU I 267 50.61 13.42 -31.30
N ARG I 268 51.42 12.51 -31.86
CA ARG I 268 51.09 11.71 -33.07
C ARG I 268 49.76 10.95 -32.85
N ASP I 269 49.69 10.16 -31.75
CA ASP I 269 48.46 9.43 -31.34
C ASP I 269 47.26 10.32 -31.11
N GLY I 270 47.50 11.56 -30.70
CA GLY I 270 46.44 12.59 -30.60
C GLY I 270 45.74 12.76 -31.94
N GLN I 271 46.50 13.14 -32.97
CA GLN I 271 45.96 13.28 -34.33
C GLN I 271 45.53 11.96 -35.00
N GLU I 272 46.30 10.88 -34.78
CA GLU I 272 45.97 9.54 -35.36
C GLU I 272 44.55 9.06 -35.05
N GLY I 273 43.92 9.63 -34.02
CA GLY I 273 42.58 9.24 -33.57
C GLY I 273 41.51 10.29 -33.78
N ILE I 274 41.89 11.57 -33.78
CA ILE I 274 41.00 12.66 -34.29
C ILE I 274 40.68 12.44 -35.80
N THR I 275 41.74 12.40 -36.61
CA THR I 275 41.63 12.11 -38.02
C THR I 275 40.94 10.77 -38.25
N ALA I 276 41.47 9.69 -37.66
CA ALA I 276 40.80 8.37 -37.74
C ALA I 276 39.29 8.43 -37.46
N PHE I 277 38.85 9.34 -36.59
CA PHE I 277 37.42 9.50 -36.23
C PHE I 277 36.66 10.27 -37.32
N LEU I 278 37.28 11.34 -37.80
CA LEU I 278 36.82 12.07 -38.98
C LEU I 278 36.83 11.14 -40.22
N GLN I 279 37.78 10.21 -40.29
CA GLN I 279 37.77 9.17 -41.33
C GLN I 279 36.64 8.12 -41.20
N LYS I 280 36.33 7.70 -39.97
CA LYS I 280 35.40 6.58 -39.69
C LYS I 280 36.14 5.24 -39.72
N ARG I 281 37.41 5.28 -39.30
CA ARG I 281 38.35 4.15 -39.31
C ARG I 281 38.90 3.92 -37.91
N LYS I 282 39.13 2.66 -37.53
CA LYS I 282 39.74 2.33 -36.21
C LYS I 282 41.25 2.65 -36.29
N PRO I 283 41.80 3.38 -35.28
CA PRO I 283 43.19 3.88 -35.38
C PRO I 283 44.31 2.99 -34.80
N VAL I 284 45.46 2.97 -35.49
CA VAL I 284 46.67 2.29 -34.99
C VAL I 284 47.48 3.27 -34.14
N TRP I 285 47.95 2.79 -32.98
CA TRP I 285 48.65 3.61 -31.99
C TRP I 285 50.21 3.42 -32.03
N SER I 286 50.89 3.79 -30.93
CA SER I 286 52.35 3.71 -30.82
C SER I 286 52.80 3.44 -29.36
#